data_3C2G
#
_entry.id   3C2G
#
_cell.length_a   84.969
_cell.length_b   85.343
_cell.length_c   93.657
_cell.angle_alpha   65.220
_cell.angle_beta   78.080
_cell.angle_gamma   83.020
#
_symmetry.space_group_name_H-M   'P 1'
#
loop_
_entity.id
_entity.type
_entity.pdbx_description
1 polymer 'Sys-1 protein'
2 polymer 'Pop-1 8-residue peptide'
3 water water
#
loop_
_entity_poly.entity_id
_entity_poly.type
_entity_poly.pdbx_seq_one_letter_code
_entity_poly.pdbx_strand_id
1 'polypeptide(L)'
;(MSE)NITQAAEQAIRLWFNTPDP(MSE)QRLH(MSE)AKTIRTWIRQDKFAQVDQAN(MSE)PNCVQQILNIIYDGLKP
QPVQLPISYYAQLWYNLLDILRRFTFLPIISPYIHQVVQ(MSE)FCPRENGPQDFRELICNLISLNWQKDPH(MSE)KHC
ANQVFQIFNCII(MSE)GVKNEKLRTEFAQHLKFEKLVGTLSEYFNPQVHPG(MSE)INPAIFIIFRFIISKDTRLKDYF
IWNNNPHDQPPPPTGLIIKLNAV(MSE)IGSYRLIAGQNPETLPQNPELAHLIQVIIRTFDLLGLLLHDSDAIDGFVRSD
GVGAITTVVQYPNNDLIRAGCKLLLQVSDAKALAKTPLENILPFLLRLIEIHPDDEVIYSGTGFLSNVVAHKQHVKDIAI
RSNAIFLLHTIISKYPRLDELTDAPKRNRVCEIICNCLRTLNNFL(MSE)(MSE)WIPTPNGETKTAGPNEKQQVCKFIE
IDILKKL(MSE)SCLSCEG(MSE)DTPGLLELRSTILRSFILLLRTPFVPKDGVLNVIDENRKENLIGHICAAYSWVFRQ
PNNTRTQSTKQQLVERTISLLLVL(MSE)EQCGAEKEVAQYSYSIDCPLNLLNGNQVKPTFIHNVLVVCDKILEHCPTRA
DIWTIDRP(MSE)LEGLTNHRNSDIAKAANSLLSRFPEN
;
A,B
2 'polypeptide(L)' GDEVKVFR C,D
#
# COMPACT_ATOMS: atom_id res chain seq x y z
N MSE A 1 -17.16 -35.24 -0.94
CA MSE A 1 -16.86 -34.56 -2.23
C MSE A 1 -15.68 -33.60 -2.17
O MSE A 1 -15.71 -32.61 -1.43
CB MSE A 1 -18.08 -33.80 -2.76
CG MSE A 1 -19.00 -34.64 -3.64
SE MSE A 1 -19.83 -33.59 -5.06
CE MSE A 1 -20.82 -32.26 -3.98
N ASN A 2 -14.66 -33.90 -2.97
CA ASN A 2 -13.51 -33.01 -3.15
C ASN A 2 -13.83 -31.83 -4.08
N ILE A 3 -12.92 -30.85 -4.12
CA ILE A 3 -13.08 -29.65 -4.93
C ILE A 3 -13.24 -29.92 -6.43
N THR A 4 -12.43 -30.84 -6.95
CA THR A 4 -12.43 -31.18 -8.37
C THR A 4 -13.79 -31.74 -8.79
N GLN A 5 -14.31 -32.66 -7.99
CA GLN A 5 -15.62 -33.27 -8.23
C GLN A 5 -16.78 -32.28 -8.02
N ALA A 6 -16.64 -31.42 -7.02
CA ALA A 6 -17.67 -30.43 -6.69
C ALA A 6 -17.74 -29.34 -7.77
N ALA A 7 -16.59 -28.91 -8.25
CA ALA A 7 -16.50 -27.94 -9.33
C ALA A 7 -17.10 -28.50 -10.60
N GLU A 8 -16.88 -29.80 -10.86
CA GLU A 8 -17.41 -30.41 -12.07
C GLU A 8 -18.92 -30.66 -12.02
N GLN A 9 -19.45 -30.90 -10.83
CA GLN A 9 -20.90 -30.96 -10.65
C GLN A 9 -21.50 -29.58 -10.93
N ALA A 10 -20.91 -28.55 -10.32
CA ALA A 10 -21.28 -27.15 -10.53
C ALA A 10 -21.30 -26.75 -12.00
N ILE A 11 -20.25 -27.11 -12.74
CA ILE A 11 -20.15 -26.82 -14.17
C ILE A 11 -21.23 -27.59 -14.95
N ARG A 12 -21.35 -28.88 -14.67
CA ARG A 12 -22.33 -29.74 -15.33
C ARG A 12 -23.77 -29.30 -15.05
N LEU A 13 -24.02 -28.83 -13.84
CA LEU A 13 -25.38 -28.52 -13.40
C LEU A 13 -25.81 -27.05 -13.55
N TRP A 14 -24.85 -26.18 -13.85
CA TRP A 14 -25.11 -24.74 -13.84
C TRP A 14 -26.39 -24.34 -14.57
N PHE A 15 -26.51 -24.78 -15.83
CA PHE A 15 -27.57 -24.29 -16.68
C PHE A 15 -28.96 -24.82 -16.38
N ASN A 16 -29.05 -25.91 -15.62
CA ASN A 16 -30.34 -26.42 -15.21
C ASN A 16 -30.63 -26.20 -13.71
N THR A 17 -29.81 -25.37 -13.06
CA THR A 17 -30.01 -24.98 -11.67
C THR A 17 -30.26 -23.46 -11.56
N PRO A 18 -31.53 -23.04 -11.73
CA PRO A 18 -31.84 -21.61 -11.81
C PRO A 18 -31.91 -20.91 -10.45
N ASP A 19 -31.89 -21.68 -9.37
CA ASP A 19 -31.95 -21.15 -8.00
C ASP A 19 -30.75 -20.27 -7.65
N PRO A 20 -31.02 -19.00 -7.29
CA PRO A 20 -30.00 -17.98 -7.01
C PRO A 20 -28.99 -18.39 -5.95
N MSE A 21 -29.47 -18.92 -4.83
CA MSE A 21 -28.59 -19.25 -3.71
C MSE A 21 -27.65 -20.42 -4.06
O MSE A 21 -26.51 -20.45 -3.60
CB MSE A 21 -29.38 -19.55 -2.44
CG MSE A 21 -28.71 -19.02 -1.17
SE MSE A 21 -28.17 -17.11 -1.29
CE MSE A 21 -29.91 -16.29 -1.73
N GLN A 22 -28.14 -21.34 -4.88
CA GLN A 22 -27.31 -22.46 -5.33
C GLN A 22 -26.28 -21.97 -6.36
N ARG A 23 -26.68 -21.01 -7.19
CA ARG A 23 -25.79 -20.42 -8.18
C ARG A 23 -24.58 -19.74 -7.55
N LEU A 24 -24.82 -19.05 -6.44
CA LEU A 24 -23.75 -18.42 -5.67
C LEU A 24 -22.78 -19.48 -5.13
N HIS A 25 -23.34 -20.53 -4.52
CA HIS A 25 -22.54 -21.62 -3.99
C HIS A 25 -21.68 -22.25 -5.09
N MSE A 26 -22.29 -22.49 -6.25
CA MSE A 26 -21.60 -23.08 -7.39
C MSE A 26 -20.46 -22.18 -7.88
O MSE A 26 -19.38 -22.68 -8.22
CB MSE A 26 -22.59 -23.39 -8.52
CG MSE A 26 -23.52 -24.57 -8.25
SE MSE A 26 -24.81 -25.00 -9.71
CE MSE A 26 -25.97 -23.44 -9.61
N ALA A 27 -20.68 -20.86 -7.89
CA ALA A 27 -19.64 -19.91 -8.28
C ALA A 27 -18.42 -19.93 -7.34
N LYS A 28 -18.66 -19.85 -6.03
CA LYS A 28 -17.58 -19.99 -5.03
C LYS A 28 -16.79 -21.28 -5.25
N THR A 29 -17.54 -22.36 -5.47
CA THR A 29 -16.97 -23.68 -5.70
C THR A 29 -16.00 -23.68 -6.89
N ILE A 30 -16.50 -23.25 -8.05
CA ILE A 30 -15.67 -23.13 -9.26
C ILE A 30 -14.44 -22.22 -9.03
N ARG A 31 -14.64 -21.11 -8.33
CA ARG A 31 -13.54 -20.19 -8.04
C ARG A 31 -12.50 -20.87 -7.17
N THR A 32 -12.96 -21.53 -6.13
CA THR A 32 -12.09 -22.24 -5.20
C THR A 32 -11.26 -23.27 -5.94
N TRP A 33 -11.91 -24.08 -6.78
CA TRP A 33 -11.21 -25.07 -7.59
C TRP A 33 -10.09 -24.47 -8.42
N ILE A 34 -10.39 -23.37 -9.11
CA ILE A 34 -9.44 -22.67 -9.96
C ILE A 34 -8.28 -22.08 -9.15
N ARG A 35 -8.62 -21.38 -8.07
CA ARG A 35 -7.61 -20.81 -7.18
C ARG A 35 -6.59 -21.84 -6.71
N GLN A 36 -7.09 -23.05 -6.40
CA GLN A 36 -6.29 -24.10 -5.78
C GLN A 36 -5.55 -25.02 -6.76
N ASP A 37 -6.27 -25.54 -7.75
CA ASP A 37 -5.71 -26.53 -8.70
C ASP A 37 -4.98 -25.89 -9.88
N LYS A 38 -5.45 -24.72 -10.30
CA LYS A 38 -4.87 -23.97 -11.43
C LYS A 38 -4.89 -24.74 -12.75
N PHE A 39 -5.94 -25.56 -12.93
CA PHE A 39 -6.17 -26.35 -14.15
C PHE A 39 -5.15 -27.46 -14.43
N ALA A 40 -4.27 -27.72 -13.46
CA ALA A 40 -3.13 -28.62 -13.66
C ALA A 40 -3.50 -30.07 -13.95
N GLN A 41 -4.63 -30.53 -13.41
CA GLN A 41 -5.10 -31.90 -13.65
C GLN A 41 -5.90 -32.05 -14.95
N VAL A 42 -6.16 -30.94 -15.63
CA VAL A 42 -6.92 -30.95 -16.88
C VAL A 42 -5.99 -31.23 -18.06
N ASP A 43 -6.33 -32.24 -18.86
CA ASP A 43 -5.58 -32.61 -20.05
C ASP A 43 -5.45 -31.43 -21.02
N GLN A 44 -4.23 -31.12 -21.43
CA GLN A 44 -3.93 -29.98 -22.29
C GLN A 44 -4.84 -29.85 -23.53
N ALA A 45 -5.14 -30.97 -24.18
CA ALA A 45 -5.99 -30.97 -25.38
C ALA A 45 -7.48 -30.64 -25.11
N ASN A 46 -7.92 -30.78 -23.86
CA ASN A 46 -9.30 -30.45 -23.48
C ASN A 46 -9.49 -29.02 -22.99
N MSE A 47 -8.37 -28.32 -22.79
CA MSE A 47 -8.36 -26.95 -22.25
C MSE A 47 -9.26 -25.94 -22.97
O MSE A 47 -10.00 -25.21 -22.31
CB MSE A 47 -6.93 -26.41 -22.14
CG MSE A 47 -6.17 -26.92 -20.92
SE MSE A 47 -6.97 -26.32 -19.24
CE MSE A 47 -6.43 -24.45 -19.29
N PRO A 48 -9.17 -25.88 -24.33
CA PRO A 48 -10.05 -24.96 -25.06
C PRO A 48 -11.53 -24.99 -24.64
N ASN A 49 -12.14 -26.16 -24.56
CA ASN A 49 -13.56 -26.19 -24.14
C ASN A 49 -13.78 -26.13 -22.63
N CYS A 50 -12.76 -26.51 -21.86
CA CYS A 50 -12.78 -26.28 -20.42
C CYS A 50 -12.90 -24.79 -20.10
N VAL A 51 -12.07 -23.99 -20.77
CA VAL A 51 -12.13 -22.53 -20.67
C VAL A 51 -13.46 -21.97 -21.21
N GLN A 52 -13.90 -22.44 -22.38
CA GLN A 52 -15.17 -22.01 -22.94
C GLN A 52 -16.37 -22.24 -22.00
N GLN A 53 -16.39 -23.41 -21.36
CA GLN A 53 -17.42 -23.76 -20.37
C GLN A 53 -17.46 -22.75 -19.24
N ILE A 54 -16.30 -22.44 -18.66
CA ILE A 54 -16.20 -21.45 -17.59
C ILE A 54 -16.62 -20.06 -18.08
N LEU A 55 -16.11 -19.67 -19.25
CA LEU A 55 -16.43 -18.35 -19.79
C LEU A 55 -17.92 -18.24 -19.98
N ASN A 56 -18.54 -19.32 -20.46
CA ASN A 56 -19.96 -19.30 -20.73
C ASN A 56 -20.78 -19.20 -19.45
N ILE A 57 -20.23 -19.73 -18.35
CA ILE A 57 -20.87 -19.57 -17.04
C ILE A 57 -20.69 -18.14 -16.49
N ILE A 58 -19.45 -17.63 -16.58
CA ILE A 58 -19.21 -16.23 -16.19
C ILE A 58 -20.24 -15.31 -16.87
N TYR A 59 -20.36 -15.44 -18.18
CA TYR A 59 -21.31 -14.64 -18.95
C TYR A 59 -22.74 -14.83 -18.44
N ASP A 60 -23.19 -16.08 -18.33
CA ASP A 60 -24.53 -16.37 -17.85
C ASP A 60 -24.81 -15.81 -16.45
N GLY A 61 -23.86 -15.94 -15.54
CA GLY A 61 -24.01 -15.42 -14.17
C GLY A 61 -24.19 -13.90 -14.07
N LEU A 62 -23.63 -13.16 -15.02
CA LEU A 62 -23.73 -11.71 -15.03
C LEU A 62 -25.08 -11.22 -15.54
N LYS A 63 -25.81 -12.06 -16.27
CA LYS A 63 -27.14 -11.70 -16.77
C LYS A 63 -28.14 -11.50 -15.65
N PRO A 64 -29.08 -10.55 -15.82
CA PRO A 64 -30.11 -10.35 -14.79
C PRO A 64 -31.02 -11.55 -14.68
N GLN A 65 -31.35 -11.92 -13.44
CA GLN A 65 -32.32 -12.98 -13.17
C GLN A 65 -33.67 -12.33 -12.82
N PRO A 66 -34.77 -12.76 -13.47
CA PRO A 66 -36.11 -12.18 -13.34
C PRO A 66 -36.62 -12.01 -11.90
N VAL A 67 -36.30 -12.97 -11.02
CA VAL A 67 -36.55 -12.82 -9.57
C VAL A 67 -35.75 -11.66 -8.99
N GLN A 68 -36.46 -10.74 -8.33
CA GLN A 68 -35.82 -9.56 -7.73
C GLN A 68 -34.93 -9.93 -6.54
N LEU A 69 -33.71 -9.38 -6.55
CA LEU A 69 -32.67 -9.73 -5.57
C LEU A 69 -31.92 -8.49 -5.10
N PRO A 70 -31.43 -8.50 -3.83
CA PRO A 70 -30.66 -7.37 -3.33
C PRO A 70 -29.31 -7.23 -4.02
N ILE A 71 -28.80 -5.99 -4.05
CA ILE A 71 -27.50 -5.67 -4.63
C ILE A 71 -26.40 -6.49 -3.96
N SER A 72 -26.56 -6.75 -2.66
CA SER A 72 -25.60 -7.54 -1.88
C SER A 72 -25.39 -8.89 -2.53
N TYR A 73 -26.47 -9.48 -3.01
CA TYR A 73 -26.40 -10.78 -3.65
C TYR A 73 -25.59 -10.70 -4.95
N TYR A 74 -25.97 -9.79 -5.82
CA TYR A 74 -25.32 -9.66 -7.11
C TYR A 74 -23.83 -9.31 -7.01
N ALA A 75 -23.48 -8.44 -6.06
CA ALA A 75 -22.07 -8.08 -5.84
C ALA A 75 -21.26 -9.30 -5.44
N GLN A 76 -21.85 -10.17 -4.65
CA GLN A 76 -21.14 -11.36 -4.18
C GLN A 76 -20.96 -12.40 -5.29
N LEU A 77 -22.02 -12.64 -6.05
CA LEU A 77 -21.96 -13.56 -7.19
C LEU A 77 -20.94 -13.07 -8.20
N TRP A 78 -21.13 -11.84 -8.67
CA TRP A 78 -20.25 -11.22 -9.68
C TRP A 78 -18.80 -11.08 -9.21
N TYR A 79 -18.58 -10.78 -7.94
CA TYR A 79 -17.22 -10.69 -7.46
C TYR A 79 -16.47 -11.99 -7.70
N ASN A 80 -17.17 -13.12 -7.49
CA ASN A 80 -16.58 -14.44 -7.70
C ASN A 80 -16.29 -14.72 -9.17
N LEU A 81 -17.29 -14.51 -10.02
CA LEU A 81 -17.14 -14.71 -11.45
C LEU A 81 -16.11 -13.76 -12.08
N LEU A 82 -16.11 -12.49 -11.64
CA LEU A 82 -15.15 -11.53 -12.18
C LEU A 82 -13.75 -11.86 -11.73
N ASP A 83 -13.62 -12.46 -10.54
CA ASP A 83 -12.32 -12.88 -10.06
C ASP A 83 -11.77 -14.06 -10.85
N ILE A 84 -12.66 -14.96 -11.26
CA ILE A 84 -12.27 -16.04 -12.16
C ILE A 84 -11.80 -15.40 -13.46
N LEU A 85 -12.63 -14.53 -14.03
CA LEU A 85 -12.28 -13.86 -15.28
C LEU A 85 -10.94 -13.15 -15.20
N ARG A 86 -10.71 -12.42 -14.11
CA ARG A 86 -9.44 -11.74 -13.91
C ARG A 86 -8.28 -12.70 -13.98
N ARG A 87 -8.44 -13.85 -13.31
CA ARG A 87 -7.40 -14.85 -13.27
C ARG A 87 -7.08 -15.43 -14.64
N PHE A 88 -8.11 -15.59 -15.47
CA PHE A 88 -7.94 -16.00 -16.88
C PHE A 88 -7.09 -15.03 -17.70
N THR A 89 -6.97 -13.79 -17.25
CA THR A 89 -6.26 -12.79 -18.03
C THR A 89 -4.78 -12.66 -17.68
N PHE A 90 -4.35 -13.27 -16.57
CA PHE A 90 -2.93 -13.26 -16.23
C PHE A 90 -2.30 -14.63 -16.00
N LEU A 91 -3.13 -15.65 -15.75
CA LEU A 91 -2.61 -17.00 -15.50
C LEU A 91 -1.84 -17.51 -16.73
N PRO A 92 -0.57 -17.93 -16.54
CA PRO A 92 0.26 -18.40 -17.66
C PRO A 92 -0.38 -19.57 -18.41
N ILE A 93 -0.91 -20.54 -17.68
CA ILE A 93 -1.51 -21.73 -18.28
C ILE A 93 -2.73 -21.43 -19.16
N ILE A 94 -3.36 -20.27 -18.92
CA ILE A 94 -4.50 -19.84 -19.71
C ILE A 94 -4.08 -18.97 -20.90
N SER A 95 -2.85 -18.50 -20.91
CA SER A 95 -2.45 -17.52 -21.94
C SER A 95 -2.62 -17.95 -23.41
N PRO A 96 -2.40 -19.25 -23.74
CA PRO A 96 -2.63 -19.65 -25.15
C PRO A 96 -4.11 -19.64 -25.55
N TYR A 97 -5.01 -19.46 -24.58
CA TYR A 97 -6.45 -19.50 -24.82
C TYR A 97 -7.10 -18.12 -24.70
N ILE A 98 -6.28 -17.09 -24.59
CA ILE A 98 -6.72 -15.72 -24.32
C ILE A 98 -7.61 -15.12 -25.40
N HIS A 99 -7.50 -15.62 -26.63
CA HIS A 99 -8.40 -15.19 -27.71
C HIS A 99 -9.85 -15.52 -27.42
N GLN A 100 -10.09 -16.56 -26.62
CA GLN A 100 -11.45 -16.91 -26.21
C GLN A 100 -12.01 -15.85 -25.26
N VAL A 101 -11.16 -15.35 -24.37
CA VAL A 101 -11.51 -14.20 -23.51
C VAL A 101 -11.91 -13.00 -24.38
N VAL A 102 -11.06 -12.65 -25.33
CA VAL A 102 -11.32 -11.53 -26.24
C VAL A 102 -12.61 -11.72 -27.02
N GLN A 103 -12.86 -12.95 -27.49
CA GLN A 103 -14.04 -13.25 -28.30
C GLN A 103 -15.35 -13.04 -27.55
N MSE A 104 -15.30 -13.13 -26.21
CA MSE A 104 -16.48 -12.89 -25.36
C MSE A 104 -16.97 -11.45 -25.50
O MSE A 104 -18.14 -11.18 -25.29
CB MSE A 104 -16.17 -13.17 -23.90
CG MSE A 104 -15.93 -14.65 -23.58
SE MSE A 104 -17.41 -15.84 -24.12
CE MSE A 104 -18.80 -15.16 -22.94
N PHE A 105 -16.06 -10.55 -25.85
CA PHE A 105 -16.40 -9.15 -25.96
C PHE A 105 -17.09 -8.80 -27.26
N CYS A 106 -17.00 -9.69 -28.24
CA CYS A 106 -17.62 -9.51 -29.53
C CYS A 106 -19.15 -9.45 -29.41
N PRO A 107 -19.77 -8.41 -30.00
CA PRO A 107 -21.21 -8.25 -29.84
C PRO A 107 -21.98 -9.32 -30.63
N ARG A 108 -23.03 -9.88 -30.02
CA ARG A 108 -23.85 -10.89 -30.68
C ARG A 108 -25.26 -10.36 -30.95
N GLU A 109 -25.73 -9.44 -30.11
CA GLU A 109 -27.08 -8.88 -30.22
C GLU A 109 -27.11 -7.35 -30.45
N ASN A 110 -25.96 -6.70 -30.21
CA ASN A 110 -25.83 -5.24 -30.24
C ASN A 110 -26.77 -4.50 -29.28
N GLY A 111 -26.98 -5.10 -28.11
CA GLY A 111 -27.86 -4.55 -27.08
C GLY A 111 -27.37 -4.83 -25.67
N PRO A 112 -28.18 -4.50 -24.66
CA PRO A 112 -27.75 -4.54 -23.25
C PRO A 112 -27.47 -5.93 -22.69
N GLN A 113 -27.80 -6.99 -23.44
CA GLN A 113 -27.58 -8.37 -22.99
C GLN A 113 -26.21 -8.91 -23.41
N ASP A 114 -25.53 -8.15 -24.25
CA ASP A 114 -24.17 -8.49 -24.68
C ASP A 114 -23.17 -8.40 -23.53
N PHE A 115 -22.21 -9.32 -23.54
CA PHE A 115 -21.15 -9.37 -22.55
C PHE A 115 -20.47 -8.01 -22.32
N ARG A 116 -20.11 -7.33 -23.41
CA ARG A 116 -19.42 -6.05 -23.31
C ARG A 116 -20.24 -4.99 -22.57
N GLU A 117 -21.55 -5.01 -22.73
CA GLU A 117 -22.45 -4.03 -22.10
C GLU A 117 -22.64 -4.35 -20.63
N LEU A 118 -22.78 -5.63 -20.30
CA LEU A 118 -22.81 -6.02 -18.91
C LEU A 118 -21.52 -5.59 -18.19
N ILE A 119 -20.38 -5.86 -18.82
CA ILE A 119 -19.06 -5.53 -18.26
C ILE A 119 -18.93 -4.03 -18.08
N CYS A 120 -19.08 -3.30 -19.19
CA CYS A 120 -18.98 -1.88 -19.18
C CYS A 120 -19.95 -1.23 -18.16
N ASN A 121 -21.08 -1.88 -17.92
CA ASN A 121 -22.00 -1.43 -16.90
C ASN A 121 -21.45 -1.50 -15.47
N LEU A 122 -20.59 -2.47 -15.21
CA LEU A 122 -19.99 -2.64 -13.89
C LEU A 122 -18.95 -1.55 -13.52
N ILE A 123 -18.45 -0.80 -14.50
CA ILE A 123 -17.55 0.33 -14.21
C ILE A 123 -18.24 1.68 -14.29
N SER A 124 -19.56 1.67 -14.34
CA SER A 124 -20.32 2.90 -14.21
C SER A 124 -19.93 3.63 -12.92
N LEU A 125 -19.74 4.94 -13.05
CA LEU A 125 -19.26 5.79 -11.98
C LEU A 125 -20.12 5.71 -10.73
N ASN A 126 -21.43 5.74 -10.91
CA ASN A 126 -22.38 5.66 -9.79
C ASN A 126 -22.29 4.36 -8.97
N TRP A 127 -21.70 3.32 -9.55
CA TRP A 127 -21.38 2.12 -8.77
C TRP A 127 -20.25 2.37 -7.77
N GLN A 128 -19.40 3.37 -8.03
CA GLN A 128 -18.23 3.65 -7.18
C GLN A 128 -18.58 4.18 -5.81
N LYS A 129 -19.85 4.54 -5.61
CA LYS A 129 -20.34 5.01 -4.34
C LYS A 129 -21.20 3.95 -3.64
N ASP A 130 -21.29 2.77 -4.26
CA ASP A 130 -22.01 1.66 -3.67
C ASP A 130 -21.05 0.76 -2.89
N PRO A 131 -21.38 0.49 -1.62
CA PRO A 131 -20.52 -0.27 -0.70
C PRO A 131 -20.13 -1.66 -1.20
N HIS A 132 -21.02 -2.33 -1.92
CA HIS A 132 -20.73 -3.67 -2.42
C HIS A 132 -20.18 -3.66 -3.83
N MSE A 133 -20.85 -2.92 -4.71
CA MSE A 133 -20.51 -2.89 -6.12
C MSE A 133 -19.15 -2.27 -6.49
O MSE A 133 -18.57 -2.64 -7.51
CB MSE A 133 -21.64 -2.25 -6.91
CG MSE A 133 -22.82 -3.19 -7.11
SE MSE A 133 -22.35 -4.76 -8.18
CE MSE A 133 -21.99 -3.82 -9.85
N LYS A 134 -18.64 -1.36 -5.66
CA LYS A 134 -17.34 -0.72 -5.92
C LYS A 134 -16.22 -1.75 -6.08
N HIS A 135 -16.33 -2.88 -5.39
CA HIS A 135 -15.34 -3.94 -5.50
C HIS A 135 -15.41 -4.71 -6.81
N CYS A 136 -16.61 -4.82 -7.37
CA CYS A 136 -16.77 -5.38 -8.72
C CYS A 136 -16.18 -4.47 -9.78
N ALA A 137 -16.47 -3.18 -9.67
CA ALA A 137 -15.87 -2.15 -10.51
C ALA A 137 -14.35 -2.25 -10.54
N ASN A 138 -13.74 -2.34 -9.37
CA ASN A 138 -12.29 -2.33 -9.27
C ASN A 138 -11.69 -3.53 -9.96
N GLN A 139 -12.43 -4.63 -9.92
CA GLN A 139 -12.00 -5.86 -10.55
C GLN A 139 -12.10 -5.82 -12.07
N VAL A 140 -13.14 -5.18 -12.59
CA VAL A 140 -13.27 -5.01 -14.02
C VAL A 140 -12.19 -4.08 -14.61
N PHE A 141 -11.81 -3.03 -13.86
CA PHE A 141 -10.67 -2.19 -14.25
C PHE A 141 -9.37 -2.98 -14.32
N GLN A 142 -9.17 -3.91 -13.39
CA GLN A 142 -7.99 -4.80 -13.46
C GLN A 142 -8.01 -5.76 -14.67
N ILE A 143 -9.20 -6.17 -15.09
CA ILE A 143 -9.36 -7.08 -16.22
C ILE A 143 -8.98 -6.36 -17.52
N PHE A 144 -9.48 -5.14 -17.70
CA PHE A 144 -9.11 -4.30 -18.83
C PHE A 144 -7.61 -4.03 -18.83
N ASN A 145 -7.07 -3.65 -17.68
CA ASN A 145 -5.64 -3.44 -17.54
C ASN A 145 -4.84 -4.67 -17.91
N CYS A 146 -5.25 -5.84 -17.43
CA CYS A 146 -4.52 -7.09 -17.74
C CYS A 146 -4.53 -7.47 -19.21
N ILE A 147 -5.69 -7.34 -19.87
CA ILE A 147 -5.77 -7.66 -21.30
C ILE A 147 -4.95 -6.66 -22.13
N ILE A 148 -5.09 -5.37 -21.81
CA ILE A 148 -4.40 -4.33 -22.58
C ILE A 148 -2.89 -4.37 -22.38
N MSE A 149 -2.45 -4.64 -21.16
CA MSE A 149 -1.02 -4.73 -20.91
C MSE A 149 -0.50 -6.10 -21.31
O MSE A 149 0.69 -6.27 -21.58
CB MSE A 149 -0.68 -4.44 -19.45
CG MSE A 149 -1.02 -3.02 -18.96
SE MSE A 149 -0.52 -1.54 -20.18
CE MSE A 149 1.42 -1.89 -20.38
N GLY A 150 -1.39 -7.09 -21.39
CA GLY A 150 -0.97 -8.47 -21.52
C GLY A 150 -0.87 -9.04 -22.92
N VAL A 151 -1.90 -8.88 -23.72
CA VAL A 151 -1.95 -9.58 -25.01
C VAL A 151 -0.92 -9.03 -25.99
N LYS A 152 -0.08 -9.94 -26.49
CA LYS A 152 1.01 -9.59 -27.37
C LYS A 152 0.63 -9.64 -28.86
N ASN A 153 -0.15 -10.64 -29.25
CA ASN A 153 -0.60 -10.78 -30.63
C ASN A 153 -1.34 -9.53 -31.13
N GLU A 154 -0.83 -8.95 -32.21
CA GLU A 154 -1.33 -7.68 -32.74
C GLU A 154 -2.72 -7.76 -33.37
N LYS A 155 -3.03 -8.89 -34.00
CA LYS A 155 -4.35 -9.10 -34.59
C LYS A 155 -5.40 -9.16 -33.48
N LEU A 156 -5.04 -9.81 -32.39
CA LEU A 156 -5.91 -9.92 -31.21
C LEU A 156 -6.14 -8.56 -30.54
N ARG A 157 -5.06 -7.80 -30.36
CA ARG A 157 -5.15 -6.41 -29.90
C ARG A 157 -6.15 -5.59 -30.72
N THR A 158 -5.98 -5.61 -32.04
CA THR A 158 -6.89 -4.94 -32.99
C THR A 158 -8.35 -5.38 -32.83
N GLU A 159 -8.59 -6.69 -32.71
CA GLU A 159 -9.94 -7.21 -32.50
C GLU A 159 -10.57 -6.65 -31.22
N PHE A 160 -9.82 -6.73 -30.12
CA PHE A 160 -10.30 -6.28 -28.82
C PHE A 160 -10.61 -4.79 -28.86
N ALA A 161 -9.71 -4.01 -29.45
CA ALA A 161 -9.93 -2.58 -29.67
C ALA A 161 -11.25 -2.31 -30.38
N GLN A 162 -11.53 -3.03 -31.47
CA GLN A 162 -12.78 -2.85 -32.20
C GLN A 162 -14.02 -3.13 -31.32
N HIS A 163 -13.98 -4.23 -30.57
CA HIS A 163 -15.08 -4.59 -29.65
C HIS A 163 -15.41 -3.49 -28.63
N LEU A 164 -14.41 -2.72 -28.25
CA LEU A 164 -14.57 -1.67 -27.24
C LEU A 164 -15.19 -0.37 -27.75
N LYS A 165 -15.18 -0.16 -29.06
CA LYS A 165 -15.67 1.09 -29.61
C LYS A 165 -17.17 1.08 -29.83
N PHE A 166 -17.90 1.37 -28.75
CA PHE A 166 -19.34 1.55 -28.80
C PHE A 166 -19.76 2.66 -27.85
N GLU A 167 -20.79 3.42 -28.22
CA GLU A 167 -21.17 4.62 -27.49
C GLU A 167 -21.25 4.45 -25.96
N LYS A 168 -21.91 3.39 -25.51
CA LYS A 168 -22.13 3.15 -24.07
C LYS A 168 -20.83 3.15 -23.26
N LEU A 169 -19.80 2.51 -23.80
CA LEU A 169 -18.51 2.47 -23.15
C LEU A 169 -17.77 3.83 -23.12
N VAL A 170 -17.80 4.57 -24.22
CA VAL A 170 -17.08 5.85 -24.25
C VAL A 170 -17.79 6.89 -23.40
N GLY A 171 -19.13 6.85 -23.44
CA GLY A 171 -19.97 7.59 -22.50
C GLY A 171 -19.60 7.28 -21.06
N THR A 172 -19.58 5.99 -20.71
CA THR A 172 -19.31 5.59 -19.35
C THR A 172 -17.95 6.10 -18.86
N LEU A 173 -16.92 5.93 -19.69
CA LEU A 173 -15.56 6.37 -19.33
C LEU A 173 -15.50 7.88 -19.17
N SER A 174 -16.21 8.61 -20.04
CA SER A 174 -16.18 10.06 -20.05
C SER A 174 -16.82 10.66 -18.83
N GLU A 175 -17.77 9.95 -18.23
CA GLU A 175 -18.48 10.46 -17.07
C GLU A 175 -17.49 10.69 -15.92
N TYR A 176 -16.37 9.96 -15.93
CA TYR A 176 -15.34 10.17 -14.92
C TYR A 176 -14.59 11.49 -15.11
N PHE A 177 -14.75 12.11 -16.28
CA PHE A 177 -14.09 13.38 -16.53
C PHE A 177 -15.03 14.57 -16.38
N ASN A 178 -16.22 14.32 -15.82
CA ASN A 178 -17.17 15.39 -15.57
C ASN A 178 -16.70 16.31 -14.44
N PRO A 179 -16.94 17.62 -14.61
CA PRO A 179 -16.45 18.65 -13.68
C PRO A 179 -16.82 18.41 -12.22
N GLN A 180 -18.00 17.84 -11.97
CA GLN A 180 -18.51 17.66 -10.61
C GLN A 180 -17.94 16.44 -9.86
N VAL A 181 -17.15 15.61 -10.55
CA VAL A 181 -16.59 14.38 -9.99
C VAL A 181 -15.22 14.67 -9.37
N HIS A 182 -15.04 14.26 -8.11
CA HIS A 182 -13.77 14.39 -7.44
C HIS A 182 -12.72 13.57 -8.17
N PRO A 183 -11.57 14.18 -8.51
CA PRO A 183 -10.52 13.48 -9.27
C PRO A 183 -9.93 12.24 -8.58
N GLY A 184 -10.17 12.12 -7.28
CA GLY A 184 -9.75 10.94 -6.53
C GLY A 184 -10.52 9.69 -6.94
N MSE A 185 -11.70 9.91 -7.54
CA MSE A 185 -12.55 8.84 -8.12
C MSE A 185 -11.99 8.23 -9.41
O MSE A 185 -12.51 7.23 -9.88
CB MSE A 185 -13.96 9.37 -8.46
CG MSE A 185 -14.75 9.92 -7.29
SE MSE A 185 -15.34 8.50 -6.07
CE MSE A 185 -16.08 9.64 -4.64
N ILE A 186 -10.96 8.84 -10.01
CA ILE A 186 -10.51 8.46 -11.34
C ILE A 186 -9.51 7.30 -11.27
N ASN A 187 -9.99 6.10 -11.58
CA ASN A 187 -9.12 4.94 -11.69
C ASN A 187 -8.14 5.11 -12.86
N PRO A 188 -6.83 4.88 -12.63
CA PRO A 188 -5.83 5.02 -13.69
C PRO A 188 -6.13 4.22 -14.96
N ALA A 189 -6.77 3.05 -14.80
CA ALA A 189 -7.15 2.21 -15.93
C ALA A 189 -8.02 2.94 -16.95
N ILE A 190 -8.79 3.93 -16.49
CA ILE A 190 -9.55 4.78 -17.39
C ILE A 190 -8.65 5.42 -18.46
N PHE A 191 -7.42 5.76 -18.08
CA PHE A 191 -6.46 6.29 -19.03
C PHE A 191 -5.95 5.22 -19.98
N ILE A 192 -5.58 4.07 -19.42
CA ILE A 192 -5.11 2.92 -20.23
C ILE A 192 -6.08 2.59 -21.36
N ILE A 193 -7.37 2.56 -21.05
CA ILE A 193 -8.41 2.22 -22.01
C ILE A 193 -8.59 3.30 -23.09
N PHE A 194 -8.68 4.56 -22.68
CA PHE A 194 -8.69 5.68 -23.63
C PHE A 194 -7.47 5.63 -24.55
N ARG A 195 -6.29 5.46 -23.98
CA ARG A 195 -5.09 5.37 -24.78
C ARG A 195 -5.24 4.26 -25.82
N PHE A 196 -5.81 3.13 -25.39
CA PHE A 196 -5.88 1.93 -26.19
C PHE A 196 -6.85 2.05 -27.37
N ILE A 197 -8.03 2.62 -27.15
CA ILE A 197 -9.02 2.72 -28.21
C ILE A 197 -8.73 3.88 -29.17
N ILE A 198 -7.98 4.85 -28.70
CA ILE A 198 -7.62 6.04 -29.46
C ILE A 198 -6.46 5.73 -30.40
N SER A 199 -5.61 4.81 -30.00
CA SER A 199 -4.39 4.52 -30.72
C SER A 199 -4.63 4.22 -32.20
N LYS A 200 -4.06 5.07 -33.06
CA LYS A 200 -4.12 4.94 -34.54
C LYS A 200 -5.53 5.12 -35.13
N ASP A 201 -6.44 5.72 -34.34
CA ASP A 201 -7.78 6.02 -34.80
C ASP A 201 -7.95 7.54 -34.87
N THR A 202 -7.38 8.14 -35.91
CA THR A 202 -7.46 9.59 -36.12
C THR A 202 -8.87 10.17 -35.90
N ARG A 203 -9.90 9.49 -36.42
CA ARG A 203 -11.25 10.04 -36.31
C ARG A 203 -11.83 9.89 -34.93
N LEU A 204 -11.33 8.92 -34.16
CA LEU A 204 -11.80 8.76 -32.79
C LEU A 204 -11.30 9.93 -31.95
N LYS A 205 -10.07 10.37 -32.24
CA LYS A 205 -9.52 11.56 -31.63
C LYS A 205 -10.42 12.76 -31.89
N ASP A 206 -10.78 12.94 -33.16
CA ASP A 206 -11.67 14.02 -33.58
C ASP A 206 -13.08 13.88 -33.05
N TYR A 207 -13.52 12.65 -32.81
CA TYR A 207 -14.83 12.49 -32.20
C TYR A 207 -14.78 12.96 -30.74
N PHE A 208 -13.72 12.57 -30.04
CA PHE A 208 -13.54 12.97 -28.64
C PHE A 208 -13.34 14.47 -28.45
N ILE A 209 -12.58 15.09 -29.34
CA ILE A 209 -12.33 16.53 -29.28
C ILE A 209 -13.57 17.32 -29.71
N TRP A 210 -13.98 17.11 -30.95
CA TRP A 210 -14.94 18.00 -31.59
C TRP A 210 -16.40 17.57 -31.42
N ASN A 211 -16.64 16.31 -31.11
CA ASN A 211 -18.00 15.80 -30.96
C ASN A 211 -18.88 16.21 -32.15
N ASN A 212 -18.32 16.09 -33.36
CA ASN A 212 -19.02 16.48 -34.60
C ASN A 212 -19.44 17.96 -34.68
N ASN A 213 -18.65 18.85 -34.09
CA ASN A 213 -18.84 20.29 -34.25
C ASN A 213 -17.76 20.90 -35.15
N PRO A 214 -17.99 22.12 -35.68
CA PRO A 214 -16.99 22.74 -36.55
C PRO A 214 -15.67 23.02 -35.83
N HIS A 215 -14.56 22.72 -36.51
CA HIS A 215 -13.20 22.86 -35.98
C HIS A 215 -12.78 24.31 -35.72
N ASP A 216 -13.59 25.28 -36.16
CA ASP A 216 -13.31 26.69 -35.90
C ASP A 216 -14.10 27.23 -34.70
N GLN A 217 -15.11 26.48 -34.27
CA GLN A 217 -15.88 26.82 -33.06
C GLN A 217 -15.05 26.53 -31.80
N PRO A 218 -15.47 27.08 -30.64
CA PRO A 218 -14.86 26.69 -29.37
C PRO A 218 -15.11 25.20 -29.13
N PRO A 219 -14.04 24.42 -28.84
CA PRO A 219 -14.25 23.00 -28.58
C PRO A 219 -15.39 22.80 -27.60
N PRO A 220 -16.28 21.83 -27.89
CA PRO A 220 -17.50 21.66 -27.12
C PRO A 220 -17.19 21.19 -25.69
N PRO A 221 -17.97 21.70 -24.71
CA PRO A 221 -17.86 21.29 -23.31
C PRO A 221 -18.14 19.81 -23.09
N THR A 222 -18.76 19.17 -24.08
CA THR A 222 -19.01 17.72 -24.03
C THR A 222 -17.77 16.92 -24.43
N GLY A 223 -16.80 17.60 -25.03
CA GLY A 223 -15.60 16.94 -25.52
C GLY A 223 -14.45 16.97 -24.53
N LEU A 224 -13.38 16.28 -24.91
CA LEU A 224 -12.29 16.01 -23.99
C LEU A 224 -11.34 17.16 -23.71
N ILE A 225 -11.28 18.15 -24.58
CA ILE A 225 -10.39 19.25 -24.33
C ILE A 225 -10.86 20.01 -23.09
N ILE A 226 -12.14 20.35 -23.05
CA ILE A 226 -12.68 21.08 -21.90
C ILE A 226 -12.63 20.23 -20.62
N LYS A 227 -12.94 18.94 -20.79
CA LYS A 227 -13.01 18.02 -19.67
C LYS A 227 -11.64 17.73 -19.09
N LEU A 228 -10.69 17.39 -19.95
CA LEU A 228 -9.35 17.10 -19.48
C LEU A 228 -8.69 18.31 -18.82
N ASN A 229 -8.96 19.51 -19.34
CA ASN A 229 -8.49 20.74 -18.72
C ASN A 229 -9.03 20.95 -17.33
N ALA A 230 -10.31 20.69 -17.12
CA ALA A 230 -10.91 20.92 -15.80
C ALA A 230 -10.41 19.89 -14.79
N VAL A 231 -10.06 18.70 -15.28
CA VAL A 231 -9.49 17.64 -14.46
C VAL A 231 -8.05 17.98 -14.03
N MSE A 232 -7.23 18.44 -14.97
CA MSE A 232 -5.91 19.01 -14.69
C MSE A 232 -5.99 20.02 -13.53
O MSE A 232 -5.25 19.94 -12.56
CB MSE A 232 -5.42 19.77 -15.91
CG MSE A 232 -4.30 19.22 -16.74
SE MSE A 232 -3.76 20.74 -17.92
CE MSE A 232 -3.68 22.08 -16.53
N ILE A 233 -6.92 20.95 -13.66
CA ILE A 233 -7.02 22.10 -12.79
C ILE A 233 -7.62 21.75 -11.44
N GLY A 234 -8.69 20.97 -11.45
CA GLY A 234 -9.25 20.38 -10.26
C GLY A 234 -8.22 19.62 -9.43
N SER A 235 -7.38 18.82 -10.08
CA SER A 235 -6.32 18.11 -9.36
C SER A 235 -5.29 19.09 -8.84
N TYR A 236 -4.91 20.06 -9.67
CA TYR A 236 -3.93 21.05 -9.24
C TYR A 236 -4.44 21.77 -7.98
N ARG A 237 -5.71 22.14 -7.99
CA ARG A 237 -6.27 22.84 -6.87
C ARG A 237 -6.10 22.07 -5.57
N LEU A 238 -6.13 20.74 -5.62
CA LEU A 238 -6.11 19.93 -4.41
C LEU A 238 -4.71 19.63 -3.93
N ILE A 239 -3.75 19.65 -4.85
CA ILE A 239 -2.37 19.38 -4.49
C ILE A 239 -1.57 20.66 -4.22
N ALA A 240 -2.11 21.80 -4.66
CA ALA A 240 -1.37 23.05 -4.75
C ALA A 240 -0.63 23.43 -3.47
N GLY A 241 -1.34 23.42 -2.35
CA GLY A 241 -0.70 23.74 -1.08
C GLY A 241 0.08 22.60 -0.43
N GLN A 242 -0.05 21.38 -0.95
CA GLN A 242 0.56 20.19 -0.34
C GLN A 242 2.07 20.17 -0.43
N ASN A 243 2.72 19.92 0.71
CA ASN A 243 4.17 19.78 0.76
C ASN A 243 4.59 18.47 0.08
N PRO A 244 5.44 18.58 -0.96
CA PRO A 244 5.89 17.42 -1.71
C PRO A 244 6.80 16.46 -0.93
N GLU A 245 7.22 16.84 0.27
CA GLU A 245 8.09 15.94 1.08
C GLU A 245 7.28 14.77 1.65
N THR A 246 5.98 14.95 1.82
CA THR A 246 5.07 13.93 2.30
C THR A 246 4.79 12.85 1.25
N LEU A 247 5.22 13.07 0.01
CA LEU A 247 4.90 12.18 -1.10
C LEU A 247 5.03 10.68 -0.80
N PRO A 248 6.17 10.24 -0.25
CA PRO A 248 6.33 8.79 0.03
C PRO A 248 5.25 8.22 0.93
N GLN A 249 4.59 9.07 1.71
CA GLN A 249 3.58 8.60 2.65
C GLN A 249 2.24 9.33 2.44
N ASN A 250 2.00 9.77 1.21
CA ASN A 250 0.80 10.54 0.90
C ASN A 250 0.17 10.01 -0.38
N PRO A 251 -0.54 8.88 -0.28
CA PRO A 251 -1.02 8.18 -1.47
C PRO A 251 -2.05 9.01 -2.26
N GLU A 252 -2.86 9.81 -1.56
CA GLU A 252 -3.79 10.73 -2.20
C GLU A 252 -3.10 11.79 -3.09
N LEU A 253 -1.98 12.32 -2.60
CA LEU A 253 -1.16 13.25 -3.38
C LEU A 253 -0.50 12.55 -4.56
N ALA A 254 0.02 11.34 -4.32
CA ALA A 254 0.63 10.55 -5.39
C ALA A 254 -0.36 10.25 -6.49
N HIS A 255 -1.61 10.03 -6.10
CA HIS A 255 -2.62 9.62 -7.06
C HIS A 255 -3.02 10.81 -7.93
N LEU A 256 -3.13 11.99 -7.32
CA LEU A 256 -3.51 13.20 -8.04
C LEU A 256 -2.41 13.65 -8.99
N ILE A 257 -1.15 13.53 -8.58
CA ILE A 257 -0.04 13.90 -9.44
C ILE A 257 -0.09 13.04 -10.67
N GLN A 258 -0.28 11.74 -10.44
CA GLN A 258 -0.37 10.75 -11.51
C GLN A 258 -1.58 11.02 -12.41
N VAL A 259 -2.69 11.45 -11.83
CA VAL A 259 -3.84 11.86 -12.63
C VAL A 259 -3.49 13.03 -13.58
N ILE A 260 -2.71 13.99 -13.09
CA ILE A 260 -2.29 15.13 -13.91
C ILE A 260 -1.36 14.70 -15.05
N ILE A 261 -0.41 13.82 -14.73
CA ILE A 261 0.54 13.32 -15.71
C ILE A 261 -0.13 12.51 -16.82
N ARG A 262 -1.07 11.66 -16.47
CA ARG A 262 -1.78 10.89 -17.48
C ARG A 262 -2.74 11.77 -18.29
N THR A 263 -3.22 12.85 -17.70
CA THR A 263 -4.01 13.82 -18.46
C THR A 263 -3.14 14.55 -19.49
N PHE A 264 -1.91 14.91 -19.11
CA PHE A 264 -0.97 15.49 -20.05
C PHE A 264 -0.70 14.50 -21.18
N ASP A 265 -0.42 13.25 -20.83
CA ASP A 265 -0.15 12.19 -21.82
C ASP A 265 -1.33 11.97 -22.78
N LEU A 266 -2.55 11.94 -22.24
CA LEU A 266 -3.74 11.74 -23.09
C LEU A 266 -3.99 12.94 -24.05
N LEU A 267 -3.95 14.16 -23.53
CA LEU A 267 -3.99 15.35 -24.39
C LEU A 267 -2.92 15.34 -25.48
N GLY A 268 -1.70 14.94 -25.14
CA GLY A 268 -0.67 14.71 -26.14
C GLY A 268 -1.14 13.80 -27.28
N LEU A 269 -1.81 12.71 -26.95
CA LEU A 269 -2.29 11.81 -27.99
C LEU A 269 -3.45 12.35 -28.78
N LEU A 270 -4.31 13.12 -28.13
CA LEU A 270 -5.49 13.63 -28.81
C LEU A 270 -5.16 14.72 -29.81
N LEU A 271 -4.23 15.60 -29.45
CA LEU A 271 -3.95 16.79 -30.24
C LEU A 271 -3.05 16.48 -31.44
N HIS A 272 -3.59 15.75 -32.40
CA HIS A 272 -2.81 15.19 -33.50
C HIS A 272 -2.41 16.19 -34.59
N ASP A 273 -3.19 17.26 -34.75
CA ASP A 273 -2.96 18.22 -35.84
C ASP A 273 -3.19 19.67 -35.42
N SER A 274 -3.04 20.57 -36.39
CA SER A 274 -3.16 22.01 -36.20
C SER A 274 -4.50 22.48 -35.64
N ASP A 275 -5.59 21.87 -36.10
CA ASP A 275 -6.91 22.29 -35.66
C ASP A 275 -7.09 21.95 -34.18
N ALA A 276 -6.57 20.79 -33.78
CA ALA A 276 -6.67 20.31 -32.42
C ALA A 276 -5.87 21.19 -31.46
N ILE A 277 -4.60 21.45 -31.79
CA ILE A 277 -3.75 22.28 -30.92
C ILE A 277 -4.26 23.73 -30.84
N ASP A 278 -4.83 24.23 -31.94
CA ASP A 278 -5.46 25.57 -31.91
C ASP A 278 -6.72 25.57 -31.05
N GLY A 279 -7.50 24.50 -31.08
CA GLY A 279 -8.66 24.35 -30.19
C GLY A 279 -8.25 24.37 -28.72
N PHE A 280 -7.16 23.68 -28.42
CA PHE A 280 -6.64 23.59 -27.07
C PHE A 280 -6.15 24.97 -26.58
N VAL A 281 -5.47 25.70 -27.45
CA VAL A 281 -5.00 27.02 -27.10
C VAL A 281 -6.14 28.00 -26.92
N ARG A 282 -7.20 27.92 -27.72
CA ARG A 282 -8.36 28.80 -27.55
C ARG A 282 -9.16 28.45 -26.28
N SER A 283 -8.97 27.24 -25.75
CA SER A 283 -9.64 26.85 -24.50
C SER A 283 -8.75 27.09 -23.28
N ASP A 284 -7.67 27.84 -23.49
CA ASP A 284 -6.76 28.28 -22.42
C ASP A 284 -5.84 27.18 -21.89
N GLY A 285 -5.57 26.22 -22.77
CA GLY A 285 -4.73 25.10 -22.44
C GLY A 285 -3.35 25.49 -21.95
N VAL A 286 -2.76 26.47 -22.63
CA VAL A 286 -1.38 26.87 -22.34
C VAL A 286 -1.30 27.52 -20.96
N GLY A 287 -2.26 28.38 -20.65
CA GLY A 287 -2.40 28.91 -19.29
C GLY A 287 -2.58 27.81 -18.25
N ALA A 288 -3.39 26.79 -18.60
CA ALA A 288 -3.65 25.67 -17.70
C ALA A 288 -2.36 24.89 -17.40
N ILE A 289 -1.63 24.52 -18.44
CA ILE A 289 -0.37 23.82 -18.26
C ILE A 289 0.61 24.59 -17.37
N THR A 290 0.78 25.88 -17.63
CA THR A 290 1.76 26.66 -16.92
C THR A 290 1.38 26.87 -15.47
N THR A 291 0.08 26.93 -15.17
CA THR A 291 -0.41 27.00 -13.79
C THR A 291 -0.05 25.74 -13.02
N VAL A 292 -0.27 24.59 -13.67
CA VAL A 292 -0.11 23.28 -13.06
C VAL A 292 1.34 22.96 -12.79
N VAL A 293 2.23 23.34 -13.71
CA VAL A 293 3.65 23.05 -13.54
C VAL A 293 4.35 23.93 -12.51
N GLN A 294 3.59 24.74 -11.78
CA GLN A 294 4.13 25.41 -10.58
C GLN A 294 4.34 24.40 -9.45
N TYR A 295 3.71 23.22 -9.52
CA TYR A 295 3.89 22.23 -8.46
C TYR A 295 5.27 21.58 -8.52
N PRO A 296 6.02 21.60 -7.40
CA PRO A 296 7.38 21.07 -7.44
C PRO A 296 7.43 19.55 -7.49
N ASN A 297 7.24 19.01 -8.69
CA ASN A 297 7.44 17.60 -8.96
C ASN A 297 7.94 17.43 -10.40
N ASN A 298 9.11 16.82 -10.54
CA ASN A 298 9.80 16.77 -11.82
C ASN A 298 9.15 15.94 -12.91
N ASP A 299 8.47 14.87 -12.54
CA ASP A 299 7.76 14.07 -13.54
C ASP A 299 6.61 14.89 -14.09
N LEU A 300 5.93 15.58 -13.19
CA LEU A 300 4.82 16.42 -13.56
C LEU A 300 5.33 17.57 -14.44
N ILE A 301 6.41 18.21 -14.02
CA ILE A 301 6.99 19.30 -14.81
C ILE A 301 7.45 18.81 -16.20
N ARG A 302 8.18 17.71 -16.24
CA ARG A 302 8.58 17.10 -17.53
C ARG A 302 7.41 16.87 -18.47
N ALA A 303 6.29 16.40 -17.92
CA ALA A 303 5.17 16.01 -18.75
C ALA A 303 4.39 17.21 -19.27
N GLY A 304 4.27 18.24 -18.43
CA GLY A 304 3.63 19.49 -18.82
C GLY A 304 4.39 20.21 -19.91
N CYS A 305 5.71 20.28 -19.76
CA CYS A 305 6.57 20.96 -20.73
C CYS A 305 6.62 20.24 -22.08
N LYS A 306 6.56 18.92 -22.05
CA LYS A 306 6.44 18.08 -23.25
C LYS A 306 5.20 18.45 -24.07
N LEU A 307 4.07 18.62 -23.39
CA LEU A 307 2.84 19.04 -24.03
C LEU A 307 2.90 20.50 -24.55
N LEU A 308 3.51 21.38 -23.77
CA LEU A 308 3.76 22.75 -24.22
C LEU A 308 4.54 22.74 -25.52
N LEU A 309 5.61 21.95 -25.57
CA LEU A 309 6.40 21.83 -26.77
C LEU A 309 5.48 21.46 -27.95
N GLN A 310 4.59 20.52 -27.73
CA GLN A 310 3.82 19.94 -28.80
C GLN A 310 2.84 20.94 -29.41
N VAL A 311 2.39 21.89 -28.61
CA VAL A 311 1.37 22.85 -29.06
C VAL A 311 1.97 24.22 -29.42
N SER A 312 3.29 24.32 -29.39
CA SER A 312 3.99 25.59 -29.48
C SER A 312 3.90 26.28 -30.84
N ASP A 313 3.67 25.51 -31.90
CA ASP A 313 3.53 26.08 -33.22
C ASP A 313 2.11 26.57 -33.57
N ALA A 314 1.23 26.65 -32.57
CA ALA A 314 -0.15 27.05 -32.81
C ALA A 314 -0.28 28.54 -33.16
N LYS A 315 -1.02 28.84 -34.22
CA LYS A 315 -1.25 30.21 -34.65
C LYS A 315 -2.06 30.98 -33.62
N ALA A 316 -2.96 30.27 -32.90
CA ALA A 316 -3.74 30.88 -31.82
C ALA A 316 -2.90 31.48 -30.69
N LEU A 317 -1.63 31.06 -30.57
CA LEU A 317 -0.73 31.66 -29.57
C LEU A 317 -0.44 33.14 -29.87
N ALA A 318 -0.79 33.59 -31.07
CA ALA A 318 -0.81 35.03 -31.39
C ALA A 318 -1.91 35.78 -30.67
N LYS A 319 -2.92 35.08 -30.18
CA LYS A 319 -4.03 35.75 -29.48
C LYS A 319 -4.06 35.50 -27.99
N THR A 320 -3.27 34.56 -27.49
CA THR A 320 -3.30 34.24 -26.06
C THR A 320 -2.50 35.26 -25.25
N PRO A 321 -3.07 35.76 -24.13
CA PRO A 321 -2.29 36.64 -23.24
C PRO A 321 -1.04 35.93 -22.72
N LEU A 322 0.14 36.42 -23.11
CA LEU A 322 1.38 35.76 -22.75
C LEU A 322 2.24 36.57 -21.77
N GLU A 323 1.72 37.70 -21.31
CA GLU A 323 2.47 38.63 -20.46
C GLU A 323 2.91 38.00 -19.13
N ASN A 324 2.17 36.99 -18.67
CA ASN A 324 2.52 36.33 -17.42
C ASN A 324 3.11 34.95 -17.63
N ILE A 325 2.52 34.18 -18.54
CA ILE A 325 2.99 32.86 -18.91
C ILE A 325 4.46 32.87 -19.33
N LEU A 326 4.81 33.77 -20.26
CA LEU A 326 6.14 33.73 -20.83
C LEU A 326 7.25 34.00 -19.83
N PRO A 327 7.16 35.09 -19.05
CA PRO A 327 8.19 35.28 -18.01
C PRO A 327 8.31 34.09 -17.05
N PHE A 328 7.20 33.45 -16.73
CA PHE A 328 7.24 32.28 -15.85
C PHE A 328 8.06 31.17 -16.49
N LEU A 329 7.76 30.87 -17.74
CA LEU A 329 8.49 29.85 -18.48
C LEU A 329 9.98 30.16 -18.65
N LEU A 330 10.33 31.42 -18.89
CA LEU A 330 11.74 31.80 -18.95
C LEU A 330 12.44 31.55 -17.63
N ARG A 331 11.77 31.87 -16.53
CA ARG A 331 12.30 31.63 -15.20
C ARG A 331 12.53 30.14 -14.98
N LEU A 332 11.55 29.33 -15.36
CA LEU A 332 11.66 27.88 -15.30
C LEU A 332 12.88 27.35 -16.05
N ILE A 333 13.04 27.78 -17.31
CA ILE A 333 14.16 27.34 -18.13
C ILE A 333 15.51 27.76 -17.50
N GLU A 334 15.53 28.94 -16.91
CA GLU A 334 16.70 29.48 -16.24
C GLU A 334 17.20 28.62 -15.05
N ILE A 335 16.29 28.13 -14.21
CA ILE A 335 16.70 27.42 -12.98
C ILE A 335 16.53 25.89 -12.97
N HIS A 336 15.65 25.35 -13.82
CA HIS A 336 15.38 23.90 -13.76
C HIS A 336 16.55 23.09 -14.27
N PRO A 337 17.09 22.20 -13.41
CA PRO A 337 18.35 21.54 -13.72
C PRO A 337 18.32 20.40 -14.74
N ASP A 338 17.14 19.99 -15.22
CA ASP A 338 17.16 18.87 -16.16
C ASP A 338 16.94 19.18 -17.65
N ASP A 339 17.79 18.56 -18.47
CA ASP A 339 17.88 18.85 -19.89
C ASP A 339 16.60 18.66 -20.68
N GLU A 340 15.74 17.74 -20.24
CA GLU A 340 14.48 17.50 -20.94
C GLU A 340 13.59 18.73 -20.82
N VAL A 341 13.62 19.35 -19.64
CA VAL A 341 12.85 20.55 -19.41
C VAL A 341 13.43 21.70 -20.23
N ILE A 342 14.77 21.83 -20.26
CA ILE A 342 15.42 22.87 -21.03
C ILE A 342 15.09 22.68 -22.51
N TYR A 343 15.10 21.43 -22.95
CA TYR A 343 14.81 21.10 -24.32
C TYR A 343 13.41 21.53 -24.69
N SER A 344 12.44 21.18 -23.85
CA SER A 344 11.03 21.50 -24.11
C SER A 344 10.78 23.01 -24.08
N GLY A 345 11.32 23.67 -23.05
CA GLY A 345 11.11 25.11 -22.86
C GLY A 345 11.70 25.94 -23.98
N THR A 346 12.95 25.66 -24.36
CA THR A 346 13.59 26.41 -25.42
C THR A 346 12.93 26.13 -26.78
N GLY A 347 12.45 24.88 -26.95
CA GLY A 347 11.72 24.50 -28.15
C GLY A 347 10.44 25.30 -28.26
N PHE A 348 9.71 25.37 -27.16
CA PHE A 348 8.52 26.19 -27.06
C PHE A 348 8.77 27.69 -27.34
N LEU A 349 9.86 28.21 -26.77
CA LEU A 349 10.23 29.60 -26.92
C LEU A 349 10.45 29.95 -28.40
N SER A 350 11.17 29.08 -29.10
CA SER A 350 11.49 29.30 -30.51
C SER A 350 10.24 29.41 -31.38
N ASN A 351 9.24 28.56 -31.13
CA ASN A 351 7.99 28.63 -31.88
C ASN A 351 7.07 29.78 -31.45
N VAL A 352 7.01 30.05 -30.16
CA VAL A 352 6.05 31.03 -29.67
C VAL A 352 6.39 32.45 -30.15
N VAL A 353 7.69 32.76 -30.26
CA VAL A 353 8.09 34.09 -30.70
C VAL A 353 7.95 34.24 -32.19
N ALA A 354 7.89 33.12 -32.92
CA ALA A 354 7.90 33.16 -34.39
C ALA A 354 6.67 33.90 -34.93
N HIS A 355 6.91 34.95 -35.73
CA HIS A 355 5.88 35.69 -36.46
C HIS A 355 5.00 36.58 -35.57
N LYS A 356 5.46 36.88 -34.36
CA LYS A 356 4.62 37.56 -33.38
C LYS A 356 5.42 38.63 -32.63
N GLN A 357 5.34 39.84 -33.15
CA GLN A 357 6.13 40.96 -32.66
C GLN A 357 5.92 41.25 -31.18
N HIS A 358 4.66 41.43 -30.78
CA HIS A 358 4.31 41.66 -29.37
C HIS A 358 4.84 40.55 -28.42
N VAL A 359 4.91 39.32 -28.91
CA VAL A 359 5.47 38.20 -28.13
C VAL A 359 6.99 38.31 -28.00
N LYS A 360 7.65 38.64 -29.10
CA LYS A 360 9.06 39.00 -29.07
C LYS A 360 9.31 40.10 -28.03
N ASP A 361 8.43 41.10 -27.99
CA ASP A 361 8.61 42.21 -27.06
C ASP A 361 8.53 41.73 -25.61
N ILE A 362 7.56 40.87 -25.32
CA ILE A 362 7.46 40.31 -23.97
C ILE A 362 8.77 39.59 -23.60
N ALA A 363 9.20 38.70 -24.47
CA ALA A 363 10.43 37.97 -24.27
C ALA A 363 11.63 38.88 -23.98
N ILE A 364 11.83 39.90 -24.81
CA ILE A 364 12.95 40.83 -24.62
C ILE A 364 12.92 41.52 -23.25
N ARG A 365 11.75 41.97 -22.82
CA ARG A 365 11.63 42.63 -21.51
C ARG A 365 11.89 41.67 -20.35
N SER A 366 11.79 40.37 -20.60
CA SER A 366 12.13 39.42 -19.56
C SER A 366 13.53 38.82 -19.78
N ASN A 367 14.32 39.47 -20.63
CA ASN A 367 15.71 39.09 -20.87
C ASN A 367 15.89 37.78 -21.61
N ALA A 368 14.94 37.43 -22.47
CA ALA A 368 15.01 36.17 -23.18
C ALA A 368 16.35 35.99 -23.90
N ILE A 369 16.85 37.05 -24.53
CA ILE A 369 18.09 36.95 -25.29
C ILE A 369 19.27 36.65 -24.39
N PHE A 370 19.37 37.36 -23.28
CA PHE A 370 20.38 37.04 -22.28
C PHE A 370 20.32 35.55 -21.89
N LEU A 371 19.11 35.04 -21.68
CA LEU A 371 18.94 33.67 -21.23
C LEU A 371 19.42 32.65 -22.25
N LEU A 372 19.15 32.90 -23.53
CA LEU A 372 19.70 32.08 -24.60
C LEU A 372 21.22 31.98 -24.51
N HIS A 373 21.87 33.10 -24.21
CA HIS A 373 23.31 33.14 -24.09
C HIS A 373 23.79 32.25 -22.95
N THR A 374 23.09 32.32 -21.82
CA THR A 374 23.41 31.52 -20.65
C THR A 374 23.20 30.02 -20.90
N ILE A 375 22.14 29.65 -21.61
CA ILE A 375 21.86 28.24 -21.85
C ILE A 375 22.88 27.61 -22.76
N ILE A 376 23.24 28.30 -23.84
CA ILE A 376 24.25 27.80 -24.75
C ILE A 376 25.61 27.63 -24.04
N SER A 377 25.98 28.63 -23.22
CA SER A 377 27.28 28.69 -22.54
C SER A 377 27.56 27.63 -21.48
N LYS A 378 26.49 27.05 -20.93
CA LYS A 378 26.63 26.12 -19.81
C LYS A 378 27.11 24.73 -20.23
N TYR A 379 27.00 24.41 -21.51
CA TYR A 379 27.35 23.06 -21.99
C TYR A 379 28.77 22.96 -22.49
N PRO A 380 29.38 21.77 -22.31
CA PRO A 380 30.72 21.57 -22.86
C PRO A 380 30.63 21.45 -24.37
N ARG A 381 31.78 21.36 -25.03
CA ARG A 381 31.84 21.10 -26.45
C ARG A 381 31.19 19.74 -26.72
N LEU A 382 30.59 19.59 -27.89
CA LEU A 382 29.93 18.35 -28.24
C LEU A 382 30.87 17.15 -28.25
N ASP A 383 32.14 17.39 -28.57
CA ASP A 383 33.16 16.33 -28.55
C ASP A 383 33.47 15.80 -27.14
N GLU A 384 33.11 16.57 -26.11
CA GLU A 384 33.33 16.15 -24.72
C GLU A 384 32.15 15.41 -24.10
N LEU A 385 31.20 14.96 -24.91
CA LEU A 385 30.03 14.23 -24.40
C LEU A 385 30.01 12.80 -24.94
N THR A 386 30.06 11.84 -24.03
CA THR A 386 30.28 10.43 -24.39
C THR A 386 29.01 9.68 -24.78
N ASP A 387 27.98 9.78 -23.95
CA ASP A 387 26.70 9.14 -24.23
C ASP A 387 26.00 9.83 -25.39
N ALA A 388 25.61 9.03 -26.39
CA ALA A 388 24.95 9.52 -27.59
C ALA A 388 23.59 10.20 -27.32
N PRO A 389 22.76 9.65 -26.42
CA PRO A 389 21.46 10.28 -26.15
C PRO A 389 21.57 11.71 -25.63
N LYS A 390 22.49 11.93 -24.69
CA LYS A 390 22.70 13.23 -24.05
C LYS A 390 23.37 14.24 -25.01
N ARG A 391 24.31 13.79 -25.82
CA ARG A 391 24.95 14.62 -26.84
C ARG A 391 23.94 15.12 -27.87
N ASN A 392 23.03 14.25 -28.30
CA ASN A 392 21.99 14.70 -29.20
C ASN A 392 21.06 15.74 -28.55
N ARG A 393 20.81 15.61 -27.25
CA ARG A 393 19.93 16.53 -26.53
C ARG A 393 20.52 17.94 -26.47
N VAL A 394 21.78 18.03 -26.06
CA VAL A 394 22.50 19.28 -25.96
C VAL A 394 22.49 19.97 -27.33
N CYS A 395 22.63 19.14 -28.36
CA CYS A 395 22.69 19.57 -29.70
C CYS A 395 21.36 20.20 -30.14
N GLU A 396 20.26 19.52 -29.87
CA GLU A 396 18.92 20.06 -30.10
C GLU A 396 18.60 21.28 -29.22
N ILE A 397 19.17 21.33 -28.03
CA ILE A 397 19.00 22.49 -27.15
C ILE A 397 19.64 23.78 -27.72
N ILE A 398 20.92 23.69 -28.07
CA ILE A 398 21.63 24.80 -28.68
C ILE A 398 20.93 25.22 -29.97
N CYS A 399 20.47 24.22 -30.72
CA CYS A 399 19.76 24.49 -31.95
C CYS A 399 18.47 25.27 -31.70
N ASN A 400 17.71 24.90 -30.68
CA ASN A 400 16.55 25.68 -30.25
C ASN A 400 16.88 27.11 -29.88
N CYS A 401 17.95 27.31 -29.12
CA CYS A 401 18.31 28.66 -28.67
C CYS A 401 18.66 29.59 -29.84
N LEU A 402 19.48 29.11 -30.76
CA LEU A 402 19.89 29.87 -31.93
C LEU A 402 18.74 30.14 -32.88
N ARG A 403 17.80 29.20 -32.98
CA ARG A 403 16.60 29.43 -33.78
C ARG A 403 15.75 30.56 -33.14
N THR A 404 15.71 30.61 -31.82
CA THR A 404 15.02 31.68 -31.14
C THR A 404 15.74 33.01 -31.40
N LEU A 405 17.06 32.99 -31.30
CA LEU A 405 17.87 34.18 -31.59
C LEU A 405 17.55 34.73 -32.96
N ASN A 406 17.51 33.84 -33.95
CA ASN A 406 17.32 34.22 -35.34
C ASN A 406 15.96 34.84 -35.60
N ASN A 407 14.93 34.35 -34.90
CA ASN A 407 13.60 34.97 -34.95
C ASN A 407 13.56 36.38 -34.37
N PHE A 408 14.47 36.69 -33.45
CA PHE A 408 14.63 38.06 -32.93
C PHE A 408 15.35 38.99 -33.92
N LEU A 409 16.47 38.53 -34.46
CA LEU A 409 17.38 39.40 -35.21
C LEU A 409 16.75 39.99 -36.48
N MSE A 410 15.69 39.35 -36.98
CA MSE A 410 14.95 39.85 -38.13
C MSE A 410 14.50 41.30 -37.96
O MSE A 410 14.69 42.13 -38.85
CB MSE A 410 13.74 38.96 -38.40
CG MSE A 410 14.08 37.48 -38.45
SE MSE A 410 14.58 36.82 -40.23
CE MSE A 410 15.89 38.16 -40.82
N MSE A 411 13.91 41.59 -36.79
CA MSE A 411 13.45 42.92 -36.42
C MSE A 411 14.39 44.05 -36.85
O MSE A 411 13.94 45.09 -37.32
CB MSE A 411 13.30 43.02 -34.90
CG MSE A 411 12.17 42.17 -34.29
SE MSE A 411 12.29 42.14 -32.33
CE MSE A 411 12.19 44.07 -31.95
N TRP A 412 15.69 43.84 -36.68
CA TRP A 412 16.65 44.94 -36.70
C TRP A 412 17.52 45.02 -37.94
N ILE A 413 17.29 44.12 -38.88
CA ILE A 413 18.05 44.14 -40.12
C ILE A 413 17.25 44.91 -41.17
N PRO A 414 17.87 45.95 -41.76
CA PRO A 414 17.25 46.84 -42.76
C PRO A 414 16.54 46.09 -43.87
N THR A 415 15.22 46.18 -43.89
CA THR A 415 14.41 45.61 -44.97
C THR A 415 13.88 46.74 -45.85
N PRO A 416 14.21 46.71 -47.17
CA PRO A 416 13.75 47.70 -48.16
C PRO A 416 12.25 47.99 -48.06
N ASN A 417 11.47 46.97 -47.74
CA ASN A 417 10.03 47.09 -47.46
C ASN A 417 9.68 48.26 -46.52
N GLY A 418 10.62 48.63 -45.65
CA GLY A 418 10.54 49.87 -44.88
C GLY A 418 10.31 49.76 -43.38
N GLU A 419 10.42 48.55 -42.84
CA GLU A 419 10.18 48.30 -41.41
C GLU A 419 11.46 48.26 -40.56
N THR A 420 12.38 49.20 -40.83
CA THR A 420 13.65 49.30 -40.09
C THR A 420 13.39 49.70 -38.64
N LYS A 421 13.28 48.70 -37.76
CA LYS A 421 13.10 48.96 -36.35
C LYS A 421 14.45 49.31 -35.71
N THR A 422 14.40 50.17 -34.70
CA THR A 422 15.59 50.56 -33.95
C THR A 422 15.63 49.80 -32.64
N ALA A 423 16.78 49.22 -32.35
CA ALA A 423 16.97 48.50 -31.10
C ALA A 423 17.22 49.48 -29.98
N GLY A 424 16.62 49.21 -28.84
CA GLY A 424 16.94 49.93 -27.62
C GLY A 424 18.21 49.39 -26.97
N PRO A 425 18.74 50.13 -25.98
CA PRO A 425 19.95 49.70 -25.26
C PRO A 425 19.80 48.35 -24.58
N ASN A 426 18.60 48.03 -24.12
CA ASN A 426 18.29 46.71 -23.54
C ASN A 426 18.54 45.55 -24.53
N GLU A 427 17.85 45.60 -25.67
CA GLU A 427 18.08 44.67 -26.77
C GLU A 427 19.55 44.63 -27.19
N LYS A 428 20.18 45.79 -27.29
CA LYS A 428 21.56 45.89 -27.81
C LYS A 428 22.55 45.12 -26.97
N GLN A 429 22.50 45.28 -25.64
CA GLN A 429 23.49 44.59 -24.80
C GLN A 429 23.27 43.06 -24.79
N GLN A 430 22.02 42.65 -24.91
CA GLN A 430 21.70 41.22 -24.98
C GLN A 430 22.26 40.60 -26.28
N VAL A 431 21.92 41.22 -27.42
CA VAL A 431 22.40 40.71 -28.70
C VAL A 431 23.92 40.72 -28.81
N CYS A 432 24.58 41.72 -28.23
CA CYS A 432 26.03 41.89 -28.40
C CYS A 432 26.83 40.88 -27.59
N LYS A 433 26.21 40.31 -26.58
CA LYS A 433 26.83 39.19 -25.87
C LYS A 433 27.22 38.05 -26.82
N PHE A 434 26.47 37.88 -27.91
CA PHE A 434 26.74 36.81 -28.87
C PHE A 434 28.00 36.96 -29.70
N ILE A 435 28.64 38.13 -29.65
CA ILE A 435 29.97 38.26 -30.21
C ILE A 435 31.10 38.26 -29.18
N GLU A 436 30.79 37.98 -27.91
CA GLU A 436 31.84 37.76 -26.91
C GLU A 436 32.64 36.52 -27.29
N ILE A 437 33.92 36.47 -26.95
CA ILE A 437 34.81 35.43 -27.49
C ILE A 437 34.49 34.02 -27.02
N ASP A 438 33.97 33.87 -25.82
CA ASP A 438 33.68 32.56 -25.29
C ASP A 438 32.59 31.83 -26.08
N ILE A 439 31.49 32.52 -26.39
CA ILE A 439 30.41 31.88 -27.14
C ILE A 439 30.77 31.69 -28.62
N LEU A 440 31.54 32.61 -29.19
CA LEU A 440 32.05 32.42 -30.55
C LEU A 440 32.88 31.16 -30.64
N LYS A 441 33.77 30.95 -29.67
CA LYS A 441 34.61 29.77 -29.66
C LYS A 441 33.76 28.51 -29.62
N LYS A 442 32.76 28.47 -28.74
CA LYS A 442 31.87 27.33 -28.59
C LYS A 442 31.03 27.08 -29.84
N LEU A 443 30.55 28.17 -30.45
CA LEU A 443 29.75 28.06 -31.65
C LEU A 443 30.58 27.58 -32.82
N MSE A 444 31.82 28.05 -32.92
CA MSE A 444 32.64 27.61 -34.04
C MSE A 444 33.14 26.19 -33.83
O MSE A 444 33.37 25.48 -34.79
CB MSE A 444 33.76 28.62 -34.42
CG MSE A 444 34.79 28.95 -33.36
SE MSE A 444 36.05 30.41 -33.91
CE MSE A 444 34.78 31.80 -34.42
N SER A 445 33.24 25.76 -32.59
CA SER A 445 33.62 24.37 -32.35
C SER A 445 32.50 23.34 -32.64
N CYS A 446 31.23 23.71 -32.47
CA CYS A 446 30.10 22.85 -32.94
C CYS A 446 30.14 22.65 -34.44
N LEU A 447 30.73 23.61 -35.13
CA LEU A 447 30.71 23.69 -36.57
C LEU A 447 31.71 22.71 -37.13
N SER A 448 32.75 22.43 -36.36
CA SER A 448 33.89 21.64 -36.86
C SER A 448 34.30 20.41 -36.04
N CYS A 449 33.65 20.12 -34.91
CA CYS A 449 34.03 18.95 -34.11
C CYS A 449 33.88 17.63 -34.89
N GLU A 450 34.75 16.66 -34.59
CA GLU A 450 34.77 15.39 -35.33
C GLU A 450 34.40 14.22 -34.43
N MSE A 452 31.04 14.29 -34.64
CA MSE A 452 30.60 12.98 -34.14
C MSE A 452 29.18 12.58 -34.57
O MSE A 452 28.34 13.44 -34.82
CB MSE A 452 30.74 12.91 -32.62
CG MSE A 452 31.87 11.99 -32.13
SE MSE A 452 32.05 11.94 -30.18
CE MSE A 452 33.62 13.08 -29.99
N ASP A 453 28.95 11.26 -34.65
CA ASP A 453 27.68 10.70 -35.15
C ASP A 453 26.46 11.07 -34.29
N THR A 454 25.82 12.18 -34.66
CA THR A 454 24.71 12.74 -33.90
C THR A 454 23.63 13.22 -34.88
N PRO A 455 22.42 12.65 -34.79
CA PRO A 455 21.33 13.00 -35.73
C PRO A 455 21.00 14.50 -35.87
N GLY A 456 21.13 15.25 -34.78
CA GLY A 456 20.82 16.68 -34.81
C GLY A 456 21.89 17.60 -35.39
N LEU A 457 23.11 17.09 -35.51
CA LEU A 457 24.28 17.89 -35.91
C LEU A 457 24.10 18.70 -37.20
N LEU A 458 23.51 18.09 -38.22
CA LEU A 458 23.33 18.74 -39.50
C LEU A 458 22.49 20.02 -39.39
N GLU A 459 21.39 19.90 -38.67
CA GLU A 459 20.44 21.00 -38.52
C GLU A 459 21.03 22.07 -37.63
N LEU A 460 21.86 21.65 -36.66
CA LEU A 460 22.58 22.57 -35.81
C LEU A 460 23.58 23.44 -36.59
N ARG A 461 24.36 22.82 -37.47
CA ARG A 461 25.40 23.53 -38.21
C ARG A 461 24.78 24.46 -39.23
N SER A 462 23.66 24.05 -39.80
CA SER A 462 22.94 24.91 -40.70
C SER A 462 22.42 26.15 -39.97
N THR A 463 21.91 25.95 -38.76
CA THR A 463 21.31 27.03 -37.95
C THR A 463 22.38 28.00 -37.44
N ILE A 464 23.56 27.47 -37.13
CA ILE A 464 24.66 28.30 -36.68
C ILE A 464 25.11 29.26 -37.78
N LEU A 465 25.19 28.76 -39.02
CA LEU A 465 25.62 29.61 -40.13
C LEU A 465 24.65 30.77 -40.25
N ARG A 466 23.37 30.46 -40.10
CA ARG A 466 22.32 31.46 -40.17
C ARG A 466 22.48 32.52 -39.07
N SER A 467 22.76 32.07 -37.86
CA SER A 467 23.00 32.99 -36.76
C SER A 467 24.11 34.00 -37.07
N PHE A 468 25.22 33.53 -37.63
CA PHE A 468 26.34 34.39 -38.00
C PHE A 468 25.94 35.34 -39.11
N ILE A 469 25.24 34.84 -40.12
CA ILE A 469 24.70 35.67 -41.17
C ILE A 469 23.91 36.84 -40.58
N LEU A 470 22.93 36.54 -39.73
CA LEU A 470 22.08 37.58 -39.16
C LEU A 470 22.80 38.52 -38.19
N LEU A 471 23.65 37.97 -37.33
CA LEU A 471 24.44 38.79 -36.42
C LEU A 471 25.28 39.81 -37.19
N LEU A 472 25.92 39.37 -38.26
CA LEU A 472 26.85 40.24 -39.00
C LEU A 472 26.11 41.24 -39.87
N ARG A 473 24.82 41.05 -40.09
CA ARG A 473 24.02 41.99 -40.85
C ARG A 473 23.27 42.95 -39.93
N THR A 474 23.49 42.81 -38.64
CA THR A 474 22.85 43.65 -37.63
C THR A 474 23.74 44.86 -37.37
N PRO A 475 23.23 46.06 -37.68
CA PRO A 475 23.99 47.32 -37.70
C PRO A 475 24.76 47.62 -36.40
N PHE A 476 24.14 47.45 -35.25
CA PHE A 476 24.80 47.78 -33.98
C PHE A 476 25.77 46.72 -33.48
N VAL A 477 25.85 45.58 -34.15
CA VAL A 477 26.78 44.55 -33.70
C VAL A 477 28.20 44.87 -34.16
N PRO A 478 29.14 45.04 -33.20
CA PRO A 478 30.54 45.27 -33.55
C PRO A 478 31.14 44.05 -34.25
N LYS A 479 31.79 44.27 -35.38
CA LYS A 479 32.25 43.19 -36.23
C LYS A 479 33.75 43.04 -36.27
N ASP A 480 34.45 43.98 -35.64
CA ASP A 480 35.90 44.08 -35.78
C ASP A 480 36.67 42.95 -35.10
N GLY A 481 36.18 42.49 -33.95
CA GLY A 481 36.84 41.41 -33.22
C GLY A 481 36.59 39.98 -33.71
N VAL A 482 35.63 39.80 -34.62
CA VAL A 482 35.10 38.48 -34.92
C VAL A 482 36.12 37.55 -35.60
N LEU A 483 36.74 38.02 -36.67
CA LEU A 483 37.70 37.20 -37.41
C LEU A 483 39.05 37.08 -36.71
N ASN A 484 39.16 37.63 -35.50
CA ASN A 484 40.38 37.51 -34.71
C ASN A 484 40.29 36.43 -33.64
N VAL A 485 39.11 35.83 -33.50
CA VAL A 485 38.90 34.78 -32.52
C VAL A 485 39.39 33.44 -33.08
N ILE A 486 40.29 32.82 -32.33
CA ILE A 486 40.94 31.57 -32.72
C ILE A 486 40.62 30.55 -31.64
N ASP A 487 40.20 29.34 -32.03
CA ASP A 487 39.89 28.33 -31.03
C ASP A 487 41.14 27.58 -30.57
N GLU A 488 41.10 27.09 -29.33
CA GLU A 488 42.21 26.35 -28.72
C GLU A 488 42.48 25.01 -29.42
N ASN A 489 41.42 24.34 -29.87
CA ASN A 489 41.53 22.99 -30.42
C ASN A 489 42.16 22.91 -31.82
N ARG A 490 41.65 23.69 -32.77
CA ARG A 490 42.11 23.61 -34.16
C ARG A 490 43.02 24.76 -34.61
N LYS A 491 43.17 25.78 -33.78
CA LYS A 491 43.99 26.95 -34.14
C LYS A 491 43.47 27.67 -35.39
N GLU A 492 42.16 27.61 -35.61
CA GLU A 492 41.54 28.21 -36.79
C GLU A 492 40.58 29.29 -36.38
N ASN A 493 40.39 30.27 -37.26
CA ASN A 493 39.35 31.26 -37.05
C ASN A 493 38.06 30.86 -37.78
N LEU A 494 37.03 31.69 -37.66
CA LEU A 494 35.71 31.39 -38.19
C LEU A 494 35.74 30.81 -39.60
N ILE A 495 36.53 31.40 -40.50
CA ILE A 495 36.62 30.89 -41.87
C ILE A 495 37.00 29.41 -41.91
N GLY A 496 38.02 29.04 -41.15
CA GLY A 496 38.48 27.64 -41.05
C GLY A 496 37.37 26.72 -40.59
N HIS A 497 36.62 27.15 -39.59
CA HIS A 497 35.48 26.40 -39.10
C HIS A 497 34.30 26.30 -40.09
N ILE A 498 33.99 27.39 -40.78
CA ILE A 498 32.95 27.35 -41.81
C ILE A 498 33.35 26.31 -42.85
N CYS A 499 34.63 26.35 -43.25
CA CYS A 499 35.16 25.45 -44.29
C CYS A 499 35.14 23.99 -43.86
N ALA A 500 35.35 23.73 -42.57
CA ALA A 500 35.27 22.38 -42.05
C ALA A 500 33.84 21.80 -42.12
N ALA A 501 32.84 22.64 -41.87
CA ALA A 501 31.45 22.18 -41.91
C ALA A 501 31.04 21.90 -43.35
N TYR A 502 31.54 22.73 -44.26
CA TYR A 502 31.24 22.61 -45.67
C TYR A 502 31.81 21.31 -46.25
N SER A 503 33.05 20.98 -45.89
CA SER A 503 33.68 19.71 -46.25
C SER A 503 32.90 18.52 -45.68
N TRP A 504 32.58 18.60 -44.39
CA TRP A 504 31.87 17.55 -43.67
C TRP A 504 30.56 17.16 -44.36
N VAL A 505 29.81 18.16 -44.81
CA VAL A 505 28.50 17.92 -45.40
C VAL A 505 28.61 17.08 -46.69
N PHE A 506 29.70 17.24 -47.43
CA PHE A 506 29.88 16.46 -48.65
C PHE A 506 30.26 14.99 -48.40
N ARG A 507 30.78 14.70 -47.22
CA ARG A 507 31.15 13.35 -46.83
C ARG A 507 29.98 12.62 -46.16
N GLN A 508 28.89 13.34 -45.91
CA GLN A 508 27.71 12.75 -45.28
C GLN A 508 26.98 11.82 -46.27
N PRO A 509 26.30 10.78 -45.76
CA PRO A 509 25.56 9.80 -46.58
C PRO A 509 24.47 10.45 -47.41
N ASN A 510 24.23 9.89 -48.60
CA ASN A 510 23.19 10.38 -49.50
C ASN A 510 21.84 9.79 -49.12
N ASN A 511 20.90 10.67 -48.80
CA ASN A 511 19.67 10.29 -48.14
C ASN A 511 18.63 11.39 -48.31
N THR A 512 17.54 11.06 -48.99
CA THR A 512 16.49 12.03 -49.35
C THR A 512 15.87 12.74 -48.15
N ARG A 513 15.96 12.13 -46.96
CA ARG A 513 15.55 12.76 -45.72
C ARG A 513 16.35 14.03 -45.40
N THR A 514 17.65 14.01 -45.68
CA THR A 514 18.55 15.08 -45.25
C THR A 514 18.97 16.02 -46.38
N GLN A 515 18.51 15.74 -47.60
CA GLN A 515 18.94 16.47 -48.80
C GLN A 515 18.62 17.94 -48.76
N SER A 516 17.42 18.25 -48.31
CA SER A 516 16.96 19.62 -48.18
C SER A 516 17.86 20.45 -47.21
N THR A 517 18.20 19.87 -46.07
CA THR A 517 19.01 20.55 -45.06
C THR A 517 20.47 20.71 -45.50
N LYS A 518 20.97 19.73 -46.25
CA LYS A 518 22.32 19.79 -46.80
C LYS A 518 22.41 20.92 -47.82
N GLN A 519 21.39 21.03 -48.67
CA GLN A 519 21.35 22.12 -49.61
C GLN A 519 21.34 23.48 -48.89
N GLN A 520 20.56 23.62 -47.81
CA GLN A 520 20.49 24.92 -47.12
C GLN A 520 21.79 25.28 -46.40
N LEU A 521 22.55 24.29 -45.96
CA LEU A 521 23.84 24.50 -45.31
C LEU A 521 24.86 25.03 -46.32
N VAL A 522 24.82 24.46 -47.53
CA VAL A 522 25.68 24.85 -48.62
C VAL A 522 25.44 26.31 -48.98
N GLU A 523 24.17 26.68 -49.14
CA GLU A 523 23.76 28.03 -49.53
C GLU A 523 24.16 29.03 -48.46
N ARG A 524 23.93 28.67 -47.21
CA ARG A 524 24.26 29.54 -46.11
C ARG A 524 25.77 29.74 -45.99
N THR A 525 26.54 28.74 -46.38
CA THR A 525 27.98 28.86 -46.39
C THR A 525 28.40 29.94 -47.40
N ILE A 526 27.93 29.79 -48.64
CA ILE A 526 28.25 30.75 -49.69
C ILE A 526 27.84 32.16 -49.22
N SER A 527 26.66 32.23 -48.61
CA SER A 527 26.09 33.50 -48.24
C SER A 527 26.81 34.11 -47.06
N LEU A 528 27.30 33.28 -46.16
CA LEU A 528 28.07 33.78 -45.02
C LEU A 528 29.49 34.22 -45.42
N LEU A 529 30.08 33.59 -46.42
CA LEU A 529 31.40 34.01 -46.88
C LEU A 529 31.32 35.41 -47.50
N LEU A 530 30.21 35.67 -48.22
CA LEU A 530 29.90 36.99 -48.75
C LEU A 530 29.73 38.06 -47.67
N VAL A 531 28.91 37.77 -46.69
CA VAL A 531 28.65 38.68 -45.58
C VAL A 531 29.96 39.01 -44.87
N LEU A 532 30.78 38.00 -44.57
CA LEU A 532 32.07 38.23 -43.91
C LEU A 532 32.97 39.13 -44.74
N MSE A 533 32.98 38.89 -46.06
CA MSE A 533 33.77 39.72 -46.96
C MSE A 533 33.36 41.19 -46.83
O MSE A 533 34.21 42.05 -46.61
CB MSE A 533 33.64 39.24 -48.40
CG MSE A 533 34.60 38.13 -48.73
SE MSE A 533 34.16 37.24 -50.40
CE MSE A 533 35.85 36.29 -50.76
N GLU A 534 32.06 41.45 -46.92
CA GLU A 534 31.53 42.81 -46.94
C GLU A 534 31.55 43.51 -45.56
N GLN A 535 31.02 42.84 -44.56
CA GLN A 535 30.71 43.45 -43.27
C GLN A 535 31.90 43.57 -42.33
N CYS A 536 32.87 42.68 -42.50
CA CYS A 536 34.11 42.73 -41.71
C CYS A 536 35.27 43.32 -42.51
N GLY A 537 34.97 43.84 -43.70
CA GLY A 537 35.99 44.38 -44.62
C GLY A 537 37.16 43.44 -44.80
N ALA A 538 36.87 42.17 -45.06
CA ALA A 538 37.88 41.12 -45.06
C ALA A 538 37.91 40.30 -46.34
N GLU A 539 37.61 40.95 -47.46
CA GLU A 539 37.60 40.28 -48.74
C GLU A 539 38.88 39.47 -49.00
N LYS A 540 40.05 40.08 -48.79
CA LYS A 540 41.33 39.36 -48.92
C LYS A 540 41.40 38.14 -48.02
N GLU A 541 41.18 38.36 -46.73
CA GLU A 541 41.32 37.34 -45.70
C GLU A 541 40.41 36.13 -45.97
N VAL A 542 39.16 36.38 -46.31
CA VAL A 542 38.22 35.30 -46.58
C VAL A 542 38.69 34.45 -47.76
N ALA A 543 39.08 35.12 -48.85
CA ALA A 543 39.55 34.43 -50.03
C ALA A 543 40.75 33.56 -49.72
N GLN A 544 41.78 34.13 -49.08
CA GLN A 544 42.97 33.34 -48.84
C GLN A 544 42.78 32.27 -47.75
N TYR A 545 41.88 32.51 -46.81
CA TYR A 545 41.54 31.46 -45.84
C TYR A 545 40.56 30.41 -46.37
N SER A 546 40.18 30.51 -47.64
CA SER A 546 39.24 29.54 -48.24
C SER A 546 39.87 28.52 -49.18
N TYR A 547 41.19 28.31 -49.07
CA TYR A 547 41.91 27.35 -49.89
C TYR A 547 41.36 25.90 -49.72
N SER A 548 40.82 25.59 -48.55
CA SER A 548 40.15 24.31 -48.27
C SER A 548 38.92 24.05 -49.12
N ILE A 549 38.29 25.09 -49.66
CA ILE A 549 37.09 24.94 -50.47
C ILE A 549 37.46 24.75 -51.94
N ASP A 550 36.89 23.73 -52.57
CA ASP A 550 37.02 23.53 -54.01
C ASP A 550 36.07 24.49 -54.74
N CYS A 551 36.35 24.74 -56.02
CA CYS A 551 35.57 25.64 -56.87
C CYS A 551 34.07 25.66 -56.58
N PRO A 552 33.55 26.73 -55.95
CA PRO A 552 32.11 26.83 -55.67
C PRO A 552 31.26 26.76 -56.92
N LEU A 553 31.78 27.22 -58.05
CA LEU A 553 31.05 27.17 -59.32
C LEU A 553 30.49 25.78 -59.62
N ASN A 554 31.22 24.75 -59.20
CA ASN A 554 30.78 23.36 -59.38
C ASN A 554 29.50 22.99 -58.61
N LEU A 555 29.10 23.84 -57.66
CA LEU A 555 27.80 23.72 -56.98
C LEU A 555 26.62 23.90 -57.93
N LEU A 556 26.89 24.50 -59.10
CA LEU A 556 25.83 24.84 -60.05
C LEU A 556 25.70 23.80 -61.14
N ASN A 557 26.54 22.77 -61.10
CA ASN A 557 26.53 21.70 -62.10
C ASN A 557 25.21 20.91 -62.14
N GLY A 558 24.46 20.93 -61.05
CA GLY A 558 23.12 20.34 -61.02
C GLY A 558 22.09 21.26 -61.64
N ASN A 559 20.81 20.94 -61.41
CA ASN A 559 19.71 21.77 -61.85
C ASN A 559 19.34 22.77 -60.74
N GLN A 560 20.28 23.68 -60.47
CA GLN A 560 20.12 24.69 -59.43
C GLN A 560 19.43 25.91 -60.03
N VAL A 561 18.19 26.12 -59.60
CA VAL A 561 17.32 27.12 -60.23
C VAL A 561 17.19 28.38 -59.39
N LYS A 562 17.52 28.28 -58.11
CA LYS A 562 17.42 29.41 -57.18
C LYS A 562 18.35 30.54 -57.62
N PRO A 563 17.78 31.71 -57.97
CA PRO A 563 18.52 32.81 -58.60
C PRO A 563 19.51 33.51 -57.67
N THR A 564 19.15 33.61 -56.39
CA THR A 564 20.00 34.24 -55.40
C THR A 564 21.22 33.38 -55.07
N PHE A 565 21.07 32.06 -55.20
CA PHE A 565 22.17 31.12 -54.96
C PHE A 565 23.19 31.20 -56.10
N ILE A 566 22.69 31.19 -57.33
CA ILE A 566 23.51 31.36 -58.53
C ILE A 566 24.31 32.65 -58.48
N HIS A 567 23.62 33.75 -58.19
CA HIS A 567 24.27 35.04 -58.11
C HIS A 567 25.34 35.03 -57.04
N ASN A 568 25.04 34.39 -55.90
CA ASN A 568 25.99 34.34 -54.78
C ASN A 568 27.24 33.54 -55.15
N VAL A 569 27.01 32.42 -55.83
CA VAL A 569 28.08 31.55 -56.26
C VAL A 569 28.98 32.28 -57.26
N LEU A 570 28.38 33.00 -58.19
CA LEU A 570 29.15 33.75 -59.19
C LEU A 570 29.99 34.83 -58.53
N VAL A 571 29.38 35.57 -57.61
CA VAL A 571 30.04 36.72 -56.99
C VAL A 571 31.18 36.29 -56.09
N VAL A 572 30.95 35.25 -55.28
CA VAL A 572 31.98 34.78 -54.35
C VAL A 572 33.19 34.28 -55.13
N CYS A 573 32.94 33.57 -56.23
CA CYS A 573 34.00 33.05 -57.06
C CYS A 573 34.84 34.18 -57.63
N ASP A 574 34.18 35.20 -58.15
CA ASP A 574 34.85 36.34 -58.73
C ASP A 574 35.70 37.07 -57.70
N LYS A 575 35.17 37.23 -56.50
CA LYS A 575 35.91 37.87 -55.42
C LYS A 575 37.09 37.04 -54.93
N ILE A 576 36.96 35.71 -54.97
CA ILE A 576 38.09 34.85 -54.61
C ILE A 576 39.24 35.00 -55.63
N LEU A 577 38.89 35.10 -56.90
CA LEU A 577 39.90 35.17 -57.96
C LEU A 577 40.54 36.54 -58.08
N GLU A 578 39.85 37.58 -57.62
CA GLU A 578 40.42 38.92 -57.53
C GLU A 578 41.61 38.93 -56.57
N HIS A 579 41.57 38.09 -55.53
CA HIS A 579 42.66 38.05 -54.54
C HIS A 579 43.55 36.79 -54.61
N CYS A 580 43.04 35.71 -55.19
CA CYS A 580 43.87 34.52 -55.42
C CYS A 580 43.74 34.11 -56.88
N PRO A 581 44.41 34.87 -57.77
CA PRO A 581 44.26 34.76 -59.24
C PRO A 581 44.54 33.36 -59.80
N THR A 582 45.49 32.65 -59.20
CA THR A 582 45.96 31.38 -59.73
C THR A 582 44.96 30.24 -59.52
N ARG A 583 44.03 30.40 -58.59
CA ARG A 583 42.97 29.41 -58.39
C ARG A 583 42.14 29.17 -59.65
N ALA A 584 42.12 30.17 -60.53
CA ALA A 584 41.40 30.07 -61.80
C ALA A 584 41.98 28.98 -62.70
N ASP A 585 43.30 28.84 -62.70
CA ASP A 585 43.96 27.82 -63.50
C ASP A 585 43.88 26.44 -62.86
N ILE A 586 43.75 26.41 -61.54
CA ILE A 586 43.72 25.16 -60.78
C ILE A 586 42.33 24.54 -60.78
N TRP A 587 41.29 25.37 -60.67
CA TRP A 587 39.91 24.87 -60.65
C TRP A 587 39.57 24.15 -61.94
N THR A 588 38.59 23.28 -61.88
CA THR A 588 38.08 22.65 -63.07
C THR A 588 36.59 22.96 -63.16
N ILE A 589 36.25 23.76 -64.17
CA ILE A 589 34.87 24.23 -64.37
C ILE A 589 34.21 23.65 -65.62
N ASP A 590 32.88 23.76 -65.67
CA ASP A 590 32.09 23.51 -66.85
C ASP A 590 31.95 24.86 -67.56
N ARG A 591 32.88 25.13 -68.45
CA ARG A 591 32.96 26.43 -69.11
C ARG A 591 31.72 26.80 -69.95
N PRO A 592 31.20 25.86 -70.78
CA PRO A 592 30.00 26.19 -71.56
C PRO A 592 28.79 26.55 -70.69
N MSE A 593 28.69 25.92 -69.53
CA MSE A 593 27.63 26.27 -68.58
C MSE A 593 27.77 27.71 -68.09
O MSE A 593 26.76 28.43 -67.97
CB MSE A 593 27.63 25.32 -67.40
CG MSE A 593 26.41 25.47 -66.54
SE MSE A 593 26.88 25.57 -64.66
CE MSE A 593 27.78 27.30 -64.60
N LEU A 594 28.99 28.15 -67.81
CA LEU A 594 29.24 29.51 -67.37
C LEU A 594 28.95 30.52 -68.49
N GLU A 595 29.25 30.14 -69.73
CA GLU A 595 28.96 30.99 -70.88
C GLU A 595 27.45 31.13 -71.04
N GLY A 596 26.75 30.02 -70.89
CA GLY A 596 25.29 30.02 -70.84
C GLY A 596 24.72 31.05 -69.88
N LEU A 597 25.33 31.18 -68.71
CA LEU A 597 24.87 32.13 -67.68
C LEU A 597 25.05 33.61 -68.06
N THR A 598 25.97 33.87 -68.98
CA THR A 598 26.21 35.23 -69.49
C THR A 598 24.96 35.80 -70.18
N ASN A 599 24.19 34.93 -70.82
CA ASN A 599 22.97 35.32 -71.52
C ASN A 599 21.70 34.99 -70.72
N HIS A 600 21.81 35.12 -69.39
CA HIS A 600 20.70 34.77 -68.50
C HIS A 600 19.67 35.89 -68.45
N ARG A 601 18.41 35.50 -68.28
CA ARG A 601 17.27 36.41 -68.11
C ARG A 601 17.63 37.54 -67.13
N ASN A 602 18.01 37.15 -65.91
CA ASN A 602 18.45 38.07 -64.85
C ASN A 602 19.71 38.83 -65.25
N SER A 603 19.65 40.14 -65.13
CA SER A 603 20.78 41.01 -65.50
C SER A 603 21.94 40.98 -64.51
N ASP A 604 21.62 40.80 -63.23
CA ASP A 604 22.65 40.68 -62.19
C ASP A 604 23.50 39.42 -62.41
N ILE A 605 22.81 38.30 -62.61
CA ILE A 605 23.47 37.03 -62.92
C ILE A 605 24.35 37.16 -64.15
N ALA A 606 23.78 37.69 -65.24
CA ALA A 606 24.51 37.86 -66.49
C ALA A 606 25.77 38.71 -66.32
N LYS A 607 25.67 39.80 -65.56
CA LYS A 607 26.82 40.67 -65.30
C LYS A 607 27.93 39.96 -64.51
N ALA A 608 27.53 39.20 -63.50
CA ALA A 608 28.50 38.45 -62.67
C ALA A 608 29.19 37.38 -63.49
N ALA A 609 28.40 36.69 -64.31
CA ALA A 609 28.87 35.60 -65.17
C ALA A 609 30.06 35.99 -66.04
N ASN A 610 29.92 37.05 -66.85
CA ASN A 610 31.04 37.43 -67.73
C ASN A 610 32.21 38.11 -67.02
N SER A 611 31.93 38.75 -65.90
CA SER A 611 33.01 39.23 -65.03
C SER A 611 33.85 38.06 -64.54
N LEU A 612 33.18 36.97 -64.15
CA LEU A 612 33.87 35.74 -63.72
C LEU A 612 34.54 35.02 -64.89
N LEU A 613 33.89 35.04 -66.06
CA LEU A 613 34.45 34.42 -67.27
C LEU A 613 35.85 34.93 -67.64
N SER A 614 36.04 36.25 -67.56
CA SER A 614 37.31 36.87 -67.94
C SER A 614 38.50 36.44 -67.07
N ARG A 615 38.24 35.78 -65.95
CA ARG A 615 39.30 35.35 -65.04
C ARG A 615 40.07 34.13 -65.54
N PHE A 616 39.40 33.32 -66.36
CA PHE A 616 39.92 32.00 -66.73
C PHE A 616 40.85 32.00 -67.94
N PRO A 617 41.72 30.98 -68.05
CA PRO A 617 42.51 30.86 -69.27
C PRO A 617 41.62 30.76 -70.52
N GLU A 618 42.20 31.04 -71.69
CA GLU A 618 41.45 31.00 -72.94
C GLU A 618 41.20 29.56 -73.41
N ASN A 619 42.10 28.66 -73.00
CA ASN A 619 42.04 27.22 -73.29
C ASN A 619 40.98 26.78 -74.30
N MSE B 1 30.06 24.14 -1.89
CA MSE B 1 29.60 23.48 -0.64
C MSE B 1 28.80 22.20 -0.86
O MSE B 1 27.70 22.22 -1.44
CB MSE B 1 28.75 24.45 0.19
CG MSE B 1 29.50 25.12 1.31
SE MSE B 1 28.39 25.23 2.91
CE MSE B 1 26.93 26.37 2.25
N ASN B 2 29.35 21.09 -0.39
CA ASN B 2 28.66 19.80 -0.43
C ASN B 2 27.60 19.65 0.67
N ILE B 3 26.77 18.62 0.55
CA ILE B 3 25.71 18.33 1.53
C ILE B 3 26.21 18.29 2.97
N THR B 4 27.38 17.70 3.18
CA THR B 4 27.98 17.54 4.51
C THR B 4 28.35 18.89 5.12
N GLN B 5 28.97 19.76 4.33
CA GLN B 5 29.39 21.08 4.81
C GLN B 5 28.20 21.97 5.16
N ALA B 6 27.15 21.90 4.34
CA ALA B 6 25.93 22.71 4.53
C ALA B 6 25.14 22.32 5.78
N ALA B 7 25.04 21.02 6.04
CA ALA B 7 24.41 20.50 7.25
C ALA B 7 25.17 20.95 8.49
N GLU B 8 26.50 20.84 8.42
CA GLU B 8 27.38 21.30 9.48
C GLU B 8 27.17 22.78 9.76
N GLN B 9 27.08 23.57 8.69
CA GLN B 9 26.84 25.00 8.82
C GLN B 9 25.48 25.26 9.47
N ALA B 10 24.47 24.53 9.02
CA ALA B 10 23.10 24.63 9.58
C ALA B 10 23.07 24.37 11.09
N ILE B 11 23.71 23.27 11.48
CA ILE B 11 23.84 22.87 12.89
C ILE B 11 24.53 23.95 13.73
N ARG B 12 25.62 24.54 13.18
CA ARG B 12 26.35 25.63 13.87
C ARG B 12 25.55 26.91 14.03
N LEU B 13 24.85 27.32 12.97
CA LEU B 13 24.20 28.63 12.93
C LEU B 13 22.78 28.65 13.47
N TRP B 14 22.13 27.48 13.53
CA TRP B 14 20.72 27.39 13.94
C TRP B 14 20.33 28.44 14.99
N PHE B 15 20.99 28.41 16.14
CA PHE B 15 20.57 29.22 17.29
C PHE B 15 20.91 30.73 17.21
N ASN B 16 21.64 31.11 16.17
CA ASN B 16 21.90 32.51 15.87
C ASN B 16 21.02 33.02 14.73
N THR B 17 20.37 32.10 14.02
CA THR B 17 19.59 32.38 12.81
C THR B 17 18.07 32.36 13.04
N PRO B 18 17.50 33.46 13.57
CA PRO B 18 16.09 33.43 13.99
C PRO B 18 15.09 33.69 12.86
N ASP B 19 15.57 33.75 11.61
CA ASP B 19 14.71 33.96 10.46
C ASP B 19 13.93 32.68 10.08
N PRO B 20 12.58 32.75 10.19
CA PRO B 20 11.64 31.66 10.00
C PRO B 20 12.01 30.68 8.88
N MSE B 21 12.37 31.15 7.71
CA MSE B 21 12.71 30.15 6.70
C MSE B 21 14.08 30.11 6.11
O MSE B 21 14.31 29.53 5.05
CB MSE B 21 11.62 29.99 5.65
CG MSE B 21 11.40 31.14 4.70
SE MSE B 21 9.72 30.51 3.92
CE MSE B 21 8.50 31.32 5.23
N GLN B 22 15.03 30.70 6.84
CA GLN B 22 16.37 30.19 6.75
C GLN B 22 16.33 28.90 7.58
N ARG B 23 15.49 28.90 8.61
CA ARG B 23 15.26 27.73 9.47
C ARG B 23 14.69 26.55 8.70
N LEU B 24 13.63 26.79 7.96
CA LEU B 24 13.06 25.78 7.07
C LEU B 24 14.12 25.23 6.13
N HIS B 25 14.95 26.10 5.54
CA HIS B 25 16.01 25.64 4.64
C HIS B 25 17.04 24.81 5.38
N MSE B 26 17.44 25.26 6.57
CA MSE B 26 18.37 24.53 7.43
C MSE B 26 17.84 23.14 7.84
O MSE B 26 18.58 22.15 7.76
CB MSE B 26 18.72 25.34 8.67
CG MSE B 26 19.65 26.51 8.38
SE MSE B 26 20.12 27.50 9.98
CE MSE B 26 18.39 28.22 10.54
N ALA B 27 16.58 23.09 8.28
CA ALA B 27 15.94 21.82 8.61
C ALA B 27 16.01 20.83 7.45
N LYS B 28 15.67 21.29 6.24
CA LYS B 28 15.70 20.44 5.05
C LYS B 28 17.10 19.93 4.76
N THR B 29 18.08 20.82 4.89
CA THR B 29 19.49 20.49 4.70
C THR B 29 19.92 19.38 5.64
N ILE B 30 19.61 19.53 6.91
CA ILE B 30 19.99 18.54 7.94
C ILE B 30 19.33 17.18 7.68
N ARG B 31 18.06 17.18 7.29
CA ARG B 31 17.35 15.94 7.02
C ARG B 31 17.97 15.16 5.86
N THR B 32 18.26 15.87 4.78
CA THR B 32 18.85 15.29 3.57
C THR B 32 20.19 14.61 3.89
N TRP B 33 21.03 15.31 4.67
CA TRP B 33 22.31 14.78 5.12
C TRP B 33 22.14 13.48 5.89
N ILE B 34 21.19 13.47 6.82
CA ILE B 34 20.92 12.27 7.61
C ILE B 34 20.39 11.14 6.73
N ARG B 35 19.56 11.49 5.75
CA ARG B 35 19.03 10.52 4.80
C ARG B 35 20.11 9.82 3.99
N GLN B 36 21.11 10.59 3.55
CA GLN B 36 22.11 10.11 2.59
C GLN B 36 23.36 9.50 3.26
N ASP B 37 24.05 10.29 4.08
CA ASP B 37 25.26 9.82 4.76
C ASP B 37 24.96 8.83 5.90
N LYS B 38 23.75 8.93 6.46
CA LYS B 38 23.36 8.16 7.65
C LYS B 38 24.41 8.22 8.78
N PHE B 39 25.00 9.41 8.97
CA PHE B 39 25.99 9.69 10.02
C PHE B 39 27.38 9.05 9.83
N ALA B 40 27.49 8.08 8.98
CA ALA B 40 28.69 7.32 8.63
C ALA B 40 29.95 8.06 9.03
N GLN B 41 30.21 9.23 8.49
CA GLN B 41 31.49 9.93 8.58
C GLN B 41 31.70 10.79 9.83
N VAL B 42 30.95 10.51 10.90
CA VAL B 42 31.11 11.27 12.15
C VAL B 42 32.04 10.55 13.13
N ASP B 43 32.85 11.33 13.85
CA ASP B 43 33.74 10.82 14.89
C ASP B 43 32.92 10.28 16.07
N GLN B 44 33.17 9.03 16.44
CA GLN B 44 32.40 8.33 17.49
C GLN B 44 32.40 9.04 18.85
N ALA B 45 33.43 9.86 19.09
CA ALA B 45 33.51 10.62 20.34
C ALA B 45 32.75 11.95 20.28
N ASN B 46 32.52 12.44 19.06
CA ASN B 46 31.74 13.68 18.87
C ASN B 46 30.23 13.42 18.77
N MSE B 47 29.88 12.14 18.59
CA MSE B 47 28.51 11.69 18.33
C MSE B 47 27.46 12.09 19.40
O MSE B 47 26.40 12.60 19.03
CB MSE B 47 28.50 10.19 18.07
CG MSE B 47 27.21 9.68 17.48
SE MSE B 47 27.07 9.92 15.55
CE MSE B 47 28.47 8.65 15.00
N PRO B 48 27.73 11.84 20.70
CA PRO B 48 26.83 12.35 21.75
C PRO B 48 26.46 13.84 21.64
N ASN B 49 27.43 14.68 21.30
CA ASN B 49 27.20 16.11 21.11
C ASN B 49 26.41 16.40 19.83
N CYS B 50 26.70 15.62 18.79
CA CYS B 50 26.04 15.75 17.50
C CYS B 50 24.54 15.54 17.66
N VAL B 51 24.18 14.40 18.25
CA VAL B 51 22.80 14.02 18.51
C VAL B 51 22.10 15.06 19.40
N GLN B 52 22.74 15.47 20.49
CA GLN B 52 22.11 16.42 21.40
C GLN B 52 21.81 17.76 20.73
N GLN B 53 22.74 18.20 19.87
CA GLN B 53 22.55 19.44 19.11
C GLN B 53 21.36 19.32 18.18
N ILE B 54 21.32 18.24 17.38
CA ILE B 54 20.21 18.00 16.45
C ILE B 54 18.88 17.90 17.21
N LEU B 55 18.90 17.25 18.38
CA LEU B 55 17.69 17.09 19.16
C LEU B 55 17.22 18.42 19.70
N ASN B 56 18.17 19.24 20.15
CA ASN B 56 17.84 20.58 20.64
C ASN B 56 17.26 21.44 19.53
N ILE B 57 17.79 21.26 18.32
CA ILE B 57 17.30 21.96 17.15
C ILE B 57 15.85 21.49 16.89
N ILE B 58 15.64 20.18 16.93
CA ILE B 58 14.29 19.64 16.77
C ILE B 58 13.30 20.26 17.76
N TYR B 59 13.66 20.22 19.05
CA TYR B 59 12.81 20.77 20.10
C TYR B 59 12.61 22.26 19.85
N ASP B 60 13.70 22.98 19.61
CA ASP B 60 13.62 24.41 19.33
C ASP B 60 12.69 24.67 18.12
N GLY B 61 12.88 23.89 17.07
CA GLY B 61 12.04 23.96 15.87
C GLY B 61 10.55 23.79 16.13
N LEU B 62 10.21 22.96 17.11
CA LEU B 62 8.83 22.64 17.47
C LEU B 62 8.13 23.72 18.29
N LYS B 63 8.92 24.59 18.92
CA LYS B 63 8.38 25.70 19.71
C LYS B 63 7.72 26.73 18.80
N PRO B 64 6.67 27.42 19.30
CA PRO B 64 6.07 28.44 18.46
C PRO B 64 6.87 29.75 18.54
N GLN B 65 6.84 30.54 17.47
CA GLN B 65 7.60 31.78 17.39
C GLN B 65 6.67 32.98 17.52
N PRO B 66 7.14 34.07 18.15
CA PRO B 66 6.34 35.29 18.35
C PRO B 66 5.68 35.80 17.05
N VAL B 67 6.46 35.80 15.96
CA VAL B 67 5.95 36.08 14.61
C VAL B 67 4.81 35.12 14.26
N GLN B 68 3.66 35.68 13.88
CA GLN B 68 2.52 34.87 13.43
C GLN B 68 2.79 34.35 12.01
N LEU B 69 2.79 33.02 11.87
CA LEU B 69 3.10 32.36 10.61
C LEU B 69 1.99 31.40 10.19
N PRO B 70 1.84 31.14 8.88
CA PRO B 70 0.80 30.21 8.42
C PRO B 70 1.05 28.75 8.82
N ILE B 71 -0.04 28.00 9.02
CA ILE B 71 0.01 26.59 9.37
C ILE B 71 0.80 25.76 8.35
N SER B 72 0.69 26.14 7.08
CA SER B 72 1.44 25.49 5.99
C SER B 72 2.94 25.54 6.25
N TYR B 73 3.39 26.59 6.91
CA TYR B 73 4.79 26.75 7.20
C TYR B 73 5.23 25.77 8.30
N TYR B 74 4.58 25.83 9.46
CA TYR B 74 4.86 24.95 10.58
C TYR B 74 4.80 23.47 10.19
N ALA B 75 3.74 23.07 9.51
CA ALA B 75 3.62 21.71 8.97
C ALA B 75 4.83 21.30 8.14
N GLN B 76 5.34 22.22 7.34
CA GLN B 76 6.48 21.91 6.49
C GLN B 76 7.78 21.79 7.30
N LEU B 77 7.93 22.66 8.30
CA LEU B 77 9.10 22.67 9.15
C LEU B 77 9.11 21.43 10.05
N TRP B 78 7.96 21.18 10.66
CA TRP B 78 7.81 20.10 11.60
C TRP B 78 7.94 18.75 10.90
N TYR B 79 7.38 18.64 9.70
CA TYR B 79 7.52 17.38 8.97
C TYR B 79 8.99 17.03 8.79
N ASN B 80 9.83 18.01 8.48
CA ASN B 80 11.24 17.72 8.26
C ASN B 80 11.93 17.31 9.57
N LEU B 81 11.64 18.05 10.64
CA LEU B 81 12.21 17.75 11.96
C LEU B 81 11.68 16.43 12.58
N LEU B 82 10.40 16.14 12.39
CA LEU B 82 9.85 14.89 12.92
C LEU B 82 10.38 13.70 12.14
N ASP B 83 10.70 13.93 10.87
CA ASP B 83 11.28 12.87 10.04
C ASP B 83 12.71 12.55 10.48
N ILE B 84 13.43 13.55 10.97
CA ILE B 84 14.73 13.31 11.58
C ILE B 84 14.52 12.49 12.87
N LEU B 85 13.69 12.99 13.77
CA LEU B 85 13.42 12.31 15.03
C LEU B 85 13.08 10.85 14.79
N ARG B 86 12.18 10.60 13.85
CA ARG B 86 11.77 9.25 13.50
C ARG B 86 12.97 8.43 13.10
N ARG B 87 13.83 8.97 12.26
CA ARG B 87 15.03 8.25 11.84
C ARG B 87 15.99 7.97 13.01
N PHE B 88 16.06 8.89 13.97
CA PHE B 88 16.83 8.67 15.18
C PHE B 88 16.29 7.51 16.01
N THR B 89 15.03 7.15 15.78
CA THR B 89 14.40 6.10 16.58
C THR B 89 14.61 4.70 16.00
N PHE B 90 15.08 4.59 14.75
CA PHE B 90 15.36 3.27 14.20
C PHE B 90 16.74 3.08 13.59
N LEU B 91 17.53 4.15 13.50
CA LEU B 91 18.82 4.06 12.80
C LEU B 91 19.86 3.33 13.62
N PRO B 92 20.28 2.12 13.16
CA PRO B 92 21.23 1.28 13.93
C PRO B 92 22.32 2.09 14.63
N ILE B 93 22.94 3.00 13.89
CA ILE B 93 24.06 3.80 14.40
C ILE B 93 23.70 4.72 15.58
N ILE B 94 22.42 5.12 15.64
CA ILE B 94 21.94 6.04 16.68
C ILE B 94 21.65 5.31 17.99
N SER B 95 21.24 4.04 17.89
CA SER B 95 20.75 3.29 19.07
C SER B 95 21.50 3.50 20.40
N PRO B 96 22.85 3.47 20.40
CA PRO B 96 23.52 3.69 21.69
C PRO B 96 23.22 5.04 22.39
N TYR B 97 22.71 6.01 21.64
CA TYR B 97 22.42 7.36 22.17
C TYR B 97 20.91 7.62 22.34
N ILE B 98 20.14 6.51 22.28
CA ILE B 98 18.68 6.56 22.33
C ILE B 98 18.13 7.09 23.65
N HIS B 99 18.91 7.00 24.71
CA HIS B 99 18.50 7.55 26.01
C HIS B 99 18.41 9.08 25.96
N GLN B 100 19.20 9.70 25.08
CA GLN B 100 19.07 11.14 24.82
C GLN B 100 17.70 11.43 24.22
N VAL B 101 17.30 10.66 23.20
CA VAL B 101 15.94 10.72 22.68
C VAL B 101 14.89 10.60 23.80
N VAL B 102 14.96 9.52 24.59
CA VAL B 102 14.02 9.34 25.70
C VAL B 102 14.06 10.49 26.71
N GLN B 103 15.27 10.94 27.06
CA GLN B 103 15.44 12.10 27.97
C GLN B 103 14.66 13.34 27.54
N MSE B 104 14.49 13.52 26.22
CA MSE B 104 13.80 14.68 25.66
C MSE B 104 12.35 14.73 26.11
O MSE B 104 11.80 15.81 26.31
CB MSE B 104 13.86 14.65 24.13
CG MSE B 104 14.21 16.00 23.53
SE MSE B 104 15.91 16.65 24.26
CE MSE B 104 17.03 15.21 23.59
N PHE B 105 11.75 13.57 26.29
CA PHE B 105 10.38 13.43 26.76
C PHE B 105 10.24 13.76 28.23
N CYS B 106 11.36 13.78 28.95
CA CYS B 106 11.38 14.10 30.36
C CYS B 106 10.79 15.48 30.68
N PRO B 107 9.78 15.53 31.57
CA PRO B 107 9.14 16.79 31.94
C PRO B 107 10.11 17.73 32.68
N ARG B 108 9.94 19.03 32.49
CA ARG B 108 10.76 20.04 33.16
C ARG B 108 9.90 21.20 33.67
N GLU B 109 9.20 21.90 32.77
CA GLU B 109 8.28 22.97 33.19
C GLU B 109 6.89 22.44 33.59
N ASN B 110 6.69 21.12 33.48
CA ASN B 110 5.39 20.46 33.72
C ASN B 110 4.19 21.24 33.13
N GLY B 111 4.38 21.77 31.92
CA GLY B 111 3.40 22.60 31.22
C GLY B 111 3.58 22.60 29.70
N PRO B 112 2.87 23.49 28.98
CA PRO B 112 2.77 23.50 27.50
C PRO B 112 4.06 23.71 26.69
N GLN B 113 5.16 24.07 27.35
CA GLN B 113 6.44 24.34 26.68
C GLN B 113 7.37 23.12 26.64
N ASP B 114 7.01 22.08 27.39
CA ASP B 114 7.79 20.85 27.46
C ASP B 114 7.64 20.03 26.19
N PHE B 115 8.76 19.46 25.74
CA PHE B 115 8.83 18.66 24.52
C PHE B 115 7.62 17.70 24.39
N ARG B 116 7.35 16.93 25.44
CA ARG B 116 6.30 15.93 25.42
C ARG B 116 4.91 16.55 25.15
N GLU B 117 4.68 17.77 25.62
CA GLU B 117 3.40 18.46 25.35
C GLU B 117 3.31 18.99 23.93
N LEU B 118 4.47 19.23 23.31
CA LEU B 118 4.49 19.69 21.95
C LEU B 118 4.18 18.50 21.06
N ILE B 119 4.91 17.41 21.31
CA ILE B 119 4.72 16.15 20.60
C ILE B 119 3.27 15.66 20.73
N CYS B 120 2.80 15.59 21.97
CA CYS B 120 1.45 15.12 22.24
C CYS B 120 0.39 15.96 21.52
N ASN B 121 0.60 17.27 21.45
CA ASN B 121 -0.31 18.15 20.72
C ASN B 121 -0.42 17.82 19.24
N LEU B 122 0.64 17.29 18.66
CA LEU B 122 0.64 16.97 17.23
C LEU B 122 -0.27 15.79 16.87
N ILE B 123 -0.55 14.89 17.81
CA ILE B 123 -1.47 13.78 17.53
C ILE B 123 -2.90 14.06 17.97
N SER B 124 -3.16 15.30 18.38
CA SER B 124 -4.51 15.77 18.63
C SER B 124 -5.43 15.40 17.47
N LEU B 125 -6.63 14.92 17.81
CA LEU B 125 -7.62 14.50 16.83
C LEU B 125 -7.98 15.61 15.86
N ASN B 126 -8.02 16.85 16.33
CA ASN B 126 -8.42 17.94 15.45
C ASN B 126 -7.45 18.23 14.30
N TRP B 127 -6.19 17.84 14.45
CA TRP B 127 -5.23 17.89 13.35
C TRP B 127 -5.46 16.79 12.31
N GLN B 128 -6.33 15.82 12.61
CA GLN B 128 -6.59 14.69 11.70
C GLN B 128 -7.39 15.11 10.48
N LYS B 129 -7.95 16.32 10.55
CA LYS B 129 -8.77 16.86 9.48
C LYS B 129 -8.08 18.02 8.75
N ASP B 130 -6.93 18.46 9.25
CA ASP B 130 -6.15 19.51 8.59
C ASP B 130 -5.25 18.87 7.55
N PRO B 131 -5.38 19.30 6.28
CA PRO B 131 -4.67 18.64 5.17
C PRO B 131 -3.14 18.76 5.23
N HIS B 132 -2.64 19.80 5.92
CA HIS B 132 -1.19 19.94 6.11
C HIS B 132 -0.71 19.15 7.33
N MSE B 133 -1.37 19.37 8.47
CA MSE B 133 -0.93 18.83 9.75
C MSE B 133 -1.12 17.33 9.97
O MSE B 133 -0.44 16.75 10.81
CB MSE B 133 -1.57 19.64 10.86
CG MSE B 133 -0.89 20.97 11.07
SE MSE B 133 0.92 20.70 11.77
CE MSE B 133 0.38 20.32 13.61
N LYS B 134 -2.01 16.69 9.21
CA LYS B 134 -2.27 15.27 9.40
C LYS B 134 -1.01 14.43 9.16
N HIS B 135 -0.16 14.86 8.26
CA HIS B 135 1.07 14.14 7.97
C HIS B 135 2.09 14.16 9.10
N CYS B 136 2.05 15.19 9.94
CA CYS B 136 2.90 15.26 11.12
C CYS B 136 2.41 14.28 12.18
N ALA B 137 1.10 14.21 12.36
CA ALA B 137 0.50 13.20 13.24
C ALA B 137 1.03 11.79 12.95
N ASN B 138 0.96 11.37 11.69
CA ASN B 138 1.43 10.05 11.29
C ASN B 138 2.88 9.81 11.61
N GLN B 139 3.70 10.86 11.48
CA GLN B 139 5.10 10.80 11.87
C GLN B 139 5.23 10.52 13.36
N VAL B 140 4.46 11.26 14.16
CA VAL B 140 4.53 11.14 15.60
C VAL B 140 4.07 9.76 16.10
N PHE B 141 3.08 9.17 15.43
CA PHE B 141 2.62 7.82 15.75
C PHE B 141 3.69 6.79 15.39
N GLN B 142 4.30 6.93 14.23
CA GLN B 142 5.45 6.09 13.86
C GLN B 142 6.61 6.25 14.84
N ILE B 143 6.77 7.44 15.44
CA ILE B 143 7.85 7.68 16.40
C ILE B 143 7.60 6.88 17.69
N PHE B 144 6.40 7.00 18.25
CA PHE B 144 5.98 6.16 19.38
C PHE B 144 6.16 4.67 19.09
N ASN B 145 5.67 4.24 17.93
CA ASN B 145 5.78 2.85 17.51
C ASN B 145 7.22 2.37 17.53
N CYS B 146 8.13 3.18 16.99
CA CYS B 146 9.54 2.82 16.97
C CYS B 146 10.18 2.72 18.35
N ILE B 147 9.91 3.70 19.21
CA ILE B 147 10.46 3.70 20.56
C ILE B 147 9.93 2.51 21.39
N ILE B 148 8.67 2.14 21.16
CA ILE B 148 8.01 1.07 21.90
C ILE B 148 8.40 -0.32 21.37
N MSE B 149 8.48 -0.46 20.05
CA MSE B 149 8.82 -1.77 19.48
C MSE B 149 10.32 -1.95 19.39
O MSE B 149 10.80 -2.99 18.92
CB MSE B 149 8.19 -1.96 18.08
CG MSE B 149 6.68 -1.79 18.02
SE MSE B 149 5.73 -2.95 19.28
CE MSE B 149 6.14 -4.69 18.46
N GLY B 150 11.08 -0.95 19.83
CA GLY B 150 12.50 -0.91 19.54
C GLY B 150 13.43 -0.96 20.72
N VAL B 151 13.23 -0.08 21.69
CA VAL B 151 14.18 0.03 22.80
C VAL B 151 14.11 -1.19 23.72
N LYS B 152 15.29 -1.79 23.99
CA LYS B 152 15.38 -3.03 24.75
C LYS B 152 15.74 -2.84 26.22
N ASN B 153 16.58 -1.85 26.52
CA ASN B 153 16.92 -1.52 27.92
C ASN B 153 15.67 -1.26 28.76
N GLU B 154 15.38 -2.20 29.65
CA GLU B 154 14.17 -2.16 30.48
C GLU B 154 14.03 -0.89 31.31
N LYS B 155 15.15 -0.33 31.76
CA LYS B 155 15.13 0.90 32.55
C LYS B 155 14.75 2.10 31.68
N LEU B 156 15.14 2.03 30.41
CA LEU B 156 14.79 3.06 29.46
C LEU B 156 13.30 2.96 29.14
N ARG B 157 12.82 1.74 28.95
CA ARG B 157 11.38 1.48 28.84
C ARG B 157 10.56 2.05 30.00
N THR B 158 11.01 1.83 31.23
CA THR B 158 10.29 2.29 32.42
C THR B 158 10.25 3.82 32.50
N GLU B 159 11.36 4.45 32.15
CA GLU B 159 11.43 5.91 32.15
C GLU B 159 10.51 6.46 31.07
N PHE B 160 10.56 5.88 29.87
CA PHE B 160 9.67 6.32 28.80
C PHE B 160 8.19 6.26 29.23
N ALA B 161 7.79 5.10 29.75
CA ALA B 161 6.43 4.91 30.27
C ALA B 161 6.04 5.98 31.27
N GLN B 162 6.95 6.28 32.20
CA GLN B 162 6.72 7.32 33.21
C GLN B 162 6.57 8.72 32.58
N HIS B 163 7.40 9.04 31.58
CA HIS B 163 7.30 10.32 30.87
C HIS B 163 5.96 10.47 30.17
N LEU B 164 5.48 9.36 29.59
CA LEU B 164 4.19 9.29 28.88
C LEU B 164 2.95 9.43 29.74
N LYS B 165 3.08 9.25 31.05
CA LYS B 165 1.90 9.26 31.91
C LYS B 165 1.52 10.65 32.42
N PHE B 166 0.77 11.39 31.62
CA PHE B 166 0.24 12.67 32.06
C PHE B 166 -1.13 12.93 31.43
N GLU B 167 -1.96 13.71 32.13
CA GLU B 167 -3.37 13.89 31.74
C GLU B 167 -3.57 14.30 30.29
N LYS B 168 -2.67 15.13 29.77
CA LYS B 168 -2.84 15.63 28.42
C LYS B 168 -2.72 14.53 27.37
N LEU B 169 -1.72 13.67 27.52
CA LEU B 169 -1.53 12.55 26.60
C LEU B 169 -2.66 11.51 26.62
N VAL B 170 -3.05 11.07 27.81
CA VAL B 170 -4.11 10.07 27.93
C VAL B 170 -5.46 10.64 27.45
N GLY B 171 -5.69 11.92 27.71
CA GLY B 171 -6.88 12.61 27.23
C GLY B 171 -6.89 12.74 25.72
N THR B 172 -5.71 12.89 25.13
CA THR B 172 -5.59 13.10 23.69
C THR B 172 -5.89 11.78 22.99
N LEU B 173 -5.31 10.70 23.51
CA LEU B 173 -5.54 9.35 22.99
C LEU B 173 -7.01 8.90 23.09
N SER B 174 -7.64 9.10 24.24
CA SER B 174 -9.03 8.70 24.46
C SER B 174 -10.04 9.43 23.60
N GLU B 175 -9.65 10.60 23.10
CA GLU B 175 -10.52 11.38 22.24
C GLU B 175 -10.81 10.61 20.93
N TYR B 176 -9.86 9.76 20.51
CA TYR B 176 -10.06 8.87 19.37
C TYR B 176 -11.12 7.80 19.62
N PHE B 177 -11.47 7.59 20.88
CA PHE B 177 -12.45 6.58 21.24
C PHE B 177 -13.83 7.19 21.49
N ASN B 178 -13.97 8.48 21.24
CA ASN B 178 -15.27 9.13 21.38
C ASN B 178 -16.27 8.60 20.36
N PRO B 179 -17.55 8.51 20.76
CA PRO B 179 -18.60 7.91 19.93
C PRO B 179 -18.85 8.58 18.58
N GLN B 180 -18.56 9.88 18.46
CA GLN B 180 -18.80 10.60 17.19
C GLN B 180 -17.65 10.51 16.17
N VAL B 181 -16.56 9.85 16.54
CA VAL B 181 -15.38 9.68 15.69
C VAL B 181 -15.52 8.41 14.85
N HIS B 182 -15.30 8.53 13.55
CA HIS B 182 -15.35 7.41 12.64
C HIS B 182 -14.16 6.48 12.92
N PRO B 183 -14.43 5.19 13.19
CA PRO B 183 -13.35 4.26 13.55
C PRO B 183 -12.22 4.19 12.52
N GLY B 184 -12.45 4.67 11.30
CA GLY B 184 -11.42 4.75 10.27
C GLY B 184 -10.35 5.77 10.63
N MSE B 185 -10.65 6.59 11.63
CA MSE B 185 -9.74 7.60 12.16
C MSE B 185 -8.72 7.06 13.16
O MSE B 185 -7.71 7.71 13.42
CB MSE B 185 -10.57 8.66 12.88
CG MSE B 185 -10.05 10.06 12.66
SE MSE B 185 -10.67 10.68 10.94
CE MSE B 185 -12.54 11.08 11.48
N ILE B 186 -9.00 5.89 13.73
CA ILE B 186 -8.17 5.36 14.81
C ILE B 186 -6.92 4.73 14.25
N ASN B 187 -5.81 5.43 14.42
CA ASN B 187 -4.49 4.95 14.04
C ASN B 187 -4.10 3.74 14.93
N PRO B 188 -3.65 2.64 14.31
CA PRO B 188 -3.25 1.42 15.05
C PRO B 188 -2.27 1.68 16.19
N ALA B 189 -1.42 2.70 16.05
CA ALA B 189 -0.47 3.05 17.12
C ALA B 189 -1.13 3.48 18.42
N ILE B 190 -2.34 4.01 18.37
CA ILE B 190 -3.07 4.32 19.60
C ILE B 190 -3.12 3.08 20.52
N PHE B 191 -3.34 1.91 19.93
CA PHE B 191 -3.42 0.66 20.70
C PHE B 191 -2.07 0.23 21.25
N ILE B 192 -1.01 0.40 20.47
CA ILE B 192 0.35 0.12 20.91
C ILE B 192 0.69 0.96 22.15
N ILE B 193 0.26 2.23 22.15
CA ILE B 193 0.63 3.16 23.22
C ILE B 193 -0.11 2.88 24.54
N PHE B 194 -1.44 2.72 24.45
CA PHE B 194 -2.24 2.33 25.62
C PHE B 194 -1.70 1.05 26.28
N ARG B 195 -1.40 0.06 25.46
CA ARG B 195 -0.84 -1.19 25.96
C ARG B 195 0.47 -0.96 26.72
N PHE B 196 1.28 -0.05 26.19
CA PHE B 196 2.57 0.27 26.77
C PHE B 196 2.46 0.99 28.13
N ILE B 197 1.55 1.96 28.23
CA ILE B 197 1.42 2.70 29.49
C ILE B 197 0.63 1.96 30.57
N ILE B 198 -0.24 1.07 30.14
CA ILE B 198 -1.12 0.32 31.03
C ILE B 198 -0.36 -0.86 31.61
N SER B 199 0.63 -1.35 30.87
CA SER B 199 1.39 -2.54 31.24
C SER B 199 1.91 -2.47 32.67
N LYS B 200 1.49 -3.47 33.45
CA LYS B 200 1.75 -3.60 34.89
C LYS B 200 1.58 -2.31 35.70
N ASP B 201 0.58 -1.51 35.32
CA ASP B 201 0.18 -0.38 36.13
C ASP B 201 -1.29 -0.53 36.50
N THR B 202 -1.57 -1.49 37.37
CA THR B 202 -2.94 -1.79 37.81
C THR B 202 -3.73 -0.53 38.12
N ARG B 203 -3.03 0.46 38.68
CA ARG B 203 -3.66 1.69 39.16
C ARG B 203 -4.23 2.51 38.00
N LEU B 204 -3.53 2.47 36.87
CA LEU B 204 -3.93 3.21 35.68
C LEU B 204 -5.10 2.52 34.97
N LYS B 205 -5.06 1.18 34.94
CA LYS B 205 -6.19 0.37 34.52
C LYS B 205 -7.50 0.78 35.19
N ASP B 206 -7.49 0.85 36.52
CA ASP B 206 -8.69 1.24 37.27
C ASP B 206 -9.09 2.67 36.98
N TYR B 207 -8.09 3.52 36.78
CA TYR B 207 -8.36 4.92 36.48
C TYR B 207 -9.03 5.02 35.11
N PHE B 208 -8.51 4.27 34.14
CA PHE B 208 -9.11 4.24 32.81
C PHE B 208 -10.53 3.71 32.79
N ILE B 209 -10.80 2.70 33.61
CA ILE B 209 -12.10 2.06 33.69
C ILE B 209 -13.08 2.94 34.47
N TRP B 210 -12.65 3.40 35.64
CA TRP B 210 -13.58 3.93 36.62
C TRP B 210 -13.58 5.45 36.78
N ASN B 211 -12.45 6.10 36.51
CA ASN B 211 -12.32 7.54 36.78
C ASN B 211 -12.58 7.88 38.26
N ASN B 212 -12.06 7.04 39.15
CA ASN B 212 -12.26 7.21 40.60
C ASN B 212 -13.73 7.23 41.04
N ASN B 213 -14.61 6.64 40.22
CA ASN B 213 -15.98 6.33 40.62
C ASN B 213 -16.10 4.99 41.34
N PRO B 214 -17.21 4.77 42.06
CA PRO B 214 -17.40 3.51 42.79
C PRO B 214 -17.54 2.30 41.86
N HIS B 215 -16.84 1.22 42.19
CA HIS B 215 -16.79 0.00 41.39
C HIS B 215 -18.10 -0.77 41.31
N ASP B 216 -19.09 -0.37 42.10
CA ASP B 216 -20.41 -1.01 42.10
C ASP B 216 -21.37 -0.31 41.13
N GLN B 217 -21.05 0.94 40.81
CA GLN B 217 -21.85 1.77 39.91
C GLN B 217 -21.58 1.41 38.45
N PRO B 218 -22.41 1.95 37.52
CA PRO B 218 -22.12 1.71 36.10
C PRO B 218 -20.85 2.45 35.70
N PRO B 219 -19.93 1.75 35.00
CA PRO B 219 -18.71 2.41 34.55
C PRO B 219 -19.02 3.70 33.80
N PRO B 220 -18.24 4.76 34.07
CA PRO B 220 -18.53 6.09 33.53
C PRO B 220 -18.34 6.13 32.01
N PRO B 221 -19.23 6.86 31.32
CA PRO B 221 -19.13 7.16 29.90
C PRO B 221 -17.78 7.75 29.50
N THR B 222 -17.06 8.32 30.47
CA THR B 222 -15.72 8.84 30.24
C THR B 222 -14.68 7.72 30.22
N GLY B 223 -15.05 6.57 30.80
CA GLY B 223 -14.11 5.46 30.96
C GLY B 223 -13.99 4.58 29.73
N LEU B 224 -13.00 3.71 29.73
CA LEU B 224 -12.70 2.94 28.54
C LEU B 224 -13.62 1.75 28.25
N ILE B 225 -14.43 1.34 29.22
CA ILE B 225 -15.34 0.23 28.96
C ILE B 225 -16.45 0.66 28.02
N ILE B 226 -17.13 1.77 28.34
CA ILE B 226 -18.20 2.29 27.51
C ILE B 226 -17.64 2.72 26.14
N LYS B 227 -16.50 3.37 26.16
CA LYS B 227 -15.88 3.84 24.93
C LYS B 227 -15.47 2.71 24.02
N LEU B 228 -14.72 1.75 24.55
CA LEU B 228 -14.24 0.62 23.76
C LEU B 228 -15.37 -0.27 23.22
N ASN B 229 -16.46 -0.43 23.97
CA ASN B 229 -17.63 -1.14 23.42
C ASN B 229 -18.23 -0.44 22.21
N ALA B 230 -18.34 0.89 22.28
CA ALA B 230 -18.94 1.66 21.20
C ALA B 230 -18.05 1.64 19.93
N VAL B 231 -16.74 1.63 20.13
CA VAL B 231 -15.80 1.50 19.00
C VAL B 231 -15.93 0.12 18.33
N MSE B 232 -15.94 -0.93 19.15
CA MSE B 232 -16.17 -2.31 18.74
C MSE B 232 -17.45 -2.42 17.90
O MSE B 232 -17.43 -2.90 16.77
CB MSE B 232 -16.24 -3.17 20.00
CG MSE B 232 -16.33 -4.67 19.81
SE MSE B 232 -17.34 -5.61 21.28
CE MSE B 232 -16.33 -5.08 22.88
N ILE B 233 -18.57 -1.94 18.48
CA ILE B 233 -19.87 -1.98 17.80
C ILE B 233 -19.94 -1.08 16.58
N GLY B 234 -19.45 0.16 16.70
CA GLY B 234 -19.35 1.06 15.57
C GLY B 234 -18.61 0.45 14.40
N SER B 235 -17.45 -0.17 14.67
CA SER B 235 -16.71 -0.84 13.62
C SER B 235 -17.50 -1.98 13.04
N TYR B 236 -18.16 -2.74 13.91
CA TYR B 236 -18.97 -3.86 13.44
C TYR B 236 -20.08 -3.38 12.50
N ARG B 237 -20.79 -2.33 12.87
CA ARG B 237 -21.83 -1.78 12.01
C ARG B 237 -21.29 -1.53 10.60
N LEU B 238 -20.05 -1.06 10.50
CA LEU B 238 -19.46 -0.69 9.23
C LEU B 238 -19.01 -1.87 8.36
N ILE B 239 -18.67 -3.00 8.98
CA ILE B 239 -18.22 -4.17 8.21
C ILE B 239 -19.29 -5.24 7.99
N ALA B 240 -20.37 -5.17 8.75
CA ALA B 240 -21.30 -6.29 8.92
C ALA B 240 -21.83 -6.91 7.62
N GLY B 241 -22.25 -6.08 6.67
CA GLY B 241 -22.79 -6.61 5.42
C GLY B 241 -21.75 -6.72 4.31
N GLN B 242 -20.49 -6.78 4.69
CA GLN B 242 -19.37 -6.65 3.77
C GLN B 242 -18.75 -8.01 3.49
N ASN B 243 -18.65 -8.31 2.19
CA ASN B 243 -18.17 -9.59 1.73
C ASN B 243 -16.71 -9.83 2.11
N PRO B 244 -16.47 -10.82 2.98
CA PRO B 244 -15.11 -11.16 3.40
C PRO B 244 -14.19 -11.57 2.25
N GLU B 245 -14.77 -11.93 1.11
CA GLU B 245 -13.99 -12.31 -0.09
C GLU B 245 -13.18 -11.14 -0.65
N THR B 246 -13.71 -9.93 -0.50
CA THR B 246 -13.05 -8.73 -0.96
C THR B 246 -11.82 -8.34 -0.14
N LEU B 247 -11.60 -9.02 0.99
CA LEU B 247 -10.55 -8.62 1.94
C LEU B 247 -9.22 -8.22 1.33
N PRO B 248 -8.62 -9.08 0.47
CA PRO B 248 -7.26 -8.77 0.00
C PRO B 248 -7.16 -7.45 -0.77
N GLN B 249 -8.28 -6.95 -1.27
CA GLN B 249 -8.32 -5.66 -1.95
C GLN B 249 -9.26 -4.65 -1.27
N ASN B 250 -9.45 -4.81 0.04
CA ASN B 250 -10.34 -3.94 0.78
C ASN B 250 -9.66 -3.42 2.03
N PRO B 251 -8.77 -2.43 1.88
CA PRO B 251 -8.02 -1.99 3.05
C PRO B 251 -8.90 -1.35 4.13
N GLU B 252 -10.03 -0.78 3.74
CA GLU B 252 -10.99 -0.23 4.70
C GLU B 252 -11.58 -1.34 5.57
N LEU B 253 -11.99 -2.44 4.96
CA LEU B 253 -12.47 -3.59 5.70
C LEU B 253 -11.35 -4.11 6.60
N ALA B 254 -10.17 -4.31 6.02
CA ALA B 254 -9.03 -4.88 6.73
C ALA B 254 -8.69 -4.07 7.97
N HIS B 255 -8.78 -2.76 7.85
CA HIS B 255 -8.49 -1.82 8.94
C HIS B 255 -9.50 -1.92 10.10
N LEU B 256 -10.79 -1.99 9.78
CA LEU B 256 -11.82 -2.09 10.81
C LEU B 256 -11.76 -3.44 11.54
N ILE B 257 -11.42 -4.50 10.82
CA ILE B 257 -11.21 -5.78 11.46
C ILE B 257 -10.08 -5.69 12.49
N GLN B 258 -8.97 -5.05 12.12
CA GLN B 258 -7.89 -4.86 13.08
C GLN B 258 -8.28 -3.96 14.28
N VAL B 259 -9.11 -2.96 14.06
CA VAL B 259 -9.60 -2.11 15.17
C VAL B 259 -10.40 -2.93 16.19
N ILE B 260 -11.23 -3.84 15.69
CA ILE B 260 -11.99 -4.73 16.55
C ILE B 260 -11.09 -5.71 17.32
N ILE B 261 -10.14 -6.32 16.62
CA ILE B 261 -9.21 -7.25 17.24
C ILE B 261 -8.40 -6.57 18.32
N ARG B 262 -7.92 -5.36 18.06
CA ARG B 262 -7.08 -4.67 19.02
C ARG B 262 -7.89 -4.13 20.21
N THR B 263 -9.15 -3.80 19.97
CA THR B 263 -10.05 -3.44 21.06
C THR B 263 -10.29 -4.65 22.00
N PHE B 264 -10.48 -5.84 21.42
CA PHE B 264 -10.64 -7.04 22.21
C PHE B 264 -9.43 -7.18 23.11
N ASP B 265 -8.24 -7.17 22.50
CA ASP B 265 -6.95 -7.29 23.17
C ASP B 265 -6.79 -6.23 24.26
N LEU B 266 -7.11 -4.98 23.95
CA LEU B 266 -7.02 -3.90 24.95
C LEU B 266 -8.00 -4.12 26.13
N LEU B 267 -9.20 -4.58 25.84
CA LEU B 267 -10.13 -4.94 26.89
C LEU B 267 -9.58 -6.12 27.72
N GLY B 268 -8.98 -7.09 27.03
CA GLY B 268 -8.31 -8.19 27.71
C GLY B 268 -7.39 -7.64 28.79
N LEU B 269 -6.49 -6.74 28.42
CA LEU B 269 -5.53 -6.17 29.37
C LEU B 269 -6.15 -5.33 30.49
N LEU B 270 -7.17 -4.56 30.17
CA LEU B 270 -7.81 -3.71 31.17
C LEU B 270 -8.59 -4.44 32.27
N LEU B 271 -9.27 -5.53 31.92
CA LEU B 271 -10.18 -6.20 32.85
C LEU B 271 -9.40 -7.17 33.74
N HIS B 272 -8.67 -6.61 34.71
CA HIS B 272 -7.68 -7.35 35.47
C HIS B 272 -8.28 -8.12 36.65
N ASP B 273 -9.42 -7.66 37.17
CA ASP B 273 -10.04 -8.31 38.32
C ASP B 273 -11.57 -8.43 38.22
N SER B 274 -12.17 -8.95 39.29
CA SER B 274 -13.59 -9.24 39.40
C SER B 274 -14.50 -8.04 39.18
N ASP B 275 -14.09 -6.89 39.71
CA ASP B 275 -14.86 -5.66 39.61
C ASP B 275 -14.91 -5.16 38.16
N ALA B 276 -13.79 -5.27 37.45
CA ALA B 276 -13.69 -4.76 36.09
C ALA B 276 -14.52 -5.65 35.18
N ILE B 277 -14.44 -6.94 35.43
CA ILE B 277 -15.12 -7.93 34.64
C ILE B 277 -16.63 -7.85 34.87
N ASP B 278 -17.05 -7.63 36.11
CA ASP B 278 -18.48 -7.43 36.36
C ASP B 278 -18.97 -6.12 35.75
N GLY B 279 -18.17 -5.06 35.87
CA GLY B 279 -18.46 -3.79 35.22
C GLY B 279 -18.64 -3.94 33.72
N PHE B 280 -17.71 -4.66 33.09
CA PHE B 280 -17.80 -4.95 31.67
C PHE B 280 -19.12 -5.66 31.35
N VAL B 281 -19.44 -6.67 32.16
CA VAL B 281 -20.66 -7.45 31.94
C VAL B 281 -21.94 -6.64 32.18
N ARG B 282 -21.97 -5.79 33.21
CA ARG B 282 -23.16 -4.96 33.45
C ARG B 282 -23.39 -3.90 32.35
N SER B 283 -22.36 -3.62 31.54
CA SER B 283 -22.52 -2.68 30.45
C SER B 283 -22.60 -3.34 29.07
N ASP B 284 -22.89 -4.65 29.06
CA ASP B 284 -23.27 -5.41 27.85
C ASP B 284 -22.12 -5.87 27.01
N GLY B 285 -20.97 -6.04 27.65
CA GLY B 285 -19.79 -6.56 27.00
C GLY B 285 -20.02 -7.87 26.30
N VAL B 286 -20.72 -8.79 26.96
CA VAL B 286 -20.90 -10.15 26.46
C VAL B 286 -21.79 -10.16 25.22
N GLY B 287 -22.87 -9.38 25.26
CA GLY B 287 -23.71 -9.20 24.09
C GLY B 287 -22.94 -8.56 22.95
N ALA B 288 -22.12 -7.56 23.29
CA ALA B 288 -21.34 -6.84 22.29
C ALA B 288 -20.40 -7.79 21.58
N ILE B 289 -19.59 -8.54 22.34
CA ILE B 289 -18.68 -9.51 21.71
C ILE B 289 -19.43 -10.53 20.88
N THR B 290 -20.56 -11.00 21.39
CA THR B 290 -21.35 -12.03 20.74
C THR B 290 -21.91 -11.52 19.41
N THR B 291 -22.31 -10.26 19.38
CA THR B 291 -22.78 -9.65 18.15
C THR B 291 -21.64 -9.60 17.12
N VAL B 292 -20.48 -9.14 17.59
CA VAL B 292 -19.36 -8.88 16.72
C VAL B 292 -18.78 -10.13 16.09
N VAL B 293 -18.67 -11.21 16.87
CA VAL B 293 -18.08 -12.44 16.34
C VAL B 293 -18.96 -13.19 15.34
N GLN B 294 -20.12 -12.63 15.00
CA GLN B 294 -20.86 -13.06 13.82
C GLN B 294 -20.10 -12.82 12.51
N TYR B 295 -19.07 -11.97 12.50
CA TYR B 295 -18.36 -11.70 11.26
C TYR B 295 -17.44 -12.86 10.84
N PRO B 296 -17.54 -13.31 9.58
CA PRO B 296 -16.74 -14.48 9.19
C PRO B 296 -15.24 -14.20 8.99
N ASN B 297 -14.55 -13.97 10.10
CA ASN B 297 -13.12 -13.81 10.09
C ASN B 297 -12.54 -14.51 11.32
N ASN B 298 -11.66 -15.47 11.07
CA ASN B 298 -11.16 -16.35 12.12
C ASN B 298 -10.29 -15.70 13.20
N ASP B 299 -9.53 -14.67 12.83
CA ASP B 299 -8.75 -13.94 13.83
C ASP B 299 -9.68 -13.16 14.74
N LEU B 300 -10.73 -12.59 14.14
CA LEU B 300 -11.69 -11.81 14.88
C LEU B 300 -12.43 -12.71 15.87
N ILE B 301 -12.97 -13.81 15.36
CA ILE B 301 -13.70 -14.74 16.21
C ILE B 301 -12.83 -15.26 17.34
N ARG B 302 -11.62 -15.70 16.99
CA ARG B 302 -10.64 -16.15 17.97
C ARG B 302 -10.46 -15.13 19.09
N ALA B 303 -10.31 -13.85 18.72
CA ALA B 303 -9.96 -12.83 19.68
C ALA B 303 -11.15 -12.44 20.53
N GLY B 304 -12.33 -12.45 19.94
CA GLY B 304 -13.56 -12.26 20.68
C GLY B 304 -13.83 -13.39 21.67
N CYS B 305 -13.56 -14.62 21.25
CA CYS B 305 -13.80 -15.76 22.11
C CYS B 305 -12.85 -15.80 23.31
N LYS B 306 -11.58 -15.47 23.06
CA LYS B 306 -10.56 -15.41 24.12
C LYS B 306 -10.95 -14.42 25.22
N LEU B 307 -11.58 -13.32 24.85
CA LEU B 307 -12.07 -12.35 25.82
C LEU B 307 -13.34 -12.83 26.56
N LEU B 308 -14.23 -13.52 25.85
CA LEU B 308 -15.36 -14.18 26.52
C LEU B 308 -14.86 -15.18 27.57
N LEU B 309 -13.86 -15.98 27.21
CA LEU B 309 -13.22 -16.88 28.16
C LEU B 309 -12.76 -16.15 29.44
N GLN B 310 -12.18 -14.96 29.27
CA GLN B 310 -11.60 -14.23 30.37
C GLN B 310 -12.64 -13.64 31.31
N VAL B 311 -13.83 -13.32 30.78
CA VAL B 311 -14.88 -12.72 31.61
C VAL B 311 -15.94 -13.71 32.10
N SER B 312 -15.78 -14.99 31.77
CA SER B 312 -16.82 -15.99 32.01
C SER B 312 -17.17 -16.31 33.47
N ASP B 313 -16.26 -16.04 34.41
CA ASP B 313 -16.52 -16.27 35.85
C ASP B 313 -17.29 -15.12 36.54
N ALA B 314 -17.72 -14.12 35.79
CA ALA B 314 -18.39 -12.97 36.37
C ALA B 314 -19.74 -13.32 37.02
N LYS B 315 -19.93 -12.85 38.24
CA LYS B 315 -21.22 -12.95 38.93
C LYS B 315 -22.35 -12.23 38.17
N ALA B 316 -22.02 -11.10 37.55
CA ALA B 316 -22.99 -10.32 36.77
C ALA B 316 -23.66 -11.12 35.65
N LEU B 317 -23.04 -12.23 35.26
CA LEU B 317 -23.60 -13.10 34.22
C LEU B 317 -24.87 -13.83 34.68
N ALA B 318 -25.10 -13.87 36.00
CA ALA B 318 -26.37 -14.37 36.55
C ALA B 318 -27.51 -13.42 36.26
N LYS B 319 -27.18 -12.19 35.87
CA LYS B 319 -28.15 -11.14 35.63
C LYS B 319 -28.35 -10.79 34.16
N THR B 320 -27.47 -11.25 33.28
CA THR B 320 -27.53 -10.88 31.86
C THR B 320 -28.46 -11.79 31.07
N PRO B 321 -29.28 -11.24 30.17
CA PRO B 321 -30.09 -12.08 29.26
C PRO B 321 -29.24 -13.01 28.44
N LEU B 322 -29.33 -14.31 28.69
CA LEU B 322 -28.50 -15.25 27.94
C LEU B 322 -29.28 -16.15 26.97
N GLU B 323 -30.60 -15.92 26.85
CA GLU B 323 -31.47 -16.77 26.01
C GLU B 323 -31.08 -16.76 24.54
N ASN B 324 -30.46 -15.68 24.09
CA ASN B 324 -29.99 -15.59 22.72
C ASN B 324 -28.51 -15.89 22.54
N ILE B 325 -27.69 -15.39 23.45
CA ILE B 325 -26.24 -15.55 23.43
C ILE B 325 -25.80 -17.01 23.53
N LEU B 326 -26.28 -17.70 24.55
CA LEU B 326 -25.86 -19.07 24.79
C LEU B 326 -26.16 -19.95 23.59
N PRO B 327 -27.42 -19.93 23.09
CA PRO B 327 -27.63 -20.76 21.91
C PRO B 327 -26.71 -20.42 20.77
N PHE B 328 -26.41 -19.13 20.57
CA PHE B 328 -25.52 -18.74 19.50
C PHE B 328 -24.12 -19.33 19.70
N LEU B 329 -23.56 -19.18 20.89
CA LEU B 329 -22.22 -19.73 21.16
C LEU B 329 -22.19 -21.27 21.09
N LEU B 330 -23.29 -21.90 21.52
CA LEU B 330 -23.39 -23.35 21.38
C LEU B 330 -23.22 -23.82 19.95
N ARG B 331 -23.92 -23.21 18.98
CA ARG B 331 -23.71 -23.61 17.58
C ARG B 331 -22.40 -23.14 17.00
N LEU B 332 -21.85 -22.06 17.52
CA LEU B 332 -20.51 -21.67 17.13
C LEU B 332 -19.50 -22.76 17.50
N ILE B 333 -19.57 -23.26 18.73
CA ILE B 333 -18.67 -24.29 19.23
C ILE B 333 -18.82 -25.55 18.39
N GLU B 334 -20.05 -25.80 17.96
CA GLU B 334 -20.41 -27.01 17.25
C GLU B 334 -19.83 -27.07 15.85
N ILE B 335 -19.82 -25.94 15.13
CA ILE B 335 -19.43 -25.94 13.72
C ILE B 335 -18.04 -25.40 13.44
N HIS B 336 -17.49 -24.61 14.34
CA HIS B 336 -16.23 -23.93 14.07
C HIS B 336 -15.00 -24.85 14.11
N PRO B 337 -14.30 -24.95 12.96
CA PRO B 337 -13.23 -25.92 12.77
C PRO B 337 -11.99 -25.81 13.65
N ASP B 338 -11.68 -24.66 14.26
CA ASP B 338 -10.44 -24.64 15.06
C ASP B 338 -10.57 -24.73 16.58
N ASP B 339 -9.57 -25.38 17.18
CA ASP B 339 -9.59 -25.78 18.59
C ASP B 339 -9.48 -24.63 19.58
N GLU B 340 -8.92 -23.51 19.14
CA GLU B 340 -8.80 -22.33 20.00
C GLU B 340 -10.17 -21.80 20.37
N VAL B 341 -11.07 -21.70 19.39
CA VAL B 341 -12.44 -21.30 19.72
C VAL B 341 -13.19 -22.38 20.50
N ILE B 342 -12.95 -23.66 20.18
CA ILE B 342 -13.58 -24.74 20.94
C ILE B 342 -13.12 -24.62 22.39
N TYR B 343 -11.82 -24.40 22.56
CA TYR B 343 -11.27 -24.27 23.89
C TYR B 343 -11.91 -23.14 24.64
N SER B 344 -11.94 -21.95 24.01
CA SER B 344 -12.56 -20.78 24.63
C SER B 344 -14.05 -20.98 24.89
N GLY B 345 -14.77 -21.48 23.88
CA GLY B 345 -16.20 -21.69 23.96
C GLY B 345 -16.60 -22.63 25.08
N THR B 346 -16.00 -23.82 25.10
CA THR B 346 -16.34 -24.81 26.10
C THR B 346 -15.91 -24.29 27.46
N GLY B 347 -14.85 -23.47 27.46
CA GLY B 347 -14.33 -22.90 28.70
C GLY B 347 -15.32 -21.89 29.25
N PHE B 348 -15.90 -21.11 28.35
CA PHE B 348 -16.92 -20.17 28.69
C PHE B 348 -18.19 -20.86 29.18
N LEU B 349 -18.63 -21.87 28.44
CA LEU B 349 -19.81 -22.64 28.82
C LEU B 349 -19.68 -23.20 30.26
N SER B 350 -18.51 -23.77 30.58
CA SER B 350 -18.28 -24.35 31.90
C SER B 350 -18.49 -23.35 33.04
N ASN B 351 -17.95 -22.14 32.90
CA ASN B 351 -18.12 -21.13 33.95
C ASN B 351 -19.49 -20.49 33.97
N VAL B 352 -20.10 -20.31 32.80
CA VAL B 352 -21.37 -19.57 32.73
C VAL B 352 -22.50 -20.34 33.42
N VAL B 353 -22.53 -21.66 33.26
CA VAL B 353 -23.58 -22.47 33.88
C VAL B 353 -23.39 -22.61 35.39
N ALA B 354 -22.14 -22.56 35.86
CA ALA B 354 -21.82 -22.70 37.29
C ALA B 354 -22.68 -21.83 38.20
N HIS B 355 -23.36 -22.46 39.16
CA HIS B 355 -24.16 -21.78 40.20
C HIS B 355 -25.42 -21.06 39.69
N LYS B 356 -25.84 -21.37 38.46
CA LYS B 356 -26.94 -20.61 37.89
C LYS B 356 -27.94 -21.55 37.26
N GLN B 357 -29.05 -21.77 37.97
CA GLN B 357 -30.06 -22.70 37.51
C GLN B 357 -30.64 -22.31 36.18
N HIS B 358 -31.08 -21.06 36.08
CA HIS B 358 -31.72 -20.60 34.83
C HIS B 358 -30.80 -20.67 33.61
N VAL B 359 -29.50 -20.49 33.81
CA VAL B 359 -28.53 -20.61 32.72
C VAL B 359 -28.30 -22.07 32.34
N LYS B 360 -28.22 -22.95 33.34
CA LYS B 360 -28.22 -24.39 33.06
C LYS B 360 -29.45 -24.79 32.24
N ASP B 361 -30.62 -24.30 32.65
CA ASP B 361 -31.86 -24.57 31.90
C ASP B 361 -31.77 -24.15 30.43
N ILE B 362 -31.20 -22.96 30.15
CA ILE B 362 -31.06 -22.50 28.77
C ILE B 362 -30.15 -23.43 27.94
N ALA B 363 -28.96 -23.68 28.45
CA ALA B 363 -28.03 -24.56 27.77
C ALA B 363 -28.60 -25.98 27.59
N ILE B 364 -29.20 -26.55 28.64
CA ILE B 364 -29.82 -27.88 28.50
C ILE B 364 -30.90 -27.87 27.40
N ARG B 365 -31.76 -26.84 27.39
CA ARG B 365 -32.83 -26.70 26.38
C ARG B 365 -32.32 -26.49 24.96
N SER B 366 -31.05 -26.14 24.83
CA SER B 366 -30.46 -25.99 23.50
C SER B 366 -29.48 -27.12 23.16
N ASN B 367 -29.57 -28.23 23.91
CA ASN B 367 -28.81 -29.46 23.64
C ASN B 367 -27.34 -29.42 24.02
N ALA B 368 -27.00 -28.69 25.08
CA ALA B 368 -25.60 -28.59 25.51
C ALA B 368 -25.03 -29.95 25.89
N ILE B 369 -25.84 -30.79 26.54
CA ILE B 369 -25.38 -32.10 26.97
C ILE B 369 -24.97 -32.91 25.75
N PHE B 370 -25.81 -32.90 24.73
CA PHE B 370 -25.49 -33.55 23.47
C PHE B 370 -24.17 -33.02 22.87
N LEU B 371 -24.00 -31.69 22.90
CA LEU B 371 -22.84 -31.05 22.32
C LEU B 371 -21.57 -31.48 23.01
N LEU B 372 -21.59 -31.51 24.34
CA LEU B 372 -20.49 -32.05 25.15
C LEU B 372 -20.02 -33.43 24.70
N HIS B 373 -20.97 -34.31 24.39
CA HIS B 373 -20.69 -35.66 23.94
C HIS B 373 -20.05 -35.64 22.56
N THR B 374 -20.51 -34.74 21.70
CA THR B 374 -19.97 -34.63 20.34
C THR B 374 -18.53 -34.18 20.36
N ILE B 375 -18.21 -33.19 21.18
CA ILE B 375 -16.87 -32.65 21.26
C ILE B 375 -15.90 -33.64 21.85
N ILE B 376 -16.28 -34.29 22.94
CA ILE B 376 -15.40 -35.28 23.55
C ILE B 376 -15.09 -36.41 22.55
N SER B 377 -16.13 -36.85 21.82
CA SER B 377 -16.03 -37.94 20.83
C SER B 377 -15.17 -37.67 19.61
N LYS B 378 -15.03 -36.41 19.20
CA LYS B 378 -14.38 -36.13 17.90
C LYS B 378 -12.85 -36.18 17.93
N TYR B 379 -12.26 -36.11 19.12
CA TYR B 379 -10.81 -36.08 19.24
C TYR B 379 -10.22 -37.46 19.38
N PRO B 380 -8.98 -37.67 18.88
CA PRO B 380 -8.32 -38.94 19.07
C PRO B 380 -8.02 -39.21 20.54
N ARG B 381 -7.57 -40.43 20.81
CA ARG B 381 -7.00 -40.80 22.09
C ARG B 381 -5.78 -39.92 22.34
N LEU B 382 -5.56 -39.58 23.59
CA LEU B 382 -4.53 -38.64 23.98
C LEU B 382 -3.11 -39.08 23.62
N ASP B 383 -2.88 -40.39 23.55
CA ASP B 383 -1.54 -40.92 23.27
C ASP B 383 -1.31 -41.13 21.77
N GLU B 384 -2.22 -40.60 20.97
CA GLU B 384 -2.09 -40.64 19.52
C GLU B 384 -1.88 -39.24 18.99
N LEU B 385 -1.54 -38.32 19.91
CA LEU B 385 -1.17 -36.95 19.57
C LEU B 385 0.31 -36.76 19.84
N THR B 386 1.07 -36.52 18.78
CA THR B 386 2.53 -36.39 18.88
C THR B 386 2.94 -34.95 19.21
N ASP B 387 2.17 -33.99 18.70
CA ASP B 387 2.43 -32.57 18.97
C ASP B 387 1.97 -32.18 20.37
N ALA B 388 2.91 -31.72 21.21
CA ALA B 388 2.63 -31.43 22.61
C ALA B 388 1.62 -30.29 22.84
N PRO B 389 1.76 -29.15 22.14
CA PRO B 389 0.81 -28.06 22.31
C PRO B 389 -0.64 -28.46 21.99
N LYS B 390 -0.81 -29.27 20.94
CA LYS B 390 -2.12 -29.74 20.50
C LYS B 390 -2.68 -30.75 21.48
N ARG B 391 -1.81 -31.58 22.05
CA ARG B 391 -2.25 -32.57 23.03
C ARG B 391 -2.82 -31.90 24.27
N ASN B 392 -2.15 -30.86 24.74
CA ASN B 392 -2.62 -30.14 25.91
C ASN B 392 -3.91 -29.37 25.62
N ARG B 393 -4.14 -29.02 24.36
CA ARG B 393 -5.33 -28.29 23.99
C ARG B 393 -6.54 -29.25 24.05
N VAL B 394 -6.41 -30.40 23.39
CA VAL B 394 -7.43 -31.45 23.46
C VAL B 394 -7.74 -31.82 24.91
N CYS B 395 -6.68 -31.98 25.69
CA CYS B 395 -6.76 -32.29 27.10
C CYS B 395 -7.67 -31.32 27.86
N GLU B 396 -7.40 -30.02 27.71
CA GLU B 396 -8.13 -28.94 28.38
C GLU B 396 -9.55 -28.81 27.85
N ILE B 397 -9.73 -29.08 26.55
CA ILE B 397 -11.06 -29.08 25.97
C ILE B 397 -11.98 -30.15 26.59
N ILE B 398 -11.47 -31.37 26.70
CA ILE B 398 -12.23 -32.46 27.32
C ILE B 398 -12.51 -32.11 28.76
N CYS B 399 -11.52 -31.51 29.41
CA CYS B 399 -11.67 -31.11 30.79
C CYS B 399 -12.78 -30.04 30.98
N ASN B 400 -12.85 -29.06 30.06
CA ASN B 400 -13.93 -28.06 30.03
C ASN B 400 -15.31 -28.69 29.83
N CYS B 401 -15.39 -29.66 28.91
CA CYS B 401 -16.64 -30.37 28.63
C CYS B 401 -17.13 -31.13 29.85
N LEU B 402 -16.24 -31.88 30.48
CA LEU B 402 -16.59 -32.68 31.65
C LEU B 402 -16.95 -31.82 32.85
N ARG B 403 -16.30 -30.67 32.96
CA ARG B 403 -16.60 -29.76 34.04
C ARG B 403 -18.02 -29.19 33.84
N THR B 404 -18.43 -28.99 32.59
CA THR B 404 -19.76 -28.50 32.31
C THR B 404 -20.77 -29.58 32.62
N LEU B 405 -20.51 -30.79 32.15
CA LEU B 405 -21.34 -31.94 32.49
C LEU B 405 -21.50 -32.08 34.00
N ASN B 406 -20.38 -32.01 34.73
CA ASN B 406 -20.44 -32.12 36.18
C ASN B 406 -21.32 -31.05 36.83
N ASN B 407 -21.31 -29.84 36.25
CA ASN B 407 -22.21 -28.77 36.70
C ASN B 407 -23.70 -29.05 36.43
N PHE B 408 -24.00 -29.85 35.41
CA PHE B 408 -25.38 -30.26 35.17
C PHE B 408 -25.85 -31.37 36.11
N LEU B 409 -25.05 -32.42 36.24
CA LEU B 409 -25.44 -33.64 36.95
C LEU B 409 -25.94 -33.40 38.36
N MSE B 410 -25.44 -32.34 38.98
CA MSE B 410 -25.77 -32.06 40.36
C MSE B 410 -27.14 -31.45 40.58
O MSE B 410 -27.51 -31.15 41.72
CB MSE B 410 -24.69 -31.20 40.96
CG MSE B 410 -23.45 -32.02 41.24
SE MSE B 410 -22.18 -30.98 42.22
CE MSE B 410 -21.48 -29.86 40.76
N MSE B 411 -27.89 -31.26 39.50
CA MSE B 411 -29.28 -30.89 39.62
C MSE B 411 -30.08 -32.12 40.00
O MSE B 411 -31.00 -32.05 40.81
CB MSE B 411 -29.82 -30.39 38.29
CG MSE B 411 -29.19 -29.14 37.77
SE MSE B 411 -29.85 -28.84 35.97
CE MSE B 411 -28.98 -30.27 35.04
N TRP B 412 -29.70 -33.25 39.40
CA TRP B 412 -30.49 -34.46 39.46
C TRP B 412 -30.03 -35.46 40.52
N ILE B 413 -29.17 -35.00 41.43
CA ILE B 413 -28.71 -35.86 42.52
C ILE B 413 -29.32 -35.39 43.84
N PRO B 414 -30.00 -36.30 44.56
CA PRO B 414 -30.71 -36.08 45.83
C PRO B 414 -29.98 -35.14 46.78
N THR B 415 -30.49 -33.92 46.93
CA THR B 415 -29.96 -32.92 47.86
C THR B 415 -30.69 -33.00 49.20
N PRO B 416 -30.27 -33.96 50.05
CA PRO B 416 -30.72 -34.35 51.39
C PRO B 416 -30.56 -33.24 52.41
N THR B 420 -34.39 -31.74 45.03
CA THR B 420 -34.38 -33.01 44.30
C THR B 420 -35.19 -32.91 43.00
N LYS B 421 -34.50 -32.68 41.88
CA LYS B 421 -35.15 -32.41 40.60
C LYS B 421 -35.30 -33.63 39.69
N THR B 422 -36.41 -33.65 38.96
CA THR B 422 -36.67 -34.67 37.96
C THR B 422 -36.19 -34.14 36.62
N ALA B 423 -35.59 -35.03 35.85
CA ALA B 423 -35.08 -34.70 34.55
C ALA B 423 -36.07 -35.22 33.51
N GLY B 424 -36.25 -34.48 32.43
CA GLY B 424 -37.13 -34.89 31.36
C GLY B 424 -36.51 -35.95 30.47
N PRO B 425 -37.32 -36.60 29.63
CA PRO B 425 -36.86 -37.72 28.79
C PRO B 425 -35.68 -37.37 27.88
N ASN B 426 -35.57 -36.11 27.50
CA ASN B 426 -34.50 -35.67 26.62
C ASN B 426 -33.17 -35.55 27.37
N GLU B 427 -33.20 -34.87 28.50
CA GLU B 427 -32.04 -34.81 29.40
C GLU B 427 -31.54 -36.22 29.67
N LYS B 428 -32.43 -37.03 30.25
CA LYS B 428 -32.14 -38.42 30.60
C LYS B 428 -31.44 -39.12 29.47
N GLN B 429 -31.98 -39.02 28.25
CA GLN B 429 -31.39 -39.67 27.09
C GLN B 429 -29.95 -39.20 26.82
N GLN B 430 -29.77 -37.88 26.80
CA GLN B 430 -28.48 -37.27 26.47
C GLN B 430 -27.39 -37.56 27.50
N VAL B 431 -27.73 -37.45 28.78
CA VAL B 431 -26.83 -37.82 29.86
C VAL B 431 -26.39 -39.30 29.76
N CYS B 432 -27.33 -40.20 29.47
CA CYS B 432 -27.04 -41.63 29.35
C CYS B 432 -26.16 -41.99 28.17
N LYS B 433 -25.92 -41.04 27.29
CA LYS B 433 -24.94 -41.23 26.23
C LYS B 433 -23.51 -41.33 26.81
N PHE B 434 -23.30 -40.77 28.00
CA PHE B 434 -21.98 -40.84 28.63
C PHE B 434 -21.64 -42.20 29.28
N ILE B 435 -22.52 -43.20 29.12
CA ILE B 435 -22.16 -44.57 29.46
C ILE B 435 -22.18 -45.51 28.27
N GLU B 436 -22.22 -44.96 27.06
CA GLU B 436 -22.03 -45.77 25.85
C GLU B 436 -20.60 -46.26 25.85
N ILE B 437 -20.39 -47.43 25.25
CA ILE B 437 -19.07 -48.05 25.23
C ILE B 437 -17.94 -47.12 24.73
N ASP B 438 -18.14 -46.55 23.55
CA ASP B 438 -17.15 -45.67 22.90
C ASP B 438 -16.62 -44.55 23.81
N ILE B 439 -17.51 -43.85 24.49
CA ILE B 439 -17.10 -42.73 25.34
C ILE B 439 -16.39 -43.19 26.63
N LEU B 440 -16.89 -44.29 27.21
CA LEU B 440 -16.28 -44.89 28.40
C LEU B 440 -14.83 -45.31 28.12
N LYS B 441 -14.62 -45.97 26.99
CA LYS B 441 -13.31 -46.43 26.60
C LYS B 441 -12.37 -45.24 26.48
N LYS B 442 -12.83 -44.21 25.79
CA LYS B 442 -12.11 -42.98 25.59
C LYS B 442 -11.73 -42.27 26.91
N LEU B 443 -12.68 -42.15 27.83
CA LEU B 443 -12.41 -41.54 29.12
C LEU B 443 -11.49 -42.41 29.99
N MSE B 444 -11.61 -43.73 29.84
CA MSE B 444 -10.76 -44.69 30.52
C MSE B 444 -9.31 -44.56 30.10
O MSE B 444 -8.42 -44.57 30.94
CB MSE B 444 -11.22 -46.10 30.19
CG MSE B 444 -12.04 -46.76 31.26
SE MSE B 444 -12.72 -48.54 30.69
CE MSE B 444 -11.57 -49.01 29.20
N SER B 445 -9.07 -44.43 28.79
CA SER B 445 -7.71 -44.29 28.30
C SER B 445 -7.06 -42.98 28.75
N CYS B 446 -7.85 -41.91 28.90
CA CYS B 446 -7.36 -40.66 29.48
C CYS B 446 -6.79 -40.88 30.89
N LEU B 447 -7.37 -41.84 31.61
CA LEU B 447 -6.96 -42.13 32.98
C LEU B 447 -5.61 -42.86 33.08
N SER B 448 -5.29 -43.62 32.04
CA SER B 448 -4.20 -44.58 32.08
C SER B 448 -3.11 -44.36 31.02
N CYS B 449 -3.33 -43.36 30.16
CA CYS B 449 -2.33 -42.82 29.23
C CYS B 449 -0.88 -42.85 29.68
N GLU B 450 -0.02 -43.47 28.88
CA GLU B 450 1.42 -43.55 29.18
C GLU B 450 2.28 -43.34 27.94
N MSE B 452 1.64 -39.10 28.76
CA MSE B 452 2.72 -38.27 28.19
C MSE B 452 2.84 -36.93 28.93
O MSE B 452 2.07 -36.66 29.86
CB MSE B 452 2.50 -38.09 26.68
CG MSE B 452 3.08 -39.24 25.84
SE MSE B 452 1.99 -39.80 24.28
CE MSE B 452 3.40 -40.55 23.14
N ASP B 453 3.81 -36.10 28.53
CA ASP B 453 4.04 -34.79 29.16
C ASP B 453 2.99 -33.76 28.71
N THR B 454 2.08 -33.45 29.63
CA THR B 454 0.93 -32.57 29.36
C THR B 454 0.49 -31.92 30.68
N PRO B 455 0.75 -30.62 30.84
CA PRO B 455 0.45 -29.96 32.12
C PRO B 455 -1.01 -30.05 32.59
N GLY B 456 -1.94 -30.14 31.63
CA GLY B 456 -3.36 -30.25 31.95
C GLY B 456 -3.81 -31.60 32.49
N LEU B 457 -3.03 -32.64 32.20
CA LEU B 457 -3.36 -34.03 32.56
C LEU B 457 -3.89 -34.26 33.98
N LEU B 458 -3.19 -33.74 34.98
CA LEU B 458 -3.58 -33.97 36.38
C LEU B 458 -5.02 -33.52 36.65
N GLU B 459 -5.35 -32.32 36.19
CA GLU B 459 -6.65 -31.72 36.37
C GLU B 459 -7.73 -32.42 35.55
N LEU B 460 -7.34 -33.00 34.40
CA LEU B 460 -8.27 -33.78 33.60
C LEU B 460 -8.60 -35.13 34.27
N ARG B 461 -7.62 -35.72 34.93
CA ARG B 461 -7.82 -37.03 35.55
C ARG B 461 -8.66 -36.89 36.81
N SER B 462 -8.48 -35.78 37.49
CA SER B 462 -9.26 -35.51 38.67
C SER B 462 -10.74 -35.29 38.31
N THR B 463 -10.98 -34.61 37.19
CA THR B 463 -12.31 -34.24 36.73
C THR B 463 -13.06 -35.44 36.15
N ILE B 464 -12.34 -36.35 35.51
CA ILE B 464 -12.93 -37.59 35.02
C ILE B 464 -13.44 -38.44 36.17
N LEU B 465 -12.64 -38.59 37.24
CA LEU B 465 -13.07 -39.35 38.40
C LEU B 465 -14.35 -38.75 38.99
N ARG B 466 -14.42 -37.42 39.01
CA ARG B 466 -15.61 -36.72 39.51
C ARG B 466 -16.83 -36.95 38.61
N SER B 467 -16.59 -37.06 37.30
CA SER B 467 -17.68 -37.32 36.35
C SER B 467 -18.26 -38.70 36.60
N PHE B 468 -17.39 -39.71 36.66
CA PHE B 468 -17.82 -41.06 36.99
C PHE B 468 -18.56 -41.13 38.32
N ILE B 469 -18.07 -40.39 39.32
CA ILE B 469 -18.73 -40.34 40.61
C ILE B 469 -20.17 -39.83 40.44
N LEU B 470 -20.32 -38.72 39.71
CA LEU B 470 -21.64 -38.11 39.49
C LEU B 470 -22.56 -38.95 38.62
N LEU B 471 -22.08 -39.46 37.50
CA LEU B 471 -22.88 -40.32 36.64
C LEU B 471 -23.45 -41.51 37.41
N LEU B 472 -22.65 -42.09 38.28
CA LEU B 472 -23.05 -43.29 39.01
C LEU B 472 -23.99 -42.94 40.17
N ARG B 473 -23.94 -41.71 40.64
CA ARG B 473 -24.85 -41.28 41.69
C ARG B 473 -26.18 -40.76 41.14
N THR B 474 -26.29 -40.58 39.82
CA THR B 474 -27.56 -40.09 39.27
C THR B 474 -28.47 -41.29 38.97
N PRO B 475 -29.65 -41.33 39.62
CA PRO B 475 -30.59 -42.46 39.69
C PRO B 475 -30.97 -43.09 38.36
N PHE B 476 -31.23 -42.28 37.34
CA PHE B 476 -31.67 -42.82 36.06
C PHE B 476 -30.56 -43.32 35.13
N VAL B 477 -29.30 -43.23 35.55
CA VAL B 477 -28.21 -43.76 34.73
C VAL B 477 -28.04 -45.26 35.01
N PRO B 478 -28.06 -46.10 33.97
CA PRO B 478 -27.81 -47.54 34.12
C PRO B 478 -26.38 -47.88 34.52
N LYS B 479 -26.23 -48.74 35.53
CA LYS B 479 -24.93 -49.10 36.08
C LYS B 479 -24.38 -50.45 35.62
N ASP B 480 -25.24 -51.26 35.03
CA ASP B 480 -24.94 -52.66 34.74
C ASP B 480 -23.89 -52.88 33.67
N GLY B 481 -23.78 -51.96 32.71
CA GLY B 481 -22.81 -52.10 31.62
C GLY B 481 -21.42 -51.52 31.87
N VAL B 482 -21.25 -50.79 32.98
CA VAL B 482 -20.04 -49.99 33.24
C VAL B 482 -18.76 -50.81 33.42
N LEU B 483 -18.82 -51.86 34.25
CA LEU B 483 -17.65 -52.67 34.54
C LEU B 483 -17.41 -53.82 33.58
N ASN B 484 -18.20 -53.91 32.52
CA ASN B 484 -18.02 -54.96 31.50
C ASN B 484 -17.24 -54.46 30.30
N VAL B 485 -16.89 -53.18 30.35
CA VAL B 485 -16.19 -52.53 29.25
C VAL B 485 -14.67 -52.66 29.45
N ILE B 486 -14.02 -53.30 28.48
CA ILE B 486 -12.60 -53.58 28.53
C ILE B 486 -11.92 -52.79 27.41
N ASP B 487 -10.87 -52.06 27.72
CA ASP B 487 -10.17 -51.33 26.67
C ASP B 487 -9.32 -52.28 25.85
N GLU B 488 -9.01 -51.90 24.60
CA GLU B 488 -8.25 -52.74 23.68
C GLU B 488 -6.76 -52.69 23.98
N ASN B 489 -6.34 -51.66 24.71
CA ASN B 489 -4.93 -51.35 24.92
C ASN B 489 -4.35 -52.10 26.10
N ARG B 490 -4.80 -51.76 27.31
CA ARG B 490 -4.34 -52.39 28.53
C ARG B 490 -5.12 -53.65 28.86
N LYS B 491 -6.24 -53.87 28.14
CA LYS B 491 -7.15 -54.98 28.40
C LYS B 491 -7.65 -54.97 29.84
N GLU B 492 -8.01 -53.78 30.33
CA GLU B 492 -8.52 -53.62 31.69
C GLU B 492 -9.89 -52.98 31.70
N ASN B 493 -10.62 -53.16 32.81
CA ASN B 493 -11.87 -52.47 32.97
C ASN B 493 -11.67 -51.19 33.79
N LEU B 494 -12.77 -50.52 34.11
CA LEU B 494 -12.72 -49.22 34.77
C LEU B 494 -11.85 -49.19 36.03
N ILE B 495 -11.90 -50.27 36.82
CA ILE B 495 -11.13 -50.30 38.07
C ILE B 495 -9.63 -50.19 37.81
N GLY B 496 -9.15 -50.92 36.81
CA GLY B 496 -7.75 -50.94 36.48
C GLY B 496 -7.22 -49.60 36.02
N HIS B 497 -7.98 -48.92 35.17
CA HIS B 497 -7.63 -47.57 34.73
C HIS B 497 -7.62 -46.59 35.90
N ILE B 498 -8.58 -46.73 36.81
CA ILE B 498 -8.60 -45.91 38.02
C ILE B 498 -7.35 -46.12 38.87
N CYS B 499 -6.92 -47.37 38.99
CA CYS B 499 -5.73 -47.70 39.79
C CYS B 499 -4.44 -47.22 39.13
N ALA B 500 -4.41 -47.27 37.80
CA ALA B 500 -3.29 -46.72 37.04
C ALA B 500 -3.12 -45.21 37.24
N ALA B 501 -4.22 -44.46 37.33
CA ALA B 501 -4.15 -43.00 37.57
C ALA B 501 -3.67 -42.69 38.98
N TYR B 502 -4.05 -43.55 39.93
CA TYR B 502 -3.69 -43.44 41.34
C TYR B 502 -2.20 -43.72 41.54
N SER B 503 -1.72 -44.82 40.96
CA SER B 503 -0.29 -45.10 40.95
C SER B 503 0.51 -43.95 40.36
N TRP B 504 -0.05 -43.35 39.29
CA TRP B 504 0.60 -42.29 38.55
C TRP B 504 0.76 -41.01 39.37
N VAL B 505 -0.22 -40.75 40.22
CA VAL B 505 -0.24 -39.51 40.97
C VAL B 505 0.84 -39.50 42.06
N PHE B 506 1.22 -40.68 42.54
CA PHE B 506 2.25 -40.78 43.56
C PHE B 506 3.64 -40.71 42.96
N ARG B 507 3.74 -40.96 41.65
CA ARG B 507 5.00 -40.93 40.93
C ARG B 507 5.33 -39.54 40.35
N GLN B 508 4.39 -38.60 40.49
CA GLN B 508 4.59 -37.25 39.96
C GLN B 508 5.51 -36.43 40.85
N PRO B 509 6.20 -35.42 40.28
CA PRO B 509 7.06 -34.52 41.06
C PRO B 509 6.27 -33.80 42.13
N ASN B 510 6.86 -33.65 43.31
CA ASN B 510 6.23 -32.95 44.40
C ASN B 510 6.38 -31.44 44.23
N ASN B 511 5.29 -30.71 44.48
CA ASN B 511 5.21 -29.30 44.12
C ASN B 511 4.07 -28.63 44.88
N THR B 512 4.32 -27.43 45.37
CA THR B 512 3.35 -26.66 46.15
C THR B 512 2.15 -26.24 45.30
N ARG B 513 2.38 -26.10 44.01
CA ARG B 513 1.35 -25.61 43.10
C ARG B 513 0.32 -26.71 42.76
N THR B 514 0.77 -27.96 42.70
CA THR B 514 -0.09 -29.06 42.31
C THR B 514 -0.60 -29.93 43.48
N GLN B 515 -0.04 -29.73 44.68
CA GLN B 515 -0.44 -30.53 45.85
C GLN B 515 -1.95 -30.59 46.07
N SER B 516 -2.61 -29.45 45.87
CA SER B 516 -4.04 -29.33 46.04
C SER B 516 -4.80 -30.31 45.14
N THR B 517 -4.43 -30.38 43.87
CA THR B 517 -5.13 -31.21 42.89
C THR B 517 -4.81 -32.70 43.05
N LYS B 518 -3.55 -33.00 43.38
CA LYS B 518 -3.12 -34.36 43.67
C LYS B 518 -3.93 -34.93 44.83
N GLN B 519 -4.07 -34.16 45.90
CA GLN B 519 -4.86 -34.57 47.06
C GLN B 519 -6.33 -34.81 46.71
N GLN B 520 -6.94 -34.00 45.85
CA GLN B 520 -8.35 -34.21 45.52
C GLN B 520 -8.52 -35.44 44.61
N LEU B 521 -7.51 -35.72 43.77
CA LEU B 521 -7.53 -36.90 42.92
C LEU B 521 -7.52 -38.17 43.78
N VAL B 522 -6.70 -38.14 44.83
CA VAL B 522 -6.64 -39.21 45.78
C VAL B 522 -8.00 -39.35 46.46
N GLU B 523 -8.53 -38.24 46.96
CA GLU B 523 -9.81 -38.27 47.65
C GLU B 523 -10.91 -38.82 46.76
N ARG B 524 -10.86 -38.47 45.48
CA ARG B 524 -11.90 -38.88 44.54
C ARG B 524 -11.74 -40.32 44.10
N THR B 525 -10.50 -40.81 44.09
CA THR B 525 -10.23 -42.20 43.82
C THR B 525 -10.92 -43.09 44.86
N ILE B 526 -10.68 -42.76 46.13
CA ILE B 526 -11.28 -43.52 47.22
C ILE B 526 -12.78 -43.39 47.12
N SER B 527 -13.24 -42.17 46.90
CA SER B 527 -14.66 -41.95 46.76
C SER B 527 -15.28 -42.74 45.60
N LEU B 528 -14.58 -42.86 44.49
CA LEU B 528 -15.15 -43.57 43.34
C LEU B 528 -15.20 -45.10 43.55
N LEU B 529 -14.20 -45.64 44.25
CA LEU B 529 -14.18 -47.08 44.55
C LEU B 529 -15.37 -47.40 45.43
N LEU B 530 -15.70 -46.51 46.36
CA LEU B 530 -16.89 -46.69 47.20
C LEU B 530 -18.17 -46.66 46.38
N VAL B 531 -18.23 -45.72 45.45
CA VAL B 531 -19.41 -45.53 44.64
C VAL B 531 -19.68 -46.76 43.75
N LEU B 532 -18.63 -47.27 43.12
CA LEU B 532 -18.75 -48.42 42.23
C LEU B 532 -19.21 -49.65 43.00
N MSE B 533 -18.74 -49.78 44.24
CA MSE B 533 -19.11 -50.89 45.10
C MSE B 533 -20.60 -50.89 45.38
O MSE B 533 -21.27 -51.89 45.14
CB MSE B 533 -18.31 -50.83 46.40
CG MSE B 533 -16.94 -51.49 46.30
SE MSE B 533 -15.88 -51.17 47.91
CE MSE B 533 -14.40 -52.43 47.57
N GLU B 534 -21.12 -49.77 45.88
CA GLU B 534 -22.52 -49.66 46.27
C GLU B 534 -23.46 -49.64 45.06
N GLN B 535 -23.13 -48.80 44.08
CA GLN B 535 -24.01 -48.47 42.96
C GLN B 535 -24.02 -49.52 41.86
N CYS B 536 -22.92 -50.23 41.66
CA CYS B 536 -22.85 -51.26 40.63
C CYS B 536 -23.03 -52.64 41.23
N GLY B 537 -23.26 -52.68 42.55
CA GLY B 537 -23.33 -53.94 43.30
C GLY B 537 -22.16 -54.84 42.95
N ALA B 538 -20.95 -54.30 43.10
CA ALA B 538 -19.75 -54.98 42.65
C ALA B 538 -18.65 -54.94 43.71
N GLU B 539 -19.05 -55.09 44.96
CA GLU B 539 -18.11 -55.04 46.07
C GLU B 539 -16.96 -56.04 45.91
N LYS B 540 -17.30 -57.30 45.59
CA LYS B 540 -16.31 -58.35 45.41
C LYS B 540 -15.36 -57.98 44.29
N GLU B 541 -15.93 -57.69 43.13
CA GLU B 541 -15.16 -57.43 41.92
C GLU B 541 -14.22 -56.25 42.11
N VAL B 542 -14.73 -55.17 42.72
CA VAL B 542 -13.91 -53.98 42.95
C VAL B 542 -12.70 -54.33 43.83
N ALA B 543 -12.95 -55.05 44.93
CA ALA B 543 -11.90 -55.50 45.84
C ALA B 543 -10.86 -56.40 45.17
N GLN B 544 -11.28 -57.39 44.39
CA GLN B 544 -10.30 -58.25 43.72
C GLN B 544 -9.52 -57.53 42.60
N TYR B 545 -10.16 -56.57 41.94
CA TYR B 545 -9.48 -55.82 40.89
C TYR B 545 -8.58 -54.73 41.44
N SER B 546 -8.65 -54.48 42.75
CA SER B 546 -7.84 -53.45 43.44
C SER B 546 -6.46 -53.90 43.93
N TYR B 547 -5.96 -54.99 43.39
CA TYR B 547 -4.69 -55.55 43.86
C TYR B 547 -3.47 -54.61 43.66
N SER B 548 -3.48 -53.80 42.62
CA SER B 548 -2.37 -52.88 42.35
C SER B 548 -2.30 -51.72 43.34
N ILE B 549 -3.39 -51.50 44.06
CA ILE B 549 -3.45 -50.47 45.09
C ILE B 549 -2.91 -51.04 46.42
N ASP B 550 -1.85 -50.40 46.91
CA ASP B 550 -1.28 -50.72 48.20
C ASP B 550 -2.21 -50.18 49.29
N CYS B 551 -2.03 -50.66 50.52
CA CYS B 551 -2.89 -50.30 51.65
C CYS B 551 -3.32 -48.81 51.70
N PRO B 552 -4.63 -48.55 51.47
CA PRO B 552 -5.18 -47.19 51.46
C PRO B 552 -5.13 -46.51 52.81
N LEU B 553 -4.94 -47.29 53.86
CA LEU B 553 -4.88 -46.76 55.22
C LEU B 553 -3.66 -45.85 55.42
N ASN B 554 -2.58 -46.15 54.71
CA ASN B 554 -1.35 -45.37 54.80
C ASN B 554 -1.49 -43.95 54.28
N LEU B 555 -2.67 -43.61 53.76
CA LEU B 555 -3.00 -42.27 53.28
C LEU B 555 -3.26 -41.32 54.43
N LEU B 556 -3.62 -41.91 55.57
CA LEU B 556 -3.94 -41.15 56.78
C LEU B 556 -2.71 -40.85 57.61
N ASN B 557 -1.54 -41.27 57.10
CA ASN B 557 -0.24 -41.01 57.74
C ASN B 557 0.04 -39.53 57.99
N GLY B 558 -0.32 -38.66 57.04
CA GLY B 558 -0.05 -37.23 57.16
C GLY B 558 -0.95 -36.51 58.14
N ASN B 559 -1.10 -35.20 57.93
CA ASN B 559 -2.01 -34.39 58.75
C ASN B 559 -3.39 -34.23 58.06
N GLN B 560 -3.89 -35.34 57.51
CA GLN B 560 -5.18 -35.36 56.81
C GLN B 560 -6.31 -35.28 57.84
N VAL B 561 -7.05 -34.16 57.81
CA VAL B 561 -8.05 -33.88 58.84
C VAL B 561 -9.47 -34.17 58.34
N LYS B 562 -9.68 -34.02 57.02
CA LYS B 562 -11.03 -34.08 56.44
C LYS B 562 -11.80 -35.35 56.85
N PRO B 563 -12.86 -35.18 57.67
CA PRO B 563 -13.54 -36.30 58.31
C PRO B 563 -14.20 -37.28 57.33
N THR B 564 -14.73 -36.77 56.24
CA THR B 564 -15.34 -37.61 55.20
C THR B 564 -14.28 -38.50 54.49
N PHE B 565 -13.07 -37.96 54.31
CA PHE B 565 -11.96 -38.69 53.71
C PHE B 565 -11.47 -39.84 54.60
N ILE B 566 -11.34 -39.56 55.89
CA ILE B 566 -11.02 -40.58 56.88
C ILE B 566 -12.04 -41.71 56.88
N HIS B 567 -13.32 -41.37 56.88
CA HIS B 567 -14.38 -42.36 56.93
C HIS B 567 -14.39 -43.22 55.67
N ASN B 568 -14.15 -42.57 54.54
CA ASN B 568 -14.05 -43.28 53.26
C ASN B 568 -12.90 -44.28 53.27
N VAL B 569 -11.73 -43.84 53.73
CA VAL B 569 -10.56 -44.70 53.75
C VAL B 569 -10.81 -45.94 54.61
N LEU B 570 -11.36 -45.72 55.80
CA LEU B 570 -11.68 -46.80 56.72
C LEU B 570 -12.66 -47.79 56.13
N VAL B 571 -13.73 -47.29 55.52
CA VAL B 571 -14.78 -48.15 54.98
C VAL B 571 -14.33 -48.90 53.73
N VAL B 572 -13.51 -48.28 52.90
CA VAL B 572 -13.02 -48.98 51.71
C VAL B 572 -12.04 -50.10 52.11
N CYS B 573 -11.24 -49.87 53.14
CA CYS B 573 -10.32 -50.88 53.64
C CYS B 573 -11.08 -52.08 54.19
N ASP B 574 -12.09 -51.80 55.02
CA ASP B 574 -12.90 -52.82 55.62
C ASP B 574 -13.57 -53.67 54.54
N LYS B 575 -14.07 -53.00 53.50
CA LYS B 575 -14.73 -53.69 52.41
C LYS B 575 -13.77 -54.51 51.57
N ILE B 576 -12.55 -54.02 51.36
CA ILE B 576 -11.54 -54.80 50.61
C ILE B 576 -11.17 -56.07 51.37
N LEU B 577 -11.01 -55.95 52.68
CA LEU B 577 -10.60 -57.07 53.53
C LEU B 577 -11.71 -58.10 53.73
N GLU B 578 -12.97 -57.67 53.60
CA GLU B 578 -14.07 -58.62 53.67
C GLU B 578 -14.05 -59.62 52.53
N HIS B 579 -13.53 -59.23 51.36
CA HIS B 579 -13.48 -60.13 50.19
C HIS B 579 -12.08 -60.63 49.84
N CYS B 580 -11.05 -59.91 50.29
CA CYS B 580 -9.67 -60.38 50.18
C CYS B 580 -8.99 -60.32 51.56
N PRO B 581 -9.41 -61.21 52.49
CA PRO B 581 -8.86 -61.29 53.86
C PRO B 581 -7.32 -61.37 53.98
N THR B 582 -6.65 -61.99 53.02
CA THR B 582 -5.21 -62.22 53.13
C THR B 582 -4.39 -60.95 53.01
N ARG B 583 -4.98 -59.89 52.44
CA ARG B 583 -4.31 -58.60 52.36
C ARG B 583 -4.05 -57.98 53.73
N ALA B 584 -4.85 -58.37 54.72
CA ALA B 584 -4.65 -57.89 56.09
C ALA B 584 -3.30 -58.30 56.64
N ASP B 585 -2.76 -59.41 56.12
CA ASP B 585 -1.54 -59.97 56.63
C ASP B 585 -0.37 -59.46 55.81
N ILE B 586 -0.67 -59.05 54.58
CA ILE B 586 0.33 -58.56 53.64
C ILE B 586 0.58 -57.07 53.77
N TRP B 587 -0.48 -56.30 53.97
CA TRP B 587 -0.38 -54.88 54.22
C TRP B 587 0.46 -54.59 55.46
N THR B 588 0.96 -53.36 55.54
CA THR B 588 1.76 -52.94 56.68
C THR B 588 1.19 -51.61 57.14
N ILE B 589 0.61 -51.61 58.33
CA ILE B 589 -0.11 -50.45 58.84
C ILE B 589 0.51 -49.85 60.10
N ASP B 590 0.09 -48.62 60.38
CA ASP B 590 0.37 -47.95 61.63
C ASP B 590 -0.75 -48.37 62.58
N ARG B 591 -0.47 -49.40 63.37
CA ARG B 591 -1.46 -50.00 64.25
C ARG B 591 -1.96 -49.05 65.36
N PRO B 592 -1.03 -48.37 66.08
CA PRO B 592 -1.45 -47.41 67.11
C PRO B 592 -2.36 -46.32 66.57
N MSE B 593 -2.04 -45.82 65.38
CA MSE B 593 -2.84 -44.80 64.72
C MSE B 593 -4.28 -45.27 64.47
O MSE B 593 -5.23 -44.54 64.75
CB MSE B 593 -2.14 -44.35 63.44
CG MSE B 593 -2.73 -43.10 62.82
SE MSE B 593 -3.67 -43.52 61.16
CE MSE B 593 -2.13 -43.56 59.96
N LEU B 594 -4.43 -46.50 63.96
CA LEU B 594 -5.75 -47.08 63.76
C LEU B 594 -6.49 -47.34 65.09
N GLU B 595 -5.74 -47.71 66.13
CA GLU B 595 -6.30 -47.90 67.46
C GLU B 595 -6.82 -46.58 68.03
N GLY B 596 -6.08 -45.50 67.76
CA GLY B 596 -6.50 -44.16 68.13
C GLY B 596 -7.87 -43.79 67.58
N LEU B 597 -8.09 -44.10 66.31
CA LEU B 597 -9.34 -43.74 65.61
C LEU B 597 -10.59 -44.41 66.20
N THR B 598 -10.39 -45.39 67.07
CA THR B 598 -11.47 -46.01 67.85
C THR B 598 -12.11 -44.97 68.78
N ASN B 599 -11.28 -44.05 69.28
CA ASN B 599 -11.72 -43.08 70.28
C ASN B 599 -11.98 -41.68 69.69
N HIS B 600 -12.22 -41.66 68.37
CA HIS B 600 -12.36 -40.40 67.63
C HIS B 600 -13.65 -39.66 67.96
N ARG B 601 -13.58 -38.32 67.93
CA ARG B 601 -14.74 -37.44 68.14
C ARG B 601 -15.97 -37.93 67.37
N ASN B 602 -15.84 -38.01 66.05
CA ASN B 602 -16.91 -38.44 65.15
C ASN B 602 -17.45 -39.83 65.44
N SER B 603 -18.76 -39.98 65.31
CA SER B 603 -19.46 -41.20 65.66
C SER B 603 -19.10 -42.41 64.80
N ASP B 604 -19.43 -42.38 63.51
CA ASP B 604 -19.20 -43.55 62.64
C ASP B 604 -17.78 -43.68 62.06
N ILE B 605 -16.91 -42.72 62.35
CA ILE B 605 -15.49 -42.92 62.15
C ILE B 605 -14.98 -43.94 63.17
N ALA B 606 -15.49 -43.83 64.40
CA ALA B 606 -15.10 -44.75 65.48
C ALA B 606 -15.60 -46.17 65.23
N LYS B 607 -16.82 -46.31 64.74
CA LYS B 607 -17.36 -47.63 64.41
C LYS B 607 -16.51 -48.31 63.34
N ALA B 608 -16.31 -47.62 62.22
CA ALA B 608 -15.53 -48.12 61.09
C ALA B 608 -14.10 -48.49 61.50
N ALA B 609 -13.49 -47.64 62.33
CA ALA B 609 -12.16 -47.88 62.84
C ALA B 609 -12.05 -49.23 63.56
N ASN B 610 -12.74 -49.41 64.68
CA ASN B 610 -12.61 -50.71 65.40
C ASN B 610 -13.18 -51.92 64.66
N SER B 611 -14.07 -51.66 63.72
CA SER B 611 -14.54 -52.71 62.80
C SER B 611 -13.42 -53.17 61.86
N LEU B 612 -12.62 -52.23 61.37
CA LEU B 612 -11.50 -52.55 60.50
C LEU B 612 -10.36 -53.20 61.30
N LEU B 613 -10.16 -52.70 62.52
CA LEU B 613 -9.16 -53.23 63.44
C LEU B 613 -9.37 -54.73 63.70
N SER B 614 -10.63 -55.13 63.91
CA SER B 614 -11.01 -56.53 64.03
C SER B 614 -10.37 -57.47 63.00
N ARG B 615 -10.09 -56.94 61.81
CA ARG B 615 -9.63 -57.78 60.70
C ARG B 615 -8.11 -57.95 60.70
N PHE B 616 -7.44 -57.24 61.59
CA PHE B 616 -5.99 -57.34 61.67
C PHE B 616 -5.46 -58.39 62.66
N PRO B 617 -4.40 -59.12 62.26
CA PRO B 617 -3.80 -60.18 63.07
C PRO B 617 -3.40 -59.74 64.48
N GLU B 618 -3.27 -60.70 65.39
CA GLU B 618 -2.85 -60.44 66.78
C GLU B 618 -1.62 -59.53 66.84
N ASN B 619 -1.68 -58.55 67.73
CA ASN B 619 -0.62 -57.55 67.87
C ASN B 619 0.81 -58.13 67.86
N GLY C 1 11.60 35.42 -43.41
CA GLY C 1 10.55 34.78 -42.56
C GLY C 1 11.16 34.13 -41.32
N ASP C 2 10.41 34.15 -40.22
CA ASP C 2 10.82 33.44 -39.00
C ASP C 2 10.75 31.93 -39.19
N GLU C 3 11.50 31.18 -38.39
CA GLU C 3 11.49 29.72 -38.53
C GLU C 3 10.70 29.01 -37.42
N VAL C 4 9.84 28.09 -37.84
CA VAL C 4 8.97 27.31 -36.98
C VAL C 4 9.34 25.82 -37.08
N LYS C 5 9.47 25.15 -35.94
CA LYS C 5 9.75 23.73 -35.93
C LYS C 5 8.57 22.94 -35.39
N VAL C 6 8.13 21.94 -36.14
CA VAL C 6 7.04 21.07 -35.68
C VAL C 6 7.59 19.92 -34.84
N PHE C 7 7.14 19.87 -33.58
CA PHE C 7 7.53 18.81 -32.65
C PHE C 7 6.37 17.83 -32.46
N ARG C 8 6.03 17.06 -33.50
CA ARG C 8 4.96 16.06 -33.48
C ARG C 8 5.35 14.85 -34.33
N GLY D 1 -20.95 -28.09 45.61
CA GLY D 1 -21.03 -26.83 44.79
C GLY D 1 -20.52 -27.02 43.38
N ASP D 2 -20.86 -26.07 42.50
CA ASP D 2 -20.37 -26.10 41.12
C ASP D 2 -18.90 -25.68 41.03
N GLU D 3 -18.23 -26.02 39.94
CA GLU D 3 -16.82 -25.64 39.76
C GLU D 3 -16.67 -24.47 38.80
N VAL D 4 -15.95 -23.45 39.24
CA VAL D 4 -15.58 -22.34 38.36
C VAL D 4 -14.06 -22.26 38.18
N LYS D 5 -13.62 -22.19 36.93
CA LYS D 5 -12.21 -22.02 36.61
C LYS D 5 -11.90 -20.59 36.16
N VAL D 6 -10.95 -19.94 36.83
CA VAL D 6 -10.48 -18.61 36.41
C VAL D 6 -9.45 -18.72 35.27
N PHE D 7 -9.74 -18.06 34.15
CA PHE D 7 -8.85 -18.07 32.97
C PHE D 7 -8.15 -16.72 32.76
N ARG D 8 -7.24 -16.36 33.67
CA ARG D 8 -6.50 -15.08 33.59
C ARG D 8 -5.00 -15.25 33.85
#